data_6N9O
#
_entry.id   6N9O
#
_cell.length_a   58.640
_cell.length_b   105.550
_cell.length_c   151.790
_cell.angle_alpha   90.00
_cell.angle_beta   94.47
_cell.angle_gamma   90.00
#
_symmetry.space_group_name_H-M   'P 1 21 1'
#
_entity_poly.entity_id   1
_entity_poly.type   'polypeptide(L)'
_entity_poly.pdbx_seq_one_letter_code
;SMGSAFERVVRRVVQELDHGGEFIPVTSLQSSTGFQPYCLVVRKPSSSWFWKPRYKCVNLSIKDILEPDAAEPDVQRGRS
FHFYDAMDGQIQGSVELAAPGQAKIAGGAAVSDSSSTSMNVYSLSVDPNTWQTLLHERHLRQPEHKVLQQLRSRGDNVYV
VTEVLQTQKEVEVTRTHKREGSGRFSLPGATCLQGEGQGHLSQKKTVTIPSGSTLAFRVAQLVIDSDLDVLLFPDKKQRT
FQPPATGHKRSTSEGAWPQLPSGLSMMRCLHNFLTDGVPAELAFTEDFQGLRAEVETISKELELLDRELCQLLLEGLEGV
LRDQLALRALEEALEQGQSLGPVEPLDGPAGAVLECLVLSSGMLVPELAIPVVYLLGALTMLSETQHKLLAEALESQTLL
GPLELVGSLLEQSAPWQERSTMSLPPGLLGNSWGEGAPAWVLLDECGLELGEDTPHVCWEPQAQGRMCALYASLALLSGL
SQEPH
;
_entity_poly.pdbx_strand_id   A,B,C,D
#
# COMPACT_ATOMS: atom_id res chain seq x y z
N SER A 4 54.08 27.57 12.03
CA SER A 4 54.30 27.94 10.64
C SER A 4 53.24 27.31 9.74
N ALA A 5 53.70 26.70 8.64
CA ALA A 5 52.78 26.04 7.71
C ALA A 5 51.96 24.97 8.41
N PHE A 6 52.57 24.31 9.41
CA PHE A 6 51.92 23.28 10.20
C PHE A 6 50.53 23.66 10.70
N GLU A 7 50.29 24.95 10.94
CA GLU A 7 48.94 25.39 11.33
C GLU A 7 47.94 25.22 10.18
N ARG A 8 48.21 25.87 9.04
CA ARG A 8 47.27 25.83 7.90
C ARG A 8 46.79 24.44 7.56
N VAL A 9 47.70 23.47 7.50
CA VAL A 9 47.31 22.11 7.09
C VAL A 9 46.25 21.56 8.04
N VAL A 10 46.50 21.69 9.35
CA VAL A 10 45.53 21.20 10.33
C VAL A 10 44.17 21.87 10.11
N ARG A 11 44.16 23.14 9.71
CA ARG A 11 42.92 23.79 9.33
C ARG A 11 42.21 23.02 8.21
N ARG A 12 42.91 22.81 7.08
CA ARG A 12 42.28 22.11 5.97
C ARG A 12 41.89 20.69 6.37
N VAL A 13 42.58 20.11 7.35
CA VAL A 13 42.16 18.81 7.88
C VAL A 13 40.78 18.90 8.52
N VAL A 14 40.61 19.84 9.45
CA VAL A 14 39.32 19.98 10.14
C VAL A 14 38.31 20.75 9.30
N GLN A 15 38.78 21.61 8.38
CA GLN A 15 37.88 22.33 7.50
C GLN A 15 36.91 21.37 6.80
N GLU A 16 37.44 20.40 6.06
CA GLU A 16 36.57 19.45 5.38
C GLU A 16 35.94 18.44 6.32
N LEU A 17 36.45 18.29 7.54
CA LEU A 17 35.86 17.36 8.50
C LEU A 17 34.71 17.97 9.30
N ASP A 18 34.51 19.28 9.20
CA ASP A 18 33.42 20.00 9.88
C ASP A 18 33.37 19.69 11.38
N HIS A 19 34.54 19.73 12.02
CA HIS A 19 34.67 19.54 13.47
C HIS A 19 33.96 18.27 13.94
N GLY A 20 34.26 17.15 13.30
CA GLY A 20 33.62 15.89 13.62
C GLY A 20 34.00 15.34 14.98
N GLY A 21 33.07 15.35 15.92
CA GLY A 21 33.33 14.91 17.28
C GLY A 21 34.31 15.77 18.04
N GLU A 22 34.19 17.09 17.90
CA GLU A 22 35.04 18.09 18.57
C GLU A 22 36.52 17.68 18.56
N PHE A 23 37.03 17.45 17.35
CA PHE A 23 38.43 17.13 17.09
C PHE A 23 39.28 18.40 17.27
N ILE A 24 39.60 18.68 18.54
CA ILE A 24 40.40 19.86 18.88
C ILE A 24 41.73 19.76 18.13
N PRO A 25 42.06 20.74 17.31
CA PRO A 25 43.30 20.70 16.53
C PRO A 25 44.52 21.00 17.41
N VAL A 26 45.66 20.56 16.94
CA VAL A 26 46.90 20.86 17.64
C VAL A 26 47.34 22.28 17.27
N THR A 27 48.09 22.91 18.18
CA THR A 27 48.51 24.29 18.01
C THR A 27 49.95 24.42 17.52
N SER A 28 50.90 23.88 18.27
CA SER A 28 52.33 24.03 17.98
C SER A 28 52.94 22.68 17.59
N LEU A 29 54.13 22.74 17.01
CA LEU A 29 54.80 21.52 16.59
C LEU A 29 55.58 20.88 17.74
N GLN A 30 56.17 21.70 18.62
CA GLN A 30 56.88 21.13 19.79
C GLN A 30 55.97 20.41 20.77
N SER A 31 54.66 20.61 20.62
CA SER A 31 53.66 19.98 21.51
C SER A 31 52.76 19.02 20.72
N SER A 32 53.06 18.86 19.43
CA SER A 32 52.28 17.94 18.55
C SER A 32 52.81 16.51 18.72
N THR A 33 54.01 16.38 19.31
CA THR A 33 54.64 15.05 19.54
C THR A 33 54.14 14.48 20.88
N GLY A 34 53.65 15.35 21.77
CA GLY A 34 53.16 14.90 23.06
C GLY A 34 51.72 14.44 23.08
N PHE A 35 51.00 14.57 21.97
CA PHE A 35 49.56 14.26 21.92
C PHE A 35 49.34 12.87 21.32
N GLN A 36 49.72 11.86 22.09
CA GLN A 36 49.42 10.47 21.79
C GLN A 36 48.31 9.96 22.72
N PRO A 37 47.71 8.81 22.41
CA PRO A 37 46.69 8.25 23.29
C PRO A 37 47.17 8.14 24.74
N TYR A 38 46.21 8.20 25.66
CA TYR A 38 46.46 8.04 27.10
C TYR A 38 47.42 9.12 27.61
N CYS A 39 47.30 10.33 27.07
CA CYS A 39 48.16 11.46 27.44
C CYS A 39 47.32 12.52 28.14
N LEU A 40 47.41 12.58 29.47
CA LEU A 40 46.62 13.54 30.21
C LEU A 40 47.07 14.96 29.90
N VAL A 41 46.09 15.85 29.71
CA VAL A 41 46.33 17.27 29.48
C VAL A 41 45.64 18.06 30.59
N VAL A 42 46.12 19.27 30.78
CA VAL A 42 45.58 20.18 31.79
C VAL A 42 45.01 21.39 31.07
N ARG A 43 43.92 21.93 31.61
CA ARG A 43 43.28 23.11 31.05
C ARG A 43 43.09 24.14 32.15
N LYS A 44 43.59 25.35 31.89
CA LYS A 44 43.52 26.45 32.82
C LYS A 44 42.08 26.80 33.21
N PRO A 45 41.90 27.45 34.37
CA PRO A 45 40.55 27.81 34.81
C PRO A 45 39.75 28.53 33.73
N SER A 46 38.46 28.23 33.70
CA SER A 46 37.60 28.71 32.63
C SER A 46 37.62 30.23 32.52
N SER A 47 38.09 30.71 31.37
CA SER A 47 38.12 32.12 31.02
C SER A 47 36.73 32.56 30.60
N SER A 48 36.64 33.67 29.88
CA SER A 48 35.38 34.09 29.26
C SER A 48 34.68 32.94 28.55
N TRP A 49 33.37 33.08 28.36
CA TRP A 49 32.53 32.03 27.80
C TRP A 49 32.67 31.90 26.29
N PHE A 50 33.55 32.66 25.64
CA PHE A 50 33.56 32.71 24.18
C PHE A 50 34.84 32.16 23.56
N TRP A 51 35.72 31.55 24.36
CA TRP A 51 36.89 30.87 23.79
C TRP A 51 37.35 29.81 24.78
N LYS A 52 37.67 28.63 24.25
CA LYS A 52 38.16 27.55 25.10
C LYS A 52 39.68 27.66 25.16
N PRO A 53 40.26 27.92 26.33
CA PRO A 53 41.72 28.00 26.42
C PRO A 53 42.39 26.72 25.99
N ARG A 54 43.54 26.86 25.34
CA ARG A 54 44.29 25.75 24.80
C ARG A 54 44.54 24.68 25.85
N TYR A 55 44.53 23.42 25.42
CA TYR A 55 44.81 22.28 26.31
C TYR A 55 46.31 22.07 26.34
N LYS A 56 46.92 22.32 27.49
CA LYS A 56 48.36 22.13 27.64
C LYS A 56 48.66 20.73 28.15
N CYS A 57 49.80 20.19 27.72
CA CYS A 57 50.19 18.86 28.10
C CYS A 57 51.11 18.90 29.32
N VAL A 58 51.08 17.83 30.11
CA VAL A 58 51.92 17.69 31.30
C VAL A 58 53.00 16.65 31.13
N ASN A 59 53.08 16.03 29.95
CA ASN A 59 54.12 15.07 29.59
C ASN A 59 54.22 13.91 30.60
N LEU A 60 53.12 13.16 30.71
CA LEU A 60 53.09 11.96 31.54
C LEU A 60 51.87 11.14 31.15
N SER A 61 51.89 9.85 31.48
CA SER A 61 50.84 8.94 31.09
C SER A 61 49.89 8.68 32.26
N ILE A 62 48.98 7.72 32.08
CA ILE A 62 47.99 7.38 33.10
C ILE A 62 48.20 6.01 33.69
N LYS A 63 49.05 5.16 33.10
CA LYS A 63 49.29 3.85 33.68
C LYS A 63 50.06 3.97 34.99
N ASP A 64 50.90 5.00 35.10
CA ASP A 64 51.57 5.36 36.34
C ASP A 64 50.66 6.09 37.32
N ILE A 65 49.41 6.37 36.97
CA ILE A 65 48.53 7.15 37.85
C ILE A 65 47.55 6.32 38.66
N LEU A 66 47.33 5.05 38.30
CA LEU A 66 46.56 4.15 39.12
C LEU A 66 47.51 3.15 39.76
N GLU A 67 46.93 2.20 40.50
CA GLU A 67 47.79 1.26 41.24
C GLU A 67 48.60 0.35 40.31
N PRO A 68 48.02 -0.34 39.33
CA PRO A 68 48.87 -1.08 38.39
C PRO A 68 49.59 -0.14 37.45
N ASP A 69 50.86 -0.46 37.16
CA ASP A 69 51.62 0.34 36.20
C ASP A 69 51.70 -0.39 34.87
N ALA A 70 50.56 -0.64 34.23
CA ALA A 70 50.55 -1.33 32.95
C ALA A 70 50.48 -0.34 31.80
N TYR A 84 45.94 -3.81 27.48
CA TYR A 84 45.33 -2.73 26.71
C TYR A 84 45.97 -2.59 25.34
N ASP A 85 45.32 -1.80 24.49
CA ASP A 85 45.81 -1.51 23.14
C ASP A 85 44.93 -0.42 22.56
N ALA A 86 45.44 0.23 21.52
CA ALA A 86 44.67 1.20 20.76
C ALA A 86 43.99 0.49 19.60
N MET A 87 42.67 0.50 19.58
CA MET A 87 41.86 -0.13 18.53
C MET A 87 41.99 0.68 17.23
N ASP A 88 43.09 0.43 16.53
CA ASP A 88 43.42 1.14 15.30
C ASP A 88 42.44 0.82 14.18
N GLY A 89 42.76 1.32 13.00
CA GLY A 89 41.94 1.25 11.81
C GLY A 89 41.53 2.64 11.39
N GLN A 90 40.32 2.76 10.84
CA GLN A 90 39.73 4.09 10.61
C GLN A 90 40.52 4.89 9.59
N ILE A 91 41.03 4.22 8.54
CA ILE A 91 41.82 4.91 7.54
C ILE A 91 40.98 6.02 6.94
N GLN A 92 41.39 7.26 7.14
CA GLN A 92 40.67 8.40 6.60
C GLN A 92 41.37 8.99 5.38
N GLY A 93 42.10 8.17 4.64
CA GLY A 93 42.73 8.58 3.39
C GLY A 93 43.41 9.93 3.43
N SER A 94 43.38 10.62 2.29
CA SER A 94 43.93 11.96 2.18
C SER A 94 42.80 12.98 2.26
N VAL A 95 43.18 14.25 2.16
CA VAL A 95 42.23 15.36 2.14
C VAL A 95 42.82 16.42 1.21
N GLU A 96 42.16 16.65 0.08
CA GLU A 96 42.63 17.63 -0.91
C GLU A 96 41.59 18.73 -1.11
N SER A 118 47.17 15.34 -1.25
CA SER A 118 48.37 14.53 -1.40
C SER A 118 48.96 14.19 -0.05
N MET A 119 48.11 14.02 0.96
CA MET A 119 48.55 13.73 2.31
C MET A 119 47.55 12.78 2.97
N ASN A 120 47.95 11.53 3.14
CA ASN A 120 47.07 10.55 3.75
C ASN A 120 47.16 10.64 5.26
N VAL A 121 46.05 10.39 5.92
CA VAL A 121 45.99 10.53 7.37
C VAL A 121 45.56 9.21 7.98
N TYR A 122 45.88 9.07 9.27
CA TYR A 122 45.56 7.87 10.01
C TYR A 122 44.98 8.31 11.36
N SER A 123 44.39 7.35 12.08
CA SER A 123 43.84 7.66 13.39
C SER A 123 43.95 6.43 14.28
N LEU A 124 43.93 6.67 15.59
CA LEU A 124 43.93 5.62 16.59
C LEU A 124 42.84 5.91 17.60
N SER A 125 42.13 4.86 18.00
CA SER A 125 40.96 4.96 18.85
C SER A 125 41.07 3.96 20.00
N VAL A 126 40.08 4.00 20.88
CA VAL A 126 40.02 3.04 21.97
C VAL A 126 38.55 2.87 22.32
N ASP A 127 38.06 1.64 22.24
CA ASP A 127 36.64 1.42 22.44
C ASP A 127 36.27 1.65 23.90
N PRO A 128 35.06 2.14 24.16
CA PRO A 128 34.59 2.26 25.54
C PRO A 128 34.60 0.93 26.30
N ASN A 129 34.56 -0.20 25.60
CA ASN A 129 34.54 -1.49 26.31
C ASN A 129 35.81 -1.73 27.11
N THR A 130 36.95 -1.25 26.64
CA THR A 130 38.16 -1.37 27.45
C THR A 130 38.28 -0.23 28.45
N TRP A 131 37.46 0.82 28.34
CA TRP A 131 37.45 1.87 29.33
C TRP A 131 36.78 1.42 30.62
N GLN A 132 35.58 0.84 30.51
CA GLN A 132 34.89 0.37 31.70
C GLN A 132 35.60 -0.83 32.32
N THR A 133 36.10 -1.76 31.50
CA THR A 133 36.80 -2.91 32.05
C THR A 133 38.10 -2.50 32.72
N LEU A 134 38.80 -1.51 32.17
CA LEU A 134 40.04 -1.06 32.80
C LEU A 134 39.73 -0.30 34.08
N LEU A 135 38.66 0.50 34.08
CA LEU A 135 38.29 1.23 35.28
C LEU A 135 37.94 0.27 36.42
N HIS A 136 37.31 -0.85 36.08
CA HIS A 136 36.95 -1.86 37.07
C HIS A 136 38.13 -2.74 37.46
N GLU A 137 39.09 -2.93 36.56
CA GLU A 137 40.25 -3.77 36.90
C GLU A 137 41.26 -3.06 37.78
N ARG A 138 41.34 -1.73 37.73
CA ARG A 138 42.34 -1.02 38.51
C ARG A 138 41.69 0.16 39.22
N HIS A 139 42.13 0.39 40.45
CA HIS A 139 41.53 1.38 41.34
C HIS A 139 42.52 2.51 41.58
N LEU A 140 41.96 3.68 41.91
CA LEU A 140 42.73 4.91 42.02
C LEU A 140 43.93 4.70 42.95
N ARG A 141 45.10 5.13 42.49
CA ARG A 141 46.32 5.09 43.29
C ARG A 141 46.29 6.26 44.27
N GLN A 142 45.49 6.08 45.31
CA GLN A 142 45.28 7.12 46.32
C GLN A 142 46.57 7.78 46.79
N PRO A 143 47.67 7.06 47.03
CA PRO A 143 48.92 7.79 47.32
C PRO A 143 49.50 8.43 46.07
N GLU A 144 48.95 9.58 45.70
CA GLU A 144 49.51 10.33 44.56
C GLU A 144 49.15 11.79 44.78
N HIS A 145 50.14 12.59 45.20
CA HIS A 145 49.93 14.01 45.43
C HIS A 145 51.05 14.88 44.86
N LYS A 146 51.92 14.33 44.01
CA LYS A 146 53.05 15.11 43.50
C LYS A 146 52.59 16.20 42.53
N VAL A 147 51.76 15.84 41.55
CA VAL A 147 51.14 16.81 40.66
C VAL A 147 49.72 17.05 41.12
N LEU A 148 49.11 16.03 41.74
CA LEU A 148 47.70 16.12 42.13
C LEU A 148 47.48 17.23 43.15
N GLN A 149 48.36 17.33 44.15
CA GLN A 149 48.24 18.40 45.13
C GLN A 149 48.43 19.76 44.47
N GLN A 150 49.42 19.86 43.57
CA GLN A 150 49.65 21.10 42.83
C GLN A 150 48.45 21.47 41.97
N LEU A 151 47.79 20.47 41.38
CA LEU A 151 46.64 20.76 40.53
C LEU A 151 45.44 21.19 41.36
N ARG A 152 45.12 20.44 42.42
CA ARG A 152 44.00 20.81 43.28
C ARG A 152 44.25 22.12 44.01
N SER A 153 45.52 22.50 44.19
CA SER A 153 45.84 23.83 44.73
C SER A 153 45.54 24.91 43.70
N ARG A 154 45.97 24.70 42.46
CA ARG A 154 45.73 25.68 41.40
C ARG A 154 44.28 25.63 40.93
N GLY A 155 43.63 24.48 41.03
CA GLY A 155 42.23 24.38 40.66
C GLY A 155 41.98 24.16 39.19
N ASP A 156 42.93 23.56 38.48
CA ASP A 156 42.80 23.34 37.06
C ASP A 156 41.84 22.19 36.79
N ASN A 157 41.60 21.94 35.51
CA ASN A 157 40.88 20.77 35.04
C ASN A 157 41.85 19.83 34.35
N VAL A 158 41.58 18.53 34.45
CA VAL A 158 42.44 17.51 33.88
C VAL A 158 41.61 16.64 32.96
N TYR A 159 42.12 16.40 31.76
CA TYR A 159 41.44 15.63 30.74
C TYR A 159 42.37 14.52 30.30
N VAL A 160 41.79 13.49 29.69
CA VAL A 160 42.56 12.36 29.18
C VAL A 160 42.30 12.25 27.68
N VAL A 161 43.37 12.08 26.91
CA VAL A 161 43.23 11.88 25.47
C VAL A 161 42.65 10.50 25.21
N THR A 162 41.54 10.47 24.47
CA THR A 162 40.83 9.23 24.15
C THR A 162 40.91 8.85 22.67
N GLU A 163 41.38 9.75 21.80
CA GLU A 163 41.51 9.45 20.39
C GLU A 163 42.56 10.36 19.79
N VAL A 164 43.33 9.85 18.85
CA VAL A 164 44.43 10.59 18.25
C VAL A 164 44.31 10.54 16.73
N LEU A 165 44.85 11.58 16.09
CA LEU A 165 44.91 11.67 14.64
C LEU A 165 46.37 11.84 14.26
N GLN A 166 46.93 10.83 13.60
CA GLN A 166 48.33 10.80 13.21
C GLN A 166 48.41 10.55 11.71
N THR A 167 49.64 10.41 11.21
CA THR A 167 49.88 10.12 9.80
C THR A 167 50.67 8.82 9.68
N GLN A 168 50.36 8.05 8.64
CA GLN A 168 51.20 6.94 8.24
C GLN A 168 52.04 7.32 7.03
N LYS A 169 52.55 8.55 7.04
CA LYS A 169 53.42 9.02 5.98
C LYS A 169 54.23 10.20 6.50
N GLU A 170 55.40 10.38 5.92
CA GLU A 170 56.28 11.51 6.21
C GLU A 170 56.07 12.50 5.07
N VAL A 171 55.23 13.50 5.30
CA VAL A 171 54.85 14.42 4.23
C VAL A 171 55.70 15.67 4.33
N GLU A 172 56.23 16.10 3.18
CA GLU A 172 57.03 17.30 3.07
C GLU A 172 56.52 18.06 1.86
N VAL A 173 55.94 19.24 2.08
CA VAL A 173 55.37 20.03 1.01
C VAL A 173 55.65 21.50 1.27
N THR A 174 55.71 22.27 0.19
CA THR A 174 55.93 23.71 0.26
C THR A 174 54.74 24.39 0.93
N THR A 206 61.16 24.24 2.49
CA THR A 206 60.24 23.16 2.81
C THR A 206 60.41 22.71 4.26
N VAL A 207 59.45 21.94 4.75
CA VAL A 207 59.45 21.46 6.13
C VAL A 207 59.74 19.96 6.14
N THR A 208 59.94 19.42 7.34
CA THR A 208 60.24 18.00 7.53
C THR A 208 59.27 17.45 8.56
N ILE A 209 58.04 17.17 8.11
CA ILE A 209 56.99 16.65 8.98
C ILE A 209 57.14 15.14 9.05
N PRO A 210 57.49 14.57 10.19
CA PRO A 210 57.79 13.14 10.26
C PRO A 210 56.54 12.28 10.24
N SER A 211 56.76 10.98 10.03
CA SER A 211 55.68 10.02 10.17
C SER A 211 55.18 9.99 11.61
N GLY A 212 53.89 9.68 11.76
CA GLY A 212 53.28 9.66 13.08
C GLY A 212 52.95 11.02 13.66
N SER A 213 53.05 12.10 12.89
CA SER A 213 52.75 13.43 13.40
C SER A 213 51.27 13.58 13.74
N THR A 214 51.00 14.05 14.97
CA THR A 214 49.63 14.20 15.48
C THR A 214 49.07 15.56 15.06
N LEU A 215 47.91 15.54 14.39
CA LEU A 215 47.25 16.77 13.96
C LEU A 215 46.04 17.16 14.79
N ALA A 216 45.31 16.20 15.36
CA ALA A 216 44.12 16.51 16.15
C ALA A 216 43.87 15.36 17.12
N PHE A 217 42.84 15.53 17.97
CA PHE A 217 42.60 14.59 19.06
C PHE A 217 41.23 14.88 19.69
N ARG A 218 40.87 14.07 20.69
CA ARG A 218 39.63 14.18 21.43
C ARG A 218 39.90 13.89 22.91
N VAL A 219 39.14 14.53 23.80
CA VAL A 219 39.40 14.44 25.23
C VAL A 219 38.20 13.86 25.99
N ALA A 220 38.48 13.38 27.19
CA ALA A 220 37.46 12.98 28.16
C ALA A 220 37.96 13.36 29.55
N GLN A 221 37.30 14.34 30.16
CA GLN A 221 37.69 14.80 31.49
C GLN A 221 37.43 13.73 32.54
N LEU A 222 38.25 13.73 33.59
CA LEU A 222 37.97 12.96 34.78
C LEU A 222 38.11 13.87 36.00
N VAL A 223 37.49 13.44 37.09
CA VAL A 223 37.50 14.17 38.36
C VAL A 223 37.98 13.22 39.45
N ILE A 224 38.78 13.75 40.37
CA ILE A 224 39.35 12.95 41.45
C ILE A 224 39.13 13.75 42.73
N ASP A 225 38.16 13.35 43.53
CA ASP A 225 38.08 13.80 44.91
C ASP A 225 37.81 12.65 45.88
N SER A 226 36.98 11.69 45.49
CA SER A 226 36.83 10.45 46.25
C SER A 226 36.92 9.23 45.34
N ASP A 227 36.44 9.37 44.11
CA ASP A 227 36.47 8.29 43.11
C ASP A 227 37.03 8.80 41.78
N LEU A 228 36.98 7.97 40.75
CA LEU A 228 37.41 8.39 39.42
C LEU A 228 36.39 7.88 38.42
N ASP A 229 36.20 8.66 37.35
CA ASP A 229 35.30 8.28 36.28
C ASP A 229 35.64 9.10 35.05
N VAL A 230 35.28 8.57 33.87
CA VAL A 230 35.51 9.27 32.62
C VAL A 230 34.27 10.06 32.24
N LEU A 231 34.48 11.14 31.51
CA LEU A 231 33.43 12.10 31.15
C LEU A 231 33.40 12.31 29.64
N LEU A 232 33.21 11.21 28.90
CA LEU A 232 33.00 11.29 27.45
C LEU A 232 31.95 12.33 27.07
N PHE A 233 31.07 12.70 28.01
CA PHE A 233 30.14 13.81 27.86
C PHE A 233 30.71 15.01 28.60
N PRO A 234 31.46 15.88 27.94
CA PRO A 234 32.15 16.95 28.68
C PRO A 234 31.17 18.01 29.18
N ASP A 235 30.83 17.92 30.46
CA ASP A 235 30.00 18.93 31.11
C ASP A 235 30.88 20.10 31.51
N LYS A 236 30.43 21.32 31.20
CA LYS A 236 31.21 22.50 31.56
C LYS A 236 31.23 22.72 33.07
N LYS A 237 30.10 22.46 33.73
CA LYS A 237 30.00 22.70 35.17
C LYS A 237 31.03 21.90 35.94
N GLN A 238 30.96 20.57 35.84
CA GLN A 238 31.82 19.70 36.65
C GLN A 238 33.29 20.00 36.38
N ARG A 239 34.04 20.30 37.44
CA ARG A 239 35.47 20.47 37.42
C ARG A 239 36.14 19.27 38.07
N THR A 240 37.45 19.12 37.83
CA THR A 240 38.20 18.02 38.43
C THR A 240 38.20 18.08 39.94
N PHE A 241 38.08 19.26 40.52
CA PHE A 241 38.18 19.43 41.97
C PHE A 241 37.15 20.44 42.44
N GLN A 242 36.77 20.31 43.70
CA GLN A 242 35.79 21.19 44.32
C GLN A 242 36.30 21.72 45.66
N THR A 285 26.91 35.61 28.87
CA THR A 285 25.76 34.71 28.90
C THR A 285 25.01 34.73 27.58
N GLU A 286 25.26 35.78 26.80
CA GLU A 286 24.58 36.02 25.54
C GLU A 286 25.50 35.66 24.38
N ASP A 287 25.15 36.15 23.20
CA ASP A 287 25.78 35.99 21.90
C ASP A 287 26.29 37.40 21.56
N PHE A 288 26.65 37.64 20.29
CA PHE A 288 27.30 38.88 19.90
C PHE A 288 26.87 40.11 20.70
N GLN A 289 25.57 40.27 20.96
CA GLN A 289 25.15 41.33 21.88
C GLN A 289 25.83 41.20 23.24
N GLY A 290 25.94 39.96 23.75
CA GLY A 290 26.69 39.72 24.98
C GLY A 290 28.18 40.01 24.83
N LEU A 291 28.74 39.68 23.67
CA LEU A 291 30.13 40.02 23.40
C LEU A 291 30.36 41.51 23.56
N ARG A 292 29.48 42.32 22.97
CA ARG A 292 29.51 43.77 23.15
C ARG A 292 29.53 44.14 24.63
N ALA A 293 28.54 43.65 25.37
CA ALA A 293 28.39 44.00 26.78
C ALA A 293 29.60 43.57 27.60
N GLU A 294 30.00 42.30 27.48
CA GLU A 294 31.12 41.80 28.26
C GLU A 294 32.39 42.58 27.98
N VAL A 295 32.75 42.71 26.70
CA VAL A 295 33.94 43.47 26.32
C VAL A 295 33.86 44.90 26.84
N GLU A 296 32.71 45.55 26.65
CA GLU A 296 32.53 46.92 27.12
C GLU A 296 32.73 47.02 28.63
N THR A 297 32.10 46.12 29.39
CA THR A 297 32.24 46.15 30.85
C THR A 297 33.70 45.96 31.27
N ILE A 298 34.43 45.07 30.60
CA ILE A 298 35.84 44.88 30.91
C ILE A 298 36.66 46.09 30.49
N SER A 299 36.38 46.63 29.29
CA SER A 299 37.16 47.75 28.76
C SER A 299 36.98 49.03 29.59
N LYS A 300 35.76 49.30 30.04
CA LYS A 300 35.50 50.50 30.84
C LYS A 300 36.30 50.52 32.13
N GLU A 301 36.73 49.37 32.62
CA GLU A 301 37.58 49.26 33.81
C GLU A 301 39.06 49.40 33.49
N LEU A 302 39.41 50.02 32.36
CA LEU A 302 40.82 50.22 32.06
C LEU A 302 41.21 51.67 31.83
N GLU A 303 40.29 52.53 31.36
CA GLU A 303 40.64 53.94 31.38
C GLU A 303 40.36 54.43 32.79
N LEU A 304 40.84 53.66 33.78
CA LEU A 304 40.73 53.89 35.21
C LEU A 304 41.99 54.46 35.82
N LEU A 305 43.16 54.00 35.38
CA LEU A 305 44.42 54.50 35.88
C LEU A 305 44.84 55.70 35.02
N ASP A 306 45.86 56.40 35.48
CA ASP A 306 46.30 57.61 34.81
C ASP A 306 47.03 57.26 33.51
N ARG A 307 46.62 57.94 32.43
CA ARG A 307 47.02 57.69 31.06
C ARG A 307 48.50 57.42 30.83
N GLU A 308 49.38 58.15 31.53
CA GLU A 308 50.81 57.94 31.34
C GLU A 308 51.19 56.47 31.54
N LEU A 309 50.70 55.86 32.62
CA LEU A 309 50.91 54.43 32.83
C LEU A 309 50.29 53.61 31.70
N CYS A 310 49.12 54.02 31.21
CA CYS A 310 48.46 53.31 30.12
C CYS A 310 49.34 53.27 28.87
N GLN A 311 49.92 54.43 28.52
CA GLN A 311 50.77 54.49 27.33
C GLN A 311 52.03 53.64 27.53
N LEU A 312 52.62 53.68 28.72
CA LEU A 312 53.78 52.84 29.01
C LEU A 312 53.44 51.36 28.86
N LEU A 313 52.26 50.95 29.34
CA LEU A 313 51.84 49.57 29.17
C LEU A 313 51.68 49.21 27.70
N LEU A 314 51.06 50.10 26.92
CA LEU A 314 50.85 49.83 25.49
C LEU A 314 52.17 49.56 24.77
N GLU A 315 53.18 50.38 25.05
CA GLU A 315 54.48 50.19 24.41
C GLU A 315 55.14 48.91 24.88
N GLY A 316 55.07 48.62 26.18
CA GLY A 316 55.53 47.33 26.69
C GLY A 316 54.86 46.17 25.99
N LEU A 317 53.54 46.23 25.82
CA LEU A 317 52.82 45.17 25.13
C LEU A 317 53.30 45.04 23.69
N GLU A 318 53.42 46.17 22.98
CA GLU A 318 53.94 46.15 21.61
C GLU A 318 55.23 45.35 21.50
N GLY A 319 56.19 45.63 22.37
CA GLY A 319 57.41 44.84 22.40
C GLY A 319 57.15 43.38 22.74
N VAL A 320 56.21 43.13 23.65
CA VAL A 320 55.92 41.76 24.08
C VAL A 320 55.33 40.97 22.92
N LEU A 321 54.48 41.60 22.11
CA LEU A 321 53.82 40.90 21.01
C LEU A 321 54.84 40.33 20.04
N ARG A 322 55.92 41.06 19.79
CA ARG A 322 56.94 40.60 18.85
C ARG A 322 57.72 39.39 19.37
N ASP A 323 57.58 39.04 20.65
CA ASP A 323 58.32 37.95 21.27
C ASP A 323 57.38 37.02 22.02
N GLN A 324 57.17 35.81 21.49
CA GLN A 324 56.33 34.83 22.16
C GLN A 324 56.90 34.43 23.51
N LEU A 325 58.21 34.23 23.60
CA LEU A 325 58.84 33.79 24.84
C LEU A 325 58.57 34.77 25.98
N ALA A 326 58.65 36.08 25.71
CA ALA A 326 58.32 37.08 26.72
C ALA A 326 56.88 36.91 27.19
N LEU A 327 55.98 36.68 26.25
CA LEU A 327 54.58 36.45 26.58
C LEU A 327 54.45 35.26 27.53
N ARG A 328 55.08 34.14 27.18
CA ARG A 328 55.02 32.95 28.02
C ARG A 328 55.57 33.21 29.42
N ALA A 329 56.74 33.86 29.52
CA ALA A 329 57.34 34.14 30.82
C ALA A 329 56.43 35.00 31.68
N LEU A 330 55.86 36.05 31.10
CA LEU A 330 54.92 36.89 31.84
C LEU A 330 53.72 36.05 32.29
N GLU A 331 53.28 35.13 31.42
CA GLU A 331 52.14 34.27 31.72
C GLU A 331 52.43 33.38 32.93
N GLU A 332 53.63 32.81 33.02
CA GLU A 332 53.94 31.90 34.12
C GLU A 332 54.04 32.64 35.44
N ALA A 333 54.62 33.85 35.43
CA ALA A 333 54.80 34.61 36.67
C ALA A 333 53.46 34.80 37.39
N LEU A 334 52.37 34.99 36.64
CA LEU A 334 51.04 35.16 37.23
C LEU A 334 50.03 34.45 36.34
N GLU A 335 49.80 33.16 36.58
CA GLU A 335 48.77 32.52 35.76
C GLU A 335 47.63 32.01 36.64
N GLN A 336 47.91 30.95 37.40
CA GLN A 336 46.98 30.46 38.40
C GLN A 336 47.63 30.37 39.77
N GLY A 337 48.72 31.10 39.99
CA GLY A 337 49.40 31.05 41.26
C GLY A 337 48.80 32.13 42.13
N GLN A 338 48.87 33.36 41.61
CA GLN A 338 48.42 34.58 42.29
C GLN A 338 48.67 34.49 43.79
N SER A 339 49.90 34.11 44.13
CA SER A 339 50.31 33.90 45.50
C SER A 339 50.27 35.22 46.27
N LEU A 340 50.15 35.11 47.59
CA LEU A 340 50.09 36.30 48.44
C LEU A 340 51.29 37.20 48.25
N GLY A 341 52.45 36.64 47.88
CA GLY A 341 53.65 37.41 47.70
C GLY A 341 53.76 38.13 46.37
N PRO A 342 54.35 39.32 46.38
CA PRO A 342 54.54 40.08 45.14
C PRO A 342 55.40 39.32 44.15
N VAL A 343 54.89 39.21 42.92
CA VAL A 343 55.59 38.47 41.87
C VAL A 343 56.88 39.20 41.50
N GLU A 344 57.95 38.43 41.34
CA GLU A 344 59.25 39.01 41.02
C GLU A 344 59.27 39.48 39.57
N PRO A 345 59.62 40.74 39.31
CA PRO A 345 59.61 41.23 37.94
C PRO A 345 60.62 40.50 37.08
N LEU A 346 60.32 40.42 35.80
CA LEU A 346 61.18 39.77 34.81
C LEU A 346 61.77 40.85 33.91
N ASP A 347 62.81 40.49 33.17
CA ASP A 347 63.45 41.49 32.33
C ASP A 347 62.71 41.64 31.00
N GLY A 348 63.08 42.68 30.26
CA GLY A 348 62.51 42.95 28.97
C GLY A 348 61.17 43.64 29.09
N PRO A 349 60.45 43.74 27.96
CA PRO A 349 59.12 44.39 27.99
C PRO A 349 58.10 43.68 28.87
N ALA A 350 58.31 42.41 29.20
CA ALA A 350 57.40 41.74 30.12
C ALA A 350 57.45 42.38 31.50
N GLY A 351 58.66 42.62 32.02
CA GLY A 351 58.79 43.37 33.25
C GLY A 351 58.38 44.82 33.08
N ALA A 352 58.56 45.38 31.89
CA ALA A 352 58.04 46.71 31.62
C ALA A 352 56.53 46.72 31.75
N VAL A 353 55.88 45.59 31.47
CA VAL A 353 54.45 45.47 31.74
C VAL A 353 54.20 45.26 33.23
N LEU A 354 54.98 44.38 33.87
CA LEU A 354 54.77 44.10 35.29
C LEU A 354 55.10 45.30 36.16
N GLU A 355 56.08 46.12 35.77
CA GLU A 355 56.35 47.34 36.53
C GLU A 355 55.18 48.31 36.44
N CYS A 356 54.38 48.20 35.39
CA CYS A 356 53.19 49.04 35.24
C CYS A 356 52.02 48.53 36.07
N LEU A 357 52.05 47.25 36.48
CA LEU A 357 50.93 46.63 37.14
C LEU A 357 51.06 46.59 38.66
N VAL A 358 52.17 47.06 39.22
CA VAL A 358 52.43 47.03 40.65
C VAL A 358 52.77 48.45 41.13
N LEU A 359 52.98 48.57 42.44
CA LEU A 359 53.39 49.80 43.10
C LEU A 359 54.86 49.71 43.49
N SER A 360 55.32 50.71 44.25
CA SER A 360 56.71 50.74 44.70
C SER A 360 57.07 49.49 45.49
N SER A 361 56.16 48.99 46.33
CA SER A 361 56.46 47.78 47.08
C SER A 361 56.51 46.56 46.17
N GLY A 362 55.81 46.59 45.04
CA GLY A 362 55.74 45.46 44.14
C GLY A 362 54.48 44.63 44.24
N MET A 363 53.56 44.97 45.13
CA MET A 363 52.33 44.20 45.27
C MET A 363 51.39 44.41 44.08
N LEU A 364 50.67 43.35 43.73
CA LEU A 364 49.71 43.34 42.64
C LEU A 364 48.30 43.57 43.16
N VAL A 365 47.44 44.15 42.31
CA VAL A 365 46.05 44.40 42.62
C VAL A 365 45.15 43.60 41.69
N PRO A 366 44.40 42.60 42.19
CA PRO A 366 43.52 41.82 41.30
C PRO A 366 42.55 42.64 40.46
N GLU A 367 42.04 43.78 40.96
CA GLU A 367 41.15 44.61 40.14
C GLU A 367 41.80 45.00 38.83
N LEU A 368 43.11 45.29 38.85
CA LEU A 368 43.83 45.57 37.62
C LEU A 368 44.35 44.31 36.96
N ALA A 369 44.55 43.24 37.75
CA ALA A 369 45.10 42.00 37.20
C ALA A 369 44.09 41.29 36.31
N ILE A 370 42.85 41.17 36.77
CA ILE A 370 41.82 40.42 36.03
C ILE A 370 41.74 40.84 34.56
N PRO A 371 41.65 42.13 34.22
CA PRO A 371 41.67 42.49 32.79
C PRO A 371 42.94 42.06 32.07
N VAL A 372 44.10 42.07 32.74
CA VAL A 372 45.35 41.72 32.08
C VAL A 372 45.39 40.24 31.70
N VAL A 373 45.03 39.36 32.64
CA VAL A 373 45.00 37.92 32.34
C VAL A 373 43.96 37.63 31.25
N TYR A 374 42.86 38.36 31.26
CA TYR A 374 41.80 38.18 30.25
C TYR A 374 42.37 38.37 28.85
N LEU A 375 43.03 39.52 28.60
CA LEU A 375 43.65 39.77 27.31
C LEU A 375 44.78 38.79 27.03
N LEU A 376 45.50 38.38 28.07
CA LEU A 376 46.54 37.37 27.90
C LEU A 376 45.95 36.10 27.30
N GLY A 377 44.85 35.63 27.86
CA GLY A 377 44.11 34.54 27.23
C GLY A 377 43.70 34.89 25.81
N ALA A 378 43.20 36.12 25.60
CA ALA A 378 42.87 36.57 24.25
C ALA A 378 44.08 36.55 23.34
N LEU A 379 45.27 36.82 23.89
CA LEU A 379 46.47 36.80 23.06
C LEU A 379 47.05 35.40 22.90
N THR A 380 46.93 34.54 23.92
CA THR A 380 47.40 33.16 23.78
C THR A 380 46.58 32.37 22.76
N MET A 381 45.32 32.75 22.56
CA MET A 381 44.50 32.09 21.54
C MET A 381 44.96 32.47 20.13
N LEU A 382 45.49 33.67 19.96
CA LEU A 382 45.92 34.21 18.69
C LEU A 382 47.26 33.61 18.27
N SER A 383 47.62 33.84 17.01
CA SER A 383 48.84 33.31 16.44
C SER A 383 50.00 34.31 16.56
N GLU A 384 51.20 33.82 16.24
CA GLU A 384 52.41 34.64 16.32
C GLU A 384 52.36 35.80 15.32
N THR A 385 52.04 35.50 14.05
CA THR A 385 51.93 36.55 13.04
C THR A 385 50.89 37.59 13.43
N GLN A 386 49.79 37.15 14.04
CA GLN A 386 48.78 38.10 14.51
C GLN A 386 49.34 38.99 15.63
N HIS A 387 50.23 38.44 16.46
CA HIS A 387 50.92 39.27 17.46
C HIS A 387 51.71 40.37 16.78
N LYS A 388 52.50 40.01 15.76
CA LYS A 388 53.31 40.99 15.05
C LYS A 388 52.44 42.06 14.39
N LEU A 389 51.34 41.63 13.75
CA LEU A 389 50.44 42.58 13.10
C LEU A 389 49.81 43.55 14.08
N LEU A 390 49.48 43.07 15.29
CA LEU A 390 48.91 43.96 16.30
C LEU A 390 49.92 44.98 16.77
N ALA A 391 51.18 44.56 16.96
CA ALA A 391 52.22 45.52 17.33
C ALA A 391 52.41 46.57 16.25
N GLU A 392 52.35 46.17 14.99
CA GLU A 392 52.40 47.14 13.90
C GLU A 392 51.18 48.05 13.92
N ALA A 393 49.99 47.48 14.15
CA ALA A 393 48.79 48.31 14.21
C ALA A 393 48.80 49.27 15.40
N LEU A 394 49.48 48.88 16.49
CA LEU A 394 49.63 49.80 17.62
C LEU A 394 50.62 50.92 17.32
N GLU A 395 51.76 50.57 16.71
CA GLU A 395 52.78 51.56 16.38
C GLU A 395 52.30 52.51 15.28
N SER A 396 51.44 52.03 14.38
CA SER A 396 50.89 52.83 13.29
C SER A 396 49.51 53.38 13.64
N GLN A 397 48.98 53.03 14.82
CA GLN A 397 47.71 53.52 15.32
C GLN A 397 46.54 53.09 14.43
N THR A 398 46.78 52.09 13.58
CA THR A 398 45.72 51.53 12.73
C THR A 398 45.08 50.32 13.41
N LEU A 399 44.48 50.58 14.58
CA LEU A 399 43.89 49.53 15.39
C LEU A 399 42.37 49.60 15.42
N LEU A 400 41.77 50.51 14.63
CA LEU A 400 40.33 50.70 14.57
C LEU A 400 39.69 50.20 13.30
N GLY A 401 40.41 50.23 12.17
CA GLY A 401 39.90 49.76 10.90
C GLY A 401 39.50 48.30 10.94
N PRO A 402 40.46 47.41 11.22
CA PRO A 402 40.10 46.00 11.40
C PRO A 402 39.13 45.77 12.55
N LEU A 403 39.13 46.66 13.55
CA LEU A 403 38.21 46.53 14.67
C LEU A 403 36.76 46.58 14.21
N GLU A 404 36.34 47.69 13.59
CA GLU A 404 34.96 47.80 13.10
C GLU A 404 34.63 46.68 12.12
N LEU A 405 35.60 46.30 11.28
CA LEU A 405 35.38 45.23 10.31
C LEU A 405 35.01 43.93 11.00
N VAL A 406 35.86 43.46 11.92
CA VAL A 406 35.60 42.21 12.62
C VAL A 406 34.28 42.31 13.40
N GLY A 407 34.00 43.47 13.99
CA GLY A 407 32.75 43.63 14.71
C GLY A 407 31.54 43.44 13.82
N SER A 408 31.51 44.13 12.68
CA SER A 408 30.39 43.98 11.74
C SER A 408 30.33 42.58 11.14
N LEU A 409 31.49 41.94 10.93
CA LEU A 409 31.50 40.57 10.44
C LEU A 409 30.89 39.63 11.46
N LEU A 410 31.29 39.76 12.73
CA LEU A 410 30.72 38.91 13.77
C LEU A 410 29.24 39.20 13.98
N GLU A 411 28.82 40.45 13.76
CA GLU A 411 27.40 40.78 13.88
C GLU A 411 26.58 40.08 12.81
N GLN A 412 27.08 40.06 11.58
CA GLN A 412 26.39 39.41 10.47
C GLN A 412 26.56 37.90 10.46
N SER A 413 27.45 37.35 11.29
CA SER A 413 27.72 35.92 11.31
C SER A 413 27.01 35.23 12.47
N ALA A 414 26.09 35.92 13.13
CA ALA A 414 25.31 35.32 14.21
C ALA A 414 24.14 34.53 13.63
N PRO A 415 23.88 33.32 14.15
CA PRO A 415 24.65 32.67 15.21
C PRO A 415 25.92 32.01 14.70
N TRP A 416 26.91 31.82 15.55
CA TRP A 416 28.14 31.22 15.08
C TRP A 416 27.95 29.70 15.04
N GLN A 417 28.92 29.02 14.42
CA GLN A 417 28.91 27.57 14.21
C GLN A 417 27.97 27.17 13.07
N GLU A 418 27.60 28.10 12.19
CA GLU A 418 26.74 27.80 11.05
C GLU A 418 27.31 28.46 9.81
N ARG A 419 27.65 27.65 8.80
CA ARG A 419 28.17 28.18 7.54
C ARG A 419 27.21 29.16 6.87
N SER A 420 27.59 30.43 6.78
CA SER A 420 26.83 31.42 6.04
C SER A 420 27.81 32.42 5.44
N THR A 421 27.72 32.62 4.12
CA THR A 421 28.63 33.56 3.47
C THR A 421 28.29 34.97 3.91
N MET A 422 29.32 35.79 4.09
CA MET A 422 29.14 37.16 4.53
C MET A 422 29.18 38.08 3.31
N SER A 423 28.83 39.34 3.53
CA SER A 423 28.68 40.29 2.44
C SER A 423 29.70 41.41 2.52
N LEU A 424 29.75 42.10 3.66
CA LEU A 424 30.39 43.39 3.84
C LEU A 424 31.77 43.42 3.19
N PRO A 425 32.06 44.39 2.33
CA PRO A 425 33.40 44.48 1.76
C PRO A 425 34.29 45.34 2.65
N PRO A 426 35.54 44.93 2.84
CA PRO A 426 36.46 45.73 3.67
C PRO A 426 37.01 46.96 2.99
N GLY A 427 37.23 46.89 1.68
CA GLY A 427 37.73 48.06 0.96
C GLY A 427 36.77 49.24 1.03
N LEU A 428 35.47 48.96 0.90
CA LEU A 428 34.45 50.00 1.06
C LEU A 428 34.53 50.67 2.43
N LEU A 429 34.91 49.92 3.47
CA LEU A 429 34.96 50.46 4.82
C LEU A 429 36.17 51.36 5.03
N GLY A 430 37.35 50.95 4.55
CA GLY A 430 38.50 51.84 4.60
C GLY A 430 39.88 51.22 4.62
N ASN A 431 39.98 49.92 4.93
CA ASN A 431 41.29 49.29 4.92
C ASN A 431 41.75 49.04 3.50
N SER A 432 43.07 48.99 3.32
CA SER A 432 43.64 48.63 2.03
C SER A 432 43.47 47.13 1.81
N TRP A 433 43.12 46.76 0.59
CA TRP A 433 42.82 45.37 0.25
C TRP A 433 43.88 44.82 -0.69
N GLY A 434 43.71 43.57 -1.08
CA GLY A 434 44.78 42.98 -1.86
C GLY A 434 45.53 41.98 -1.00
N GLU A 435 45.85 40.83 -1.59
CA GLU A 435 46.59 39.79 -0.90
C GLU A 435 47.87 40.34 -0.30
N GLY A 436 48.00 40.26 1.03
CA GLY A 436 49.11 40.86 1.75
C GLY A 436 48.71 41.93 2.74
N ALA A 437 47.54 42.54 2.58
CA ALA A 437 47.08 43.57 3.51
C ALA A 437 46.90 43.00 4.92
N PRO A 438 47.07 43.84 5.95
CA PRO A 438 46.99 43.34 7.34
C PRO A 438 45.68 42.65 7.67
N ALA A 439 44.55 43.23 7.27
CA ALA A 439 43.25 42.61 7.56
C ALA A 439 43.12 41.28 6.83
N TRP A 440 43.58 41.22 5.58
CA TRP A 440 43.53 39.98 4.81
C TRP A 440 44.29 38.87 5.55
N VAL A 441 45.58 39.12 5.82
CA VAL A 441 46.43 38.12 6.47
C VAL A 441 45.90 37.80 7.86
N LEU A 442 45.38 38.81 8.57
CA LEU A 442 44.75 38.57 9.87
C LEU A 442 43.62 37.57 9.75
N LEU A 443 42.69 37.79 8.83
CA LEU A 443 41.57 36.87 8.65
C LEU A 443 42.07 35.48 8.26
N ASP A 444 43.02 35.41 7.32
CA ASP A 444 43.54 34.11 6.90
C ASP A 444 44.19 33.38 8.07
N GLU A 445 44.85 34.12 8.97
CA GLU A 445 45.42 33.49 10.16
C GLU A 445 44.34 32.99 11.11
N CYS A 446 43.23 33.73 11.20
CA CYS A 446 42.10 33.25 12.00
C CYS A 446 41.47 32.01 11.38
N GLY A 447 41.55 31.88 10.06
CA GLY A 447 41.07 30.68 9.38
C GLY A 447 39.98 30.88 8.35
N LEU A 448 39.75 32.13 7.93
CA LEU A 448 38.70 32.40 6.95
C LEU A 448 39.31 32.47 5.56
N GLU A 449 38.60 31.86 4.61
CA GLU A 449 39.06 31.83 3.23
C GLU A 449 38.67 33.13 2.55
N LEU A 450 39.65 33.82 1.96
CA LEU A 450 39.40 35.08 1.26
C LEU A 450 39.61 34.89 -0.24
N GLY A 451 39.01 35.80 -1.01
CA GLY A 451 39.16 35.80 -2.45
C GLY A 451 39.32 37.20 -2.99
N GLU A 452 39.25 37.36 -4.32
CA GLU A 452 39.46 38.68 -4.90
C GLU A 452 38.16 39.34 -5.33
N ASP A 453 37.16 38.56 -5.73
CA ASP A 453 35.84 39.03 -6.14
C ASP A 453 34.78 38.27 -5.32
N THR A 454 33.51 38.48 -5.70
CA THR A 454 32.43 38.10 -4.80
C THR A 454 31.96 36.66 -5.02
N PRO A 455 31.52 35.98 -3.94
CA PRO A 455 31.63 36.44 -2.55
C PRO A 455 33.06 36.42 -2.00
N HIS A 456 33.51 37.57 -1.51
CA HIS A 456 34.87 37.76 -1.05
C HIS A 456 35.16 37.02 0.25
N VAL A 457 34.27 36.17 0.73
CA VAL A 457 34.43 35.58 2.06
C VAL A 457 33.65 34.28 2.14
N CYS A 458 34.26 33.29 2.78
CA CYS A 458 33.54 32.11 3.26
C CYS A 458 33.66 32.10 4.78
N TRP A 459 32.56 31.81 5.48
CA TRP A 459 32.56 31.77 6.94
C TRP A 459 32.49 30.32 7.39
N GLU A 460 33.41 29.94 8.27
CA GLU A 460 33.46 28.60 8.84
C GLU A 460 33.28 28.62 10.35
N PRO A 461 32.67 27.58 10.91
CA PRO A 461 32.45 27.54 12.36
C PRO A 461 33.70 27.33 13.16
N GLN A 462 34.74 26.70 12.58
CA GLN A 462 35.92 26.35 13.34
C GLN A 462 36.69 27.58 13.81
N ALA A 463 36.56 28.70 13.11
CA ALA A 463 37.23 29.94 13.49
C ALA A 463 36.47 30.72 14.55
N GLN A 464 35.56 30.06 15.26
CA GLN A 464 34.73 30.71 16.27
C GLN A 464 35.55 31.34 17.41
N GLY A 465 36.26 30.52 18.18
CA GLY A 465 37.01 31.00 19.33
C GLY A 465 38.02 32.11 19.07
N ARG A 466 38.96 31.83 18.17
CA ARG A 466 40.02 32.78 17.84
C ARG A 466 39.46 34.12 17.39
N MET A 467 38.46 34.10 16.51
CA MET A 467 37.90 35.35 15.97
C MET A 467 37.40 36.26 17.09
N CYS A 468 36.65 35.70 18.03
CA CYS A 468 36.18 36.51 19.16
C CYS A 468 37.35 37.12 19.91
N ALA A 469 38.42 36.33 20.14
CA ALA A 469 39.60 36.87 20.79
C ALA A 469 40.25 37.96 19.96
N LEU A 470 40.30 37.79 18.64
CA LEU A 470 40.81 38.86 17.77
C LEU A 470 40.00 40.14 17.96
N TYR A 471 38.67 40.02 17.92
CA TYR A 471 37.82 41.16 18.20
C TYR A 471 38.11 41.74 19.58
N ALA A 472 38.22 40.87 20.59
CA ALA A 472 38.47 41.33 21.95
C ALA A 472 39.78 42.11 22.04
N SER A 473 40.86 41.53 21.51
CA SER A 473 42.15 42.23 21.51
C SER A 473 42.03 43.62 20.88
N LEU A 474 41.41 43.68 19.70
CA LEU A 474 41.24 44.96 19.00
C LEU A 474 40.44 45.95 19.85
N ALA A 475 39.33 45.50 20.41
CA ALA A 475 38.48 46.40 21.18
C ALA A 475 39.20 46.94 22.41
N LEU A 476 40.13 46.16 22.97
CA LEU A 476 40.89 46.61 24.14
C LEU A 476 42.00 47.58 23.77
N LEU A 477 42.70 47.34 22.65
CA LEU A 477 43.81 48.20 22.27
C LEU A 477 43.31 49.57 21.85
N SER A 478 42.23 49.62 21.06
CA SER A 478 41.66 50.89 20.64
C SER A 478 41.25 51.72 21.85
N GLY A 479 40.82 51.06 22.93
CA GLY A 479 40.43 51.78 24.13
C GLY A 479 41.56 52.56 24.75
N LEU A 480 42.78 52.03 24.72
CA LEU A 480 43.89 52.81 25.28
C LEU A 480 44.52 53.76 24.28
N SER A 481 44.21 53.61 23.00
CA SER A 481 44.73 54.56 22.01
C SER A 481 43.69 55.65 21.73
N SER B 4 17.78 -4.23 7.16
CA SER B 4 18.14 -2.91 7.65
C SER B 4 19.63 -2.64 7.42
N ALA B 5 20.28 -3.54 6.68
CA ALA B 5 21.71 -3.43 6.45
C ALA B 5 22.06 -2.13 5.74
N PHE B 6 21.34 -1.79 4.66
CA PHE B 6 21.62 -0.53 3.98
C PHE B 6 21.50 0.66 4.92
N GLU B 7 20.57 0.57 5.87
CA GLU B 7 20.49 1.57 6.93
C GLU B 7 21.72 1.48 7.83
N ARG B 8 21.98 0.27 8.35
CA ARG B 8 23.07 0.05 9.29
C ARG B 8 24.37 0.70 8.84
N VAL B 9 24.75 0.46 7.58
CA VAL B 9 26.01 1.00 7.08
C VAL B 9 25.97 2.52 7.07
N VAL B 10 24.95 3.10 6.43
CA VAL B 10 24.82 4.56 6.38
C VAL B 10 24.70 5.14 7.78
N ARG B 11 23.99 4.44 8.67
CA ARG B 11 23.88 4.88 10.06
C ARG B 11 25.26 5.05 10.68
N ARG B 12 26.06 3.97 10.67
CA ARG B 12 27.39 4.03 11.25
C ARG B 12 28.28 5.03 10.52
N VAL B 13 28.00 5.29 9.23
CA VAL B 13 28.78 6.29 8.49
C VAL B 13 28.63 7.66 9.14
N VAL B 14 27.39 8.13 9.30
CA VAL B 14 27.23 9.46 9.87
C VAL B 14 27.40 9.44 11.39
N GLN B 15 27.08 8.31 12.03
CA GLN B 15 27.41 8.14 13.44
C GLN B 15 28.91 8.33 13.68
N GLU B 16 29.72 7.56 12.95
CA GLU B 16 31.17 7.63 13.09
C GLU B 16 31.71 8.95 12.53
N LEU B 17 30.91 9.66 11.72
CA LEU B 17 31.26 10.97 11.22
C LEU B 17 30.89 12.09 12.19
N ASP B 18 30.14 11.77 13.25
CA ASP B 18 29.72 12.73 14.27
C ASP B 18 29.09 13.97 13.64
N HIS B 19 28.18 13.72 12.70
CA HIS B 19 27.47 14.76 11.94
C HIS B 19 28.46 15.75 11.32
N GLY B 20 29.47 15.22 10.65
CA GLY B 20 30.43 16.09 9.99
C GLY B 20 29.76 16.72 8.79
N GLY B 21 29.48 18.01 8.84
CA GLY B 21 28.74 18.68 7.78
C GLY B 21 27.28 18.24 7.75
N GLU B 22 26.39 19.15 7.34
CA GLU B 22 24.96 18.85 7.24
C GLU B 22 24.70 17.41 6.80
N PHE B 23 25.12 17.08 5.58
CA PHE B 23 25.04 15.73 5.03
C PHE B 23 23.75 14.98 5.32
N ILE B 24 22.63 15.42 4.75
CA ILE B 24 21.38 14.67 4.95
C ILE B 24 21.55 13.26 4.40
N PRO B 25 21.29 12.23 5.19
CA PRO B 25 21.56 10.85 4.72
C PRO B 25 20.59 10.35 3.66
N VAL B 26 20.71 9.05 3.34
CA VAL B 26 19.87 8.39 2.35
C VAL B 26 18.48 8.16 2.95
N THR B 27 17.51 7.89 2.07
CA THR B 27 16.11 7.84 2.51
C THR B 27 15.64 6.43 2.88
N SER B 28 15.66 5.50 1.93
CA SER B 28 15.11 4.17 2.14
C SER B 28 16.17 3.09 2.10
N LEU B 29 15.74 1.89 2.50
CA LEU B 29 16.59 0.70 2.56
C LEU B 29 16.77 0.10 1.17
N GLN B 30 18.02 -0.16 0.80
CA GLN B 30 18.34 -0.83 -0.45
C GLN B 30 17.68 -0.09 -1.62
N SER B 31 17.55 1.23 -1.48
CA SER B 31 16.92 2.04 -2.52
C SER B 31 17.91 2.89 -3.32
N SER B 32 18.68 3.75 -2.64
CA SER B 32 19.63 4.64 -3.31
C SER B 32 19.08 5.10 -4.66
N THR B 33 17.82 5.53 -4.68
CA THR B 33 17.14 5.89 -5.92
C THR B 33 17.69 7.19 -6.50
N GLY B 34 18.15 7.13 -7.75
CA GLY B 34 18.62 8.34 -8.40
C GLY B 34 19.77 8.87 -7.57
N PHE B 35 19.60 10.08 -7.03
CA PHE B 35 20.63 10.77 -6.27
C PHE B 35 21.98 10.73 -7.00
N GLN B 36 22.02 11.45 -8.10
CA GLN B 36 23.25 11.61 -8.85
C GLN B 36 23.90 12.91 -8.44
N PRO B 37 25.19 13.13 -8.79
CA PRO B 37 25.84 14.38 -8.37
C PRO B 37 25.01 15.63 -8.66
N TYR B 38 24.53 15.79 -9.90
CA TYR B 38 23.63 16.88 -10.26
C TYR B 38 22.16 16.48 -10.25
N CYS B 39 21.69 15.84 -9.18
CA CYS B 39 20.27 15.49 -9.05
C CYS B 39 19.65 16.43 -8.02
N LEU B 40 18.99 17.47 -8.52
CA LEU B 40 18.32 18.43 -7.67
C LEU B 40 17.15 17.75 -6.96
N VAL B 41 16.95 18.10 -5.70
CA VAL B 41 15.87 17.53 -4.91
C VAL B 41 14.89 18.62 -4.54
N VAL B 42 13.65 18.21 -4.27
CA VAL B 42 12.58 19.13 -3.89
C VAL B 42 12.13 18.79 -2.47
N ARG B 43 11.81 19.83 -1.69
CA ARG B 43 11.34 19.67 -0.33
C ARG B 43 10.12 20.56 -0.13
N LYS B 44 9.02 19.97 0.36
CA LYS B 44 7.87 20.78 0.69
C LYS B 44 8.26 21.74 1.82
N PRO B 45 7.59 22.89 1.93
CA PRO B 45 7.93 23.84 2.99
C PRO B 45 7.88 23.23 4.38
N SER B 46 8.89 23.57 5.18
CA SER B 46 9.03 23.03 6.52
C SER B 46 7.85 23.42 7.41
N SER B 47 7.20 22.42 8.00
CA SER B 47 6.07 22.68 8.89
C SER B 47 6.54 23.25 10.22
N SER B 48 7.24 22.44 11.00
CA SER B 48 7.88 22.85 12.25
C SER B 48 9.25 23.44 11.96
N TRP B 49 9.78 24.15 12.95
CA TRP B 49 11.07 24.81 12.76
C TRP B 49 12.24 23.84 12.82
N PHE B 50 12.05 22.65 13.41
CA PHE B 50 13.10 21.65 13.57
C PHE B 50 12.67 20.29 13.01
N TRP B 51 12.18 20.25 11.77
CA TRP B 51 11.91 18.98 11.08
C TRP B 51 12.19 19.20 9.61
N LYS B 52 13.08 18.38 9.04
CA LYS B 52 13.37 18.46 7.62
C LYS B 52 12.56 17.40 6.89
N PRO B 53 11.55 17.77 6.11
CA PRO B 53 10.85 16.77 5.30
C PRO B 53 11.78 16.16 4.26
N ARG B 54 11.51 14.89 3.94
CA ARG B 54 12.35 14.12 3.02
C ARG B 54 12.62 14.88 1.72
N TYR B 55 13.83 14.72 1.20
CA TYR B 55 14.20 15.34 -0.07
C TYR B 55 13.86 14.37 -1.20
N LYS B 56 12.86 14.70 -1.99
CA LYS B 56 12.50 13.89 -3.15
C LYS B 56 13.16 14.46 -4.40
N CYS B 57 13.49 13.57 -5.34
CA CYS B 57 14.14 13.92 -6.58
C CYS B 57 13.11 14.11 -7.69
N VAL B 58 13.51 14.86 -8.72
CA VAL B 58 12.66 15.15 -9.89
C VAL B 58 13.10 14.36 -11.13
N ASN B 59 14.11 13.50 -11.00
CA ASN B 59 14.64 12.66 -12.07
C ASN B 59 14.99 13.49 -13.31
N LEU B 60 15.92 14.42 -13.10
CA LEU B 60 16.42 15.31 -14.15
C LEU B 60 17.65 16.04 -13.64
N SER B 61 18.33 16.73 -14.55
CA SER B 61 19.55 17.47 -14.29
C SER B 61 19.21 18.95 -14.14
N ILE B 62 20.23 19.80 -14.16
CA ILE B 62 20.03 21.23 -13.97
C ILE B 62 20.28 22.00 -15.26
N LYS B 63 20.87 21.37 -16.28
CA LYS B 63 21.05 22.03 -17.57
C LYS B 63 19.73 22.18 -18.33
N ASP B 64 18.73 21.33 -18.04
CA ASP B 64 17.42 21.38 -18.67
C ASP B 64 16.87 22.80 -18.81
N ILE B 65 17.14 23.65 -17.82
CA ILE B 65 16.71 25.05 -17.87
C ILE B 65 17.87 25.97 -18.21
N LEU B 66 19.01 25.42 -18.60
CA LEU B 66 20.13 26.21 -19.07
C LEU B 66 20.32 26.05 -20.58
N GLU B 67 21.28 26.80 -21.10
CA GLU B 67 21.73 26.82 -22.49
C GLU B 67 22.61 25.62 -22.87
N PRO B 68 23.64 25.26 -22.05
CA PRO B 68 24.57 24.18 -22.41
C PRO B 68 24.02 22.90 -23.00
N ASP B 69 24.77 22.36 -23.95
CA ASP B 69 24.49 21.08 -24.58
C ASP B 69 25.51 20.05 -24.11
N TYR B 84 29.87 19.57 -16.55
CA TYR B 84 31.16 19.74 -15.88
C TYR B 84 31.68 18.42 -15.33
N ASP B 85 32.38 18.51 -14.19
CA ASP B 85 32.93 17.33 -13.54
C ASP B 85 33.05 17.62 -12.05
N ALA B 86 33.18 16.56 -11.27
CA ALA B 86 33.28 16.65 -9.82
C ALA B 86 34.74 16.49 -9.41
N MET B 87 35.28 17.52 -8.76
CA MET B 87 36.64 17.48 -8.24
C MET B 87 36.59 16.98 -6.79
N ASP B 88 37.69 17.14 -6.06
CA ASP B 88 37.83 16.74 -4.67
C ASP B 88 37.62 15.24 -4.50
N GLY B 89 38.55 14.48 -5.08
CA GLY B 89 38.54 13.05 -4.92
C GLY B 89 38.99 12.74 -3.51
N GLN B 90 38.17 13.15 -2.55
CA GLN B 90 38.43 12.96 -1.13
C GLN B 90 38.25 11.52 -0.70
N ILE B 91 39.20 10.66 -1.08
CA ILE B 91 39.17 9.26 -0.68
C ILE B 91 39.15 9.28 0.84
N GLN B 92 38.04 8.83 1.43
CA GLN B 92 37.86 8.90 2.86
C GLN B 92 38.13 7.57 3.54
N GLY B 93 38.92 6.73 2.89
CA GLY B 93 39.37 5.47 3.44
C GLY B 93 38.34 4.58 4.10
N SER B 94 38.84 3.65 4.90
CA SER B 94 38.03 2.72 5.66
C SER B 94 37.06 3.43 6.60
N SER B 118 34.70 -1.47 8.27
CA SER B 118 35.83 -1.94 7.48
C SER B 118 35.50 -1.93 6.00
N MET B 119 35.06 -0.76 5.51
CA MET B 119 34.70 -0.58 4.11
C MET B 119 35.05 0.85 3.74
N ASN B 120 35.89 1.00 2.71
CA ASN B 120 36.33 2.34 2.34
C ASN B 120 35.21 3.08 1.62
N VAL B 121 35.18 4.40 1.82
CA VAL B 121 34.15 5.25 1.26
C VAL B 121 34.81 6.33 0.40
N TYR B 122 34.02 6.87 -0.52
CA TYR B 122 34.48 7.88 -1.46
C TYR B 122 33.48 9.02 -1.56
N SER B 123 33.93 10.11 -2.17
CA SER B 123 33.07 11.27 -2.35
C SER B 123 33.47 12.00 -3.61
N LEU B 124 32.51 12.75 -4.16
CA LEU B 124 32.72 13.65 -5.28
C LEU B 124 32.09 14.97 -4.90
N SER B 125 32.82 16.06 -5.17
CA SER B 125 32.45 17.38 -4.71
C SER B 125 32.58 18.40 -5.84
N VAL B 126 32.16 19.63 -5.55
CA VAL B 126 32.37 20.73 -6.49
C VAL B 126 32.44 22.03 -5.71
N ASP B 127 33.57 22.74 -5.84
CA ASP B 127 33.81 23.94 -5.05
C ASP B 127 32.92 25.09 -5.51
N PRO B 128 32.64 26.06 -4.62
CA PRO B 128 31.85 27.24 -5.01
C PRO B 128 32.44 27.97 -6.21
N ASN B 129 33.73 27.76 -6.45
CA ASN B 129 34.38 28.38 -7.62
C ASN B 129 33.75 27.91 -8.92
N THR B 130 33.24 26.67 -8.95
CA THR B 130 32.56 26.16 -10.13
C THR B 130 31.09 26.54 -10.20
N TRP B 131 30.51 27.04 -9.09
CA TRP B 131 29.13 27.49 -9.13
C TRP B 131 29.01 28.85 -9.81
N GLN B 132 29.87 29.79 -9.42
CA GLN B 132 29.81 31.13 -9.98
C GLN B 132 30.15 31.13 -11.48
N THR B 133 31.16 30.37 -11.89
CA THR B 133 31.52 30.31 -13.30
C THR B 133 30.43 29.64 -14.13
N LEU B 134 29.78 28.61 -13.59
CA LEU B 134 28.71 27.97 -14.34
C LEU B 134 27.49 28.87 -14.45
N LEU B 135 27.15 29.57 -13.37
CA LEU B 135 25.99 30.45 -13.40
C LEU B 135 26.21 31.64 -14.33
N HIS B 136 27.43 32.18 -14.40
CA HIS B 136 27.62 33.32 -15.29
C HIS B 136 27.85 32.90 -16.74
N GLU B 137 28.43 31.73 -16.99
CA GLU B 137 28.69 31.31 -18.36
C GLU B 137 27.41 30.79 -19.02
N ARG B 138 26.43 30.42 -18.22
CA ARG B 138 25.19 29.80 -18.70
C ARG B 138 24.04 30.53 -18.05
N HIS B 139 23.04 30.90 -18.84
CA HIS B 139 21.91 31.68 -18.34
C HIS B 139 20.60 30.92 -18.48
N LEU B 140 19.66 31.28 -17.60
CA LEU B 140 18.40 30.59 -17.47
C LEU B 140 17.66 30.49 -18.80
N ARG B 141 17.25 29.27 -19.13
CA ARG B 141 16.30 29.01 -20.21
C ARG B 141 14.93 29.30 -19.62
N GLN B 142 14.67 30.59 -19.44
CA GLN B 142 13.50 31.07 -18.69
C GLN B 142 12.18 30.37 -19.01
N PRO B 143 11.83 30.02 -20.26
CA PRO B 143 10.61 29.23 -20.45
C PRO B 143 10.78 27.80 -19.95
N GLU B 144 10.15 27.50 -18.82
CA GLU B 144 10.16 26.16 -18.23
C GLU B 144 8.90 25.98 -17.39
N HIS B 145 8.14 24.93 -17.67
CA HIS B 145 6.91 24.63 -16.94
C HIS B 145 6.93 23.24 -16.32
N LYS B 146 8.12 22.62 -16.26
CA LYS B 146 8.27 21.32 -15.61
C LYS B 146 8.72 21.48 -14.17
N VAL B 147 9.76 22.28 -13.93
CA VAL B 147 10.18 22.59 -12.58
C VAL B 147 9.68 23.95 -12.11
N LEU B 148 9.65 24.96 -13.00
CA LEU B 148 9.22 26.29 -12.57
C LEU B 148 7.74 26.30 -12.20
N GLN B 149 6.92 25.65 -13.02
CA GLN B 149 5.49 25.55 -12.75
C GLN B 149 5.21 24.75 -11.48
N GLN B 150 6.02 23.72 -11.22
CA GLN B 150 5.80 22.87 -10.06
C GLN B 150 5.80 23.66 -8.76
N LEU B 151 6.69 24.65 -8.63
CA LEU B 151 6.72 25.44 -7.40
C LEU B 151 5.57 26.44 -7.34
N ARG B 152 5.31 27.18 -8.42
CA ARG B 152 4.28 28.19 -8.36
C ARG B 152 2.91 27.60 -8.08
N SER B 153 2.68 26.35 -8.49
CA SER B 153 1.43 25.69 -8.13
C SER B 153 1.42 25.23 -6.68
N ARG B 154 2.45 24.49 -6.26
CA ARG B 154 2.51 23.95 -4.91
C ARG B 154 3.24 24.84 -3.89
N GLY B 155 4.27 25.58 -4.29
CA GLY B 155 4.99 26.44 -3.37
C GLY B 155 6.11 25.80 -2.57
N ASP B 156 6.73 24.74 -3.10
CA ASP B 156 7.81 24.03 -2.40
C ASP B 156 9.13 24.78 -2.50
N ASN B 157 10.16 24.16 -1.91
CA ASN B 157 11.54 24.58 -2.04
C ASN B 157 12.27 23.57 -2.91
N VAL B 158 13.23 24.05 -3.70
CA VAL B 158 14.00 23.19 -4.59
C VAL B 158 15.47 23.46 -4.35
N TYR B 159 16.24 22.39 -4.18
CA TYR B 159 17.65 22.47 -3.84
C TYR B 159 18.46 21.72 -4.89
N VAL B 160 19.76 21.98 -4.93
CA VAL B 160 20.67 21.32 -5.86
C VAL B 160 21.72 20.57 -5.05
N VAL B 161 21.98 19.31 -5.43
CA VAL B 161 23.03 18.53 -4.79
C VAL B 161 24.39 19.10 -5.18
N THR B 162 25.20 19.47 -4.17
CA THR B 162 26.51 20.07 -4.36
C THR B 162 27.66 19.14 -3.99
N GLU B 163 27.37 18.01 -3.34
CA GLU B 163 28.40 17.06 -2.95
C GLU B 163 27.75 15.69 -2.82
N VAL B 164 28.47 14.66 -3.25
CA VAL B 164 27.93 13.31 -3.19
C VAL B 164 28.96 12.42 -2.51
N LEU B 165 28.47 11.39 -1.82
CA LEU B 165 29.31 10.42 -1.15
C LEU B 165 28.89 9.05 -1.66
N GLN B 166 29.76 8.41 -2.45
CA GLN B 166 29.49 7.14 -3.08
C GLN B 166 30.62 6.18 -2.75
N THR B 167 30.55 4.98 -3.34
CA THR B 167 31.56 3.96 -3.14
C THR B 167 32.16 3.56 -4.49
N GLN B 168 33.46 3.33 -4.51
CA GLN B 168 34.13 2.68 -5.64
C GLN B 168 34.43 1.23 -5.27
N LYS B 169 33.45 0.59 -4.64
CA LYS B 169 33.54 -0.81 -4.23
C LYS B 169 32.15 -1.40 -4.12
N GLU B 170 32.08 -2.71 -4.33
CA GLU B 170 30.84 -3.48 -4.24
C GLU B 170 30.84 -4.15 -2.87
N VAL B 171 30.09 -3.57 -1.93
CA VAL B 171 30.09 -4.03 -0.55
C VAL B 171 28.94 -5.00 -0.37
N GLU B 172 29.19 -6.08 0.37
CA GLU B 172 28.22 -7.17 0.56
C GLU B 172 28.00 -7.43 2.04
N VAL B 173 27.05 -6.71 2.62
CA VAL B 173 26.73 -6.86 4.03
C VAL B 173 25.22 -6.77 4.23
N THR B 206 23.53 -11.28 3.31
CA THR B 206 24.31 -10.89 2.15
C THR B 206 23.52 -9.99 1.20
N VAL B 207 24.18 -8.94 0.71
CA VAL B 207 23.57 -7.98 -0.20
C VAL B 207 24.49 -7.78 -1.41
N THR B 208 23.99 -7.04 -2.39
CA THR B 208 24.71 -6.77 -3.64
C THR B 208 24.75 -5.26 -3.87
N ILE B 209 25.33 -4.54 -2.91
CA ILE B 209 25.38 -3.08 -2.99
C ILE B 209 26.53 -2.70 -3.91
N PRO B 210 26.23 -2.13 -5.09
CA PRO B 210 27.27 -1.90 -6.09
C PRO B 210 28.13 -0.67 -5.77
N SER B 211 29.24 -0.60 -6.50
CA SER B 211 30.06 0.61 -6.49
C SER B 211 29.30 1.76 -7.13
N GLY B 212 29.62 2.98 -6.68
CA GLY B 212 28.95 4.16 -7.15
C GLY B 212 27.58 4.39 -6.55
N SER B 213 27.14 3.53 -5.63
CA SER B 213 25.88 3.73 -4.95
C SER B 213 25.98 4.95 -4.03
N THR B 214 25.00 5.86 -4.12
CA THR B 214 25.06 7.10 -3.37
C THR B 214 24.59 6.85 -1.94
N LEU B 215 25.44 7.20 -0.97
CA LEU B 215 25.11 6.99 0.44
C LEU B 215 24.66 8.25 1.15
N ALA B 216 25.16 9.42 0.76
CA ALA B 216 24.78 10.68 1.40
C ALA B 216 25.06 11.82 0.43
N PHE B 217 24.74 13.04 0.85
CA PHE B 217 24.85 14.21 -0.02
C PHE B 217 24.68 15.49 0.81
N ARG B 218 24.80 16.62 0.13
CA ARG B 218 24.62 17.96 0.67
C ARG B 218 23.85 18.78 -0.36
N VAL B 219 23.04 19.73 0.12
CA VAL B 219 22.19 20.47 -0.79
C VAL B 219 22.53 21.95 -0.74
N ALA B 220 22.11 22.65 -1.79
CA ALA B 220 22.24 24.10 -1.87
C ALA B 220 20.96 24.62 -2.51
N GLN B 221 20.19 25.40 -1.75
CA GLN B 221 18.94 25.93 -2.26
C GLN B 221 19.19 26.90 -3.40
N LEU B 222 18.20 27.02 -4.28
CA LEU B 222 18.19 28.07 -5.29
C LEU B 222 16.88 28.82 -5.17
N VAL B 223 16.86 30.03 -5.70
CA VAL B 223 15.66 30.85 -5.75
C VAL B 223 15.51 31.28 -7.20
N ILE B 224 14.28 31.34 -7.69
CA ILE B 224 14.04 31.65 -9.09
C ILE B 224 13.01 32.77 -9.12
N ASP B 225 13.45 33.95 -9.54
CA ASP B 225 12.66 35.10 -9.92
C ASP B 225 13.34 35.72 -11.13
N SER B 226 13.18 37.02 -11.33
CA SER B 226 13.91 37.75 -12.36
C SER B 226 15.35 37.27 -12.51
N ASP B 227 15.99 36.85 -11.42
CA ASP B 227 17.33 36.28 -11.47
C ASP B 227 17.34 34.93 -10.75
N LEU B 228 18.50 34.28 -10.74
CA LEU B 228 18.68 33.04 -9.99
C LEU B 228 20.12 33.02 -9.47
N ASP B 229 20.30 32.36 -8.33
CA ASP B 229 21.63 32.23 -7.75
C ASP B 229 21.65 31.06 -6.79
N VAL B 230 22.84 30.60 -6.47
CA VAL B 230 23.02 29.46 -5.58
C VAL B 230 23.07 29.95 -4.14
N LEU B 231 22.71 29.07 -3.22
CA LEU B 231 22.57 29.41 -1.81
C LEU B 231 23.47 28.47 -1.02
N LEU B 232 24.76 28.47 -1.36
CA LEU B 232 25.79 27.72 -0.65
C LEU B 232 25.70 27.92 0.86
N PHE B 233 25.11 29.03 1.29
CA PHE B 233 24.76 29.29 2.68
C PHE B 233 23.26 29.02 2.81
N PRO B 234 22.86 27.82 3.19
CA PRO B 234 21.43 27.51 3.15
C PRO B 234 20.68 28.23 4.25
N ASP B 235 20.19 29.43 3.93
CA ASP B 235 19.36 30.18 4.87
C ASP B 235 17.97 29.57 4.86
N LYS B 236 17.44 29.30 6.05
CA LYS B 236 16.12 28.68 6.14
C LYS B 236 15.02 29.67 5.77
N LYS B 237 15.20 30.94 6.12
CA LYS B 237 14.18 31.96 5.87
C LYS B 237 13.84 32.06 4.39
N GLN B 238 14.85 32.33 3.55
CA GLN B 238 14.62 32.55 2.13
C GLN B 238 13.91 31.36 1.50
N ARG B 239 12.83 31.64 0.76
CA ARG B 239 12.10 30.64 0.00
C ARG B 239 12.43 30.76 -1.48
N THR B 240 12.18 29.67 -2.22
CA THR B 240 12.45 29.67 -3.65
C THR B 240 11.54 30.60 -4.42
N PHE B 241 10.29 30.78 -3.99
CA PHE B 241 9.31 31.57 -4.72
C PHE B 241 8.41 32.33 -3.77
N GLN B 242 7.83 33.41 -4.27
CA GLN B 242 6.95 34.26 -3.50
C GLN B 242 5.66 34.53 -4.28
N PHE B 284 9.08 30.54 20.65
CA PHE B 284 9.70 29.80 19.54
C PHE B 284 11.22 29.76 19.67
N THR B 285 11.70 29.17 20.76
CA THR B 285 13.12 28.97 21.00
C THR B 285 13.53 27.59 20.45
N GLU B 286 14.79 27.19 20.69
CA GLU B 286 15.31 25.96 20.11
C GLU B 286 15.47 24.81 21.10
N ASP B 287 15.59 25.08 22.40
CA ASP B 287 15.82 24.01 23.36
C ASP B 287 14.56 23.15 23.51
N PHE B 288 14.67 22.15 24.39
CA PHE B 288 13.53 21.26 24.67
C PHE B 288 12.27 22.07 24.92
N GLN B 289 12.39 23.16 25.67
CA GLN B 289 11.26 24.08 25.89
C GLN B 289 10.68 24.57 24.56
N GLY B 290 11.53 24.78 23.55
CA GLY B 290 11.00 25.15 22.24
C GLY B 290 10.07 24.10 21.66
N LEU B 291 10.44 22.82 21.77
CA LEU B 291 9.51 21.76 21.41
C LEU B 291 8.27 21.80 22.29
N ARG B 292 8.47 21.90 23.61
CA ARG B 292 7.37 22.02 24.54
C ARG B 292 6.42 23.14 24.13
N ALA B 293 6.94 24.35 23.94
CA ALA B 293 6.09 25.50 23.60
C ALA B 293 5.38 25.28 22.27
N GLU B 294 6.13 24.87 21.25
CA GLU B 294 5.56 24.69 19.91
C GLU B 294 4.48 23.61 19.90
N VAL B 295 4.80 22.41 20.38
CA VAL B 295 3.82 21.33 20.42
C VAL B 295 2.59 21.73 21.23
N GLU B 296 2.81 22.35 22.39
CA GLU B 296 1.71 22.83 23.23
C GLU B 296 0.80 23.76 22.45
N THR B 297 1.38 24.70 21.70
CA THR B 297 0.59 25.62 20.90
C THR B 297 -0.32 24.88 19.93
N ILE B 298 0.19 23.77 19.38
CA ILE B 298 -0.63 22.97 18.47
C ILE B 298 -1.78 22.31 19.21
N SER B 299 -1.53 21.83 20.43
CA SER B 299 -2.60 21.25 21.23
C SER B 299 -3.64 22.31 21.58
N LYS B 300 -3.17 23.53 21.86
CA LYS B 300 -4.08 24.64 22.14
C LYS B 300 -4.98 24.96 20.95
N GLU B 301 -4.52 24.69 19.74
CA GLU B 301 -5.36 24.81 18.54
C GLU B 301 -6.12 23.53 18.24
N LEU B 302 -6.20 22.61 19.19
CA LEU B 302 -6.97 21.38 19.07
C LEU B 302 -7.89 21.11 20.24
N GLU B 303 -7.67 21.75 21.39
CA GLU B 303 -8.44 21.47 22.58
C GLU B 303 -9.90 21.89 22.48
N LEU B 304 -10.24 22.84 21.62
CA LEU B 304 -11.66 23.22 21.50
C LEU B 304 -12.30 22.50 20.31
N LEU B 305 -12.07 21.20 20.24
CA LEU B 305 -12.72 20.35 19.26
C LEU B 305 -13.83 19.53 19.91
N ASP B 306 -14.64 18.92 19.05
CA ASP B 306 -15.72 18.05 19.50
C ASP B 306 -15.17 16.69 19.87
N ARG B 307 -15.47 16.24 21.10
CA ARG B 307 -14.96 14.96 21.59
C ARG B 307 -15.23 13.83 20.60
N GLU B 308 -16.44 13.82 20.03
CA GLU B 308 -16.78 12.82 19.02
C GLU B 308 -15.81 12.88 17.85
N LEU B 309 -15.50 14.09 17.37
CA LEU B 309 -14.52 14.26 16.29
C LEU B 309 -13.17 13.66 16.66
N CYS B 310 -12.74 13.85 17.91
CA CYS B 310 -11.45 13.28 18.36
C CYS B 310 -11.46 11.76 18.25
N GLN B 311 -12.53 11.13 18.73
CA GLN B 311 -12.62 9.67 18.68
C GLN B 311 -12.65 9.18 17.23
N LEU B 312 -13.44 9.84 16.39
CA LEU B 312 -13.49 9.46 14.98
C LEU B 312 -12.14 9.67 14.30
N LEU B 313 -11.46 10.77 14.60
CA LEU B 313 -10.14 11.01 14.03
C LEU B 313 -9.16 9.94 14.47
N LEU B 314 -9.13 9.61 15.76
CA LEU B 314 -8.22 8.60 16.28
C LEU B 314 -8.37 7.27 15.56
N GLU B 315 -9.62 6.83 15.36
CA GLU B 315 -9.83 5.58 14.64
C GLU B 315 -9.38 5.70 13.19
N GLY B 316 -9.70 6.82 12.55
CA GLY B 316 -9.13 7.08 11.24
C GLY B 316 -7.62 7.05 11.25
N LEU B 317 -7.00 7.70 12.25
CA LEU B 317 -5.54 7.73 12.33
C LEU B 317 -4.97 6.32 12.51
N GLU B 318 -5.49 5.55 13.48
CA GLU B 318 -5.02 4.19 13.68
C GLU B 318 -5.04 3.39 12.39
N GLY B 319 -6.15 3.44 11.65
CA GLY B 319 -6.21 2.79 10.36
C GLY B 319 -5.15 3.32 9.41
N VAL B 320 -4.85 4.62 9.50
CA VAL B 320 -3.85 5.22 8.64
C VAL B 320 -2.46 4.66 8.96
N LEU B 321 -2.16 4.45 10.24
CA LEU B 321 -0.85 3.92 10.61
C LEU B 321 -0.63 2.52 10.04
N ARG B 322 -1.66 1.67 10.10
CA ARG B 322 -1.57 0.31 9.61
C ARG B 322 -1.51 0.22 8.09
N ASP B 323 -1.79 1.31 7.39
CA ASP B 323 -1.80 1.34 5.93
C ASP B 323 -0.92 2.53 5.55
N GLN B 324 0.32 2.24 5.16
CA GLN B 324 1.25 3.33 4.85
C GLN B 324 0.77 4.16 3.66
N LEU B 325 0.26 3.48 2.62
CA LEU B 325 -0.25 4.20 1.45
C LEU B 325 -1.37 5.15 1.85
N ALA B 326 -2.23 4.73 2.77
CA ALA B 326 -3.29 5.62 3.25
C ALA B 326 -2.69 6.90 3.85
N LEU B 327 -1.64 6.76 4.66
CA LEU B 327 -0.98 7.94 5.23
C LEU B 327 -0.41 8.86 4.15
N ARG B 328 0.40 8.31 3.26
CA ARG B 328 1.01 9.10 2.19
C ARG B 328 -0.05 9.78 1.33
N ALA B 329 -1.08 9.03 0.93
CA ALA B 329 -2.14 9.62 0.12
C ALA B 329 -2.82 10.78 0.84
N LEU B 330 -3.15 10.62 2.13
CA LEU B 330 -3.81 11.69 2.86
C LEU B 330 -2.98 12.96 2.88
N GLU B 331 -1.67 12.82 3.09
CA GLU B 331 -0.79 13.99 3.12
C GLU B 331 -0.76 14.69 1.76
N GLU B 332 -0.74 13.92 0.67
CA GLU B 332 -0.65 14.54 -0.65
C GLU B 332 -1.92 15.30 -0.99
N ALA B 333 -3.08 14.67 -0.78
CA ALA B 333 -4.36 15.33 -1.04
C ALA B 333 -4.49 16.59 -0.19
N LEU B 334 -3.99 16.53 1.05
CA LEU B 334 -4.05 17.65 1.98
C LEU B 334 -2.64 18.23 1.95
N GLU B 335 -2.39 19.09 0.95
CA GLU B 335 -1.03 19.56 0.70
C GLU B 335 -0.58 20.52 1.79
N GLN B 336 -1.17 21.73 1.83
CA GLN B 336 -0.96 22.63 2.95
C GLN B 336 -2.21 23.38 3.36
N GLY B 337 -3.38 22.78 3.13
CA GLY B 337 -4.62 23.49 3.36
C GLY B 337 -4.81 24.40 2.17
N GLN B 338 -4.65 23.82 0.99
CA GLN B 338 -4.64 24.56 -0.28
C GLN B 338 -5.41 23.71 -1.28
N SER B 339 -5.17 23.93 -2.59
CA SER B 339 -5.96 23.29 -3.64
C SER B 339 -7.40 23.78 -3.60
N LEU B 340 -7.60 25.01 -4.10
CA LEU B 340 -8.89 25.70 -4.03
C LEU B 340 -10.07 24.85 -4.49
N GLY B 341 -9.87 23.89 -5.40
CA GLY B 341 -10.97 23.06 -5.80
C GLY B 341 -11.19 22.05 -4.70
N PRO B 342 -12.45 21.71 -4.44
CA PRO B 342 -12.73 20.79 -3.32
C PRO B 342 -12.02 19.46 -3.50
N VAL B 343 -11.23 19.09 -2.50
CA VAL B 343 -10.46 17.86 -2.59
C VAL B 343 -11.42 16.68 -2.56
N GLU B 344 -11.24 15.76 -3.49
CA GLU B 344 -12.12 14.62 -3.56
C GLU B 344 -11.71 13.60 -2.51
N PRO B 345 -12.62 13.19 -1.63
CA PRO B 345 -12.25 12.23 -0.57
C PRO B 345 -11.85 10.89 -1.18
N LEU B 346 -10.94 10.21 -0.47
CA LEU B 346 -10.46 8.90 -0.87
C LEU B 346 -10.96 7.86 0.12
N ASP B 347 -10.84 6.58 -0.28
CA ASP B 347 -11.34 5.49 0.53
C ASP B 347 -10.36 5.13 1.65
N GLY B 348 -10.84 4.27 2.55
CA GLY B 348 -10.03 3.79 3.64
C GLY B 348 -9.93 4.76 4.80
N PRO B 349 -9.02 4.46 5.73
CA PRO B 349 -8.85 5.33 6.91
C PRO B 349 -8.38 6.74 6.59
N ALA B 350 -7.76 6.96 5.43
CA ALA B 350 -7.38 8.31 5.05
C ALA B 350 -8.61 9.20 4.87
N GLY B 351 -9.61 8.70 4.14
CA GLY B 351 -10.87 9.41 4.03
C GLY B 351 -11.64 9.45 5.33
N ALA B 352 -11.49 8.42 6.17
CA ALA B 352 -12.10 8.47 7.50
C ALA B 352 -11.53 9.61 8.34
N VAL B 353 -10.25 9.95 8.12
CA VAL B 353 -9.65 11.11 8.76
C VAL B 353 -10.10 12.40 8.07
N LEU B 354 -10.14 12.40 6.73
CA LEU B 354 -10.47 13.62 5.99
C LEU B 354 -11.89 14.08 6.26
N GLU B 355 -12.79 13.15 6.58
CA GLU B 355 -14.16 13.53 6.93
C GLU B 355 -14.23 14.35 8.22
N CYS B 356 -13.22 14.23 9.08
CA CYS B 356 -13.23 14.97 10.34
C CYS B 356 -12.83 16.43 10.18
N LEU B 357 -12.08 16.77 9.13
CA LEU B 357 -11.54 18.11 8.97
C LEU B 357 -12.31 18.95 7.98
N VAL B 358 -13.39 18.42 7.40
CA VAL B 358 -14.14 19.17 6.40
C VAL B 358 -15.56 19.35 6.89
N LEU B 359 -16.35 20.07 6.12
CA LEU B 359 -17.73 20.37 6.45
C LEU B 359 -18.66 19.54 5.59
N SER B 360 -19.97 19.78 5.72
CA SER B 360 -20.95 19.06 4.91
C SER B 360 -20.70 19.28 3.41
N SER B 361 -20.35 20.50 3.03
CA SER B 361 -20.08 20.81 1.63
C SER B 361 -18.79 20.18 1.12
N GLY B 362 -17.84 19.85 2.00
CA GLY B 362 -16.54 19.37 1.61
C GLY B 362 -15.45 20.41 1.75
N MET B 363 -15.78 21.62 2.20
CA MET B 363 -14.77 22.64 2.39
C MET B 363 -13.89 22.31 3.58
N LEU B 364 -12.63 22.71 3.49
CA LEU B 364 -11.68 22.42 4.55
C LEU B 364 -11.66 23.57 5.55
N VAL B 365 -11.27 23.26 6.78
CA VAL B 365 -11.13 24.28 7.80
C VAL B 365 -9.65 24.42 8.10
N PRO B 366 -8.98 25.51 7.68
CA PRO B 366 -7.55 25.65 7.97
C PRO B 366 -7.23 25.59 9.46
N GLU B 367 -8.12 26.10 10.30
CA GLU B 367 -7.91 26.03 11.74
C GLU B 367 -7.79 24.59 12.21
N LEU B 368 -8.57 23.68 11.62
CA LEU B 368 -8.49 22.27 11.98
C LEU B 368 -7.45 21.50 11.17
N ALA B 369 -7.19 21.92 9.93
CA ALA B 369 -6.26 21.18 9.08
C ALA B 369 -4.81 21.39 9.51
N ILE B 370 -4.41 22.65 9.73
CA ILE B 370 -3.00 22.96 10.00
C ILE B 370 -2.41 22.09 11.11
N PRO B 371 -3.04 21.95 12.29
CA PRO B 371 -2.47 21.03 13.29
C PRO B 371 -2.36 19.60 12.80
N VAL B 372 -3.29 19.14 11.95
CA VAL B 372 -3.20 17.79 11.41
C VAL B 372 -2.03 17.68 10.46
N VAL B 373 -1.80 18.71 9.63
CA VAL B 373 -0.63 18.72 8.75
C VAL B 373 0.63 18.59 9.58
N TYR B 374 0.66 19.25 10.74
CA TYR B 374 1.78 19.15 11.65
C TYR B 374 1.99 17.70 12.10
N LEU B 375 0.94 17.08 12.64
CA LEU B 375 1.04 15.69 13.08
C LEU B 375 1.36 14.75 11.90
N LEU B 376 0.82 15.05 10.72
CA LEU B 376 1.13 14.26 9.54
C LEU B 376 2.64 14.32 9.24
N GLY B 377 3.20 15.53 9.22
CA GLY B 377 4.64 15.66 9.10
C GLY B 377 5.41 14.93 10.18
N ALA B 378 4.95 15.06 11.44
CA ALA B 378 5.61 14.38 12.55
C ALA B 378 5.58 12.86 12.39
N LEU B 379 4.51 12.31 11.81
CA LEU B 379 4.43 10.86 11.67
C LEU B 379 5.19 10.38 10.43
N THR B 380 5.26 11.21 9.39
CA THR B 380 6.09 10.86 8.24
C THR B 380 7.57 10.84 8.59
N MET B 381 7.96 11.57 9.63
CA MET B 381 9.36 11.55 10.08
C MET B 381 9.72 10.22 10.72
N LEU B 382 8.76 9.56 11.36
CA LEU B 382 8.99 8.29 12.03
C LEU B 382 9.03 7.14 11.03
N SER B 383 9.48 5.99 11.51
CA SER B 383 9.58 4.79 10.70
C SER B 383 8.29 3.97 10.80
N GLU B 384 8.17 2.96 9.92
CA GLU B 384 6.97 2.13 9.92
C GLU B 384 6.84 1.33 11.21
N THR B 385 7.94 0.72 11.66
CA THR B 385 7.91 -0.03 12.92
C THR B 385 7.40 0.86 14.04
N GLN B 386 7.81 2.13 14.06
CA GLN B 386 7.26 3.08 15.02
C GLN B 386 5.77 3.31 14.77
N HIS B 387 5.36 3.32 13.50
CA HIS B 387 3.94 3.46 13.18
C HIS B 387 3.13 2.31 13.77
N LYS B 388 3.56 1.07 13.54
CA LYS B 388 2.84 -0.08 14.06
C LYS B 388 2.79 -0.06 15.58
N LEU B 389 3.92 0.20 16.22
CA LEU B 389 3.94 0.28 17.67
C LEU B 389 3.09 1.43 18.18
N LEU B 390 3.04 2.54 17.44
CA LEU B 390 2.19 3.66 17.85
C LEU B 390 0.71 3.31 17.72
N ALA B 391 0.32 2.67 16.61
CA ALA B 391 -1.06 2.21 16.47
C ALA B 391 -1.39 1.19 17.55
N GLU B 392 -0.44 0.31 17.86
CA GLU B 392 -0.61 -0.63 18.97
C GLU B 392 -0.78 0.11 20.29
N ALA B 393 0.06 1.12 20.53
CA ALA B 393 -0.05 1.90 21.75
C ALA B 393 -1.34 2.72 21.77
N LEU B 394 -1.86 3.10 20.60
CA LEU B 394 -3.11 3.84 20.56
C LEU B 394 -4.29 2.95 20.95
N GLU B 395 -4.29 1.70 20.47
CA GLU B 395 -5.37 0.78 20.82
C GLU B 395 -5.36 0.44 22.30
N SER B 396 -4.18 0.41 22.92
CA SER B 396 -4.04 0.12 24.34
C SER B 396 -3.87 1.37 25.20
N GLN B 397 -3.75 2.54 24.60
CA GLN B 397 -3.68 3.84 25.28
C GLN B 397 -2.47 3.97 26.21
N THR B 398 -1.43 3.18 26.01
CA THR B 398 -0.21 3.28 26.81
C THR B 398 0.78 4.22 26.13
N LEU B 399 0.38 5.50 26.06
CA LEU B 399 1.12 6.53 25.35
C LEU B 399 1.83 7.53 26.26
N LEU B 400 1.84 7.30 27.57
CA LEU B 400 2.43 8.26 28.49
C LEU B 400 3.79 7.82 29.02
N GLY B 401 4.03 6.51 29.13
CA GLY B 401 5.31 6.00 29.56
C GLY B 401 6.41 6.45 28.62
N PRO B 402 6.32 6.10 27.34
CA PRO B 402 7.32 6.58 26.37
C PRO B 402 7.35 8.09 26.23
N LEU B 403 6.22 8.78 26.42
CA LEU B 403 6.23 10.23 26.37
C LEU B 403 7.15 10.80 27.46
N GLU B 404 6.87 10.45 28.72
CA GLU B 404 7.72 10.90 29.82
C GLU B 404 9.16 10.49 29.59
N LEU B 405 9.38 9.28 29.07
CA LEU B 405 10.73 8.82 28.79
C LEU B 405 11.42 9.74 27.78
N VAL B 406 10.84 9.87 26.59
CA VAL B 406 11.43 10.71 25.55
C VAL B 406 11.55 12.15 26.02
N GLY B 407 10.54 12.63 26.76
CA GLY B 407 10.59 13.99 27.27
C GLY B 407 11.79 14.23 28.18
N SER B 408 11.97 13.35 29.17
CA SER B 408 13.10 13.49 30.07
C SER B 408 14.43 13.28 29.35
N LEU B 409 14.46 12.39 28.36
CA LEU B 409 15.70 12.19 27.60
C LEU B 409 16.06 13.42 26.79
N LEU B 410 15.10 13.98 26.05
CA LEU B 410 15.38 15.18 25.25
C LEU B 410 15.66 16.38 26.14
N GLU B 411 15.04 16.44 27.30
CA GLU B 411 15.32 17.53 28.25
C GLU B 411 16.75 17.45 28.77
N GLN B 412 17.21 16.24 29.07
CA GLN B 412 18.56 16.02 29.56
C GLN B 412 19.62 15.99 28.46
N SER B 413 19.22 15.96 27.19
CA SER B 413 20.15 15.81 26.09
C SER B 413 20.50 17.13 25.39
N ALA B 414 20.18 18.28 25.99
CA ALA B 414 20.58 19.52 25.35
C ALA B 414 22.04 19.83 25.64
N PRO B 415 22.82 20.27 24.64
CA PRO B 415 22.42 20.47 23.23
C PRO B 415 22.34 19.18 22.42
N TRP B 416 21.52 19.20 21.36
CA TRP B 416 21.22 18.02 20.57
C TRP B 416 22.21 17.75 19.44
N GLN B 417 23.44 18.26 19.55
CA GLN B 417 24.42 18.00 18.49
C GLN B 417 25.77 17.60 19.05
N GLU B 418 25.83 17.17 20.32
CA GLU B 418 27.07 16.71 20.95
C GLU B 418 26.75 15.42 21.70
N ARG B 419 27.45 14.35 21.35
CA ARG B 419 27.28 13.04 21.97
C ARG B 419 27.44 13.15 23.48
N SER B 420 26.36 12.86 24.22
CA SER B 420 26.39 12.93 25.68
C SER B 420 25.52 11.82 26.27
N THR B 421 26.10 11.06 27.19
CA THR B 421 25.39 9.95 27.83
C THR B 421 24.32 10.48 28.78
N MET B 422 23.17 9.80 28.78
CA MET B 422 22.02 10.08 29.62
C MET B 422 21.91 9.06 30.75
N SER B 423 20.95 9.29 31.65
CA SER B 423 20.82 8.51 32.87
C SER B 423 19.54 7.70 32.93
N LEU B 424 18.36 8.32 32.77
CA LEU B 424 17.06 7.78 33.17
C LEU B 424 16.83 6.32 32.77
N PRO B 425 16.48 5.48 33.75
CA PRO B 425 16.15 4.08 33.46
C PRO B 425 14.67 3.92 33.19
N PRO B 426 14.28 2.90 32.43
CA PRO B 426 12.85 2.64 32.20
C PRO B 426 12.16 2.07 33.43
N GLY B 427 12.87 1.30 34.25
CA GLY B 427 12.29 0.81 35.49
C GLY B 427 11.83 1.94 36.40
N LEU B 428 12.60 3.04 36.45
CA LEU B 428 12.19 4.22 37.18
C LEU B 428 10.83 4.72 36.71
N LEU B 429 10.54 4.58 35.42
CA LEU B 429 9.24 4.98 34.90
C LEU B 429 8.18 3.96 35.28
N GLY B 430 8.33 2.72 34.85
CA GLY B 430 7.44 1.67 35.28
C GLY B 430 7.30 0.58 34.24
N ASN B 431 7.76 0.88 33.03
CA ASN B 431 7.61 -0.03 31.90
C ASN B 431 8.56 -1.21 32.03
N SER B 432 8.15 -2.35 31.46
CA SER B 432 9.01 -3.51 31.37
C SER B 432 10.02 -3.30 30.25
N TRP B 433 11.26 -3.67 30.52
CA TRP B 433 12.37 -3.43 29.62
C TRP B 433 12.87 -4.74 29.03
N GLY B 434 13.94 -4.66 28.27
CA GLY B 434 14.42 -5.81 27.55
C GLY B 434 14.18 -5.60 26.07
N GLU B 435 15.16 -6.00 25.26
CA GLU B 435 15.06 -5.89 23.81
C GLU B 435 13.76 -6.51 23.32
N GLY B 436 12.93 -5.70 22.68
CA GLY B 436 11.59 -6.09 22.30
C GLY B 436 10.49 -5.26 22.93
N ALA B 437 10.77 -4.59 24.05
CA ALA B 437 9.76 -3.72 24.65
C ALA B 437 9.47 -2.58 23.67
N PRO B 438 8.24 -2.05 23.69
CA PRO B 438 7.91 -0.99 22.71
C PRO B 438 8.85 0.19 22.78
N ALA B 439 9.22 0.63 23.98
CA ALA B 439 10.15 1.75 24.12
C ALA B 439 11.52 1.42 23.56
N TRP B 440 12.02 0.20 23.79
CA TRP B 440 13.31 -0.19 23.23
C TRP B 440 13.32 -0.08 21.72
N VAL B 441 12.43 -0.82 21.06
CA VAL B 441 12.43 -0.85 19.59
C VAL B 441 12.14 0.53 19.03
N LEU B 442 11.25 1.28 19.70
CA LEU B 442 10.96 2.64 19.28
C LEU B 442 12.22 3.49 19.24
N LEU B 443 12.99 3.49 20.35
CA LEU B 443 14.22 4.29 20.43
C LEU B 443 15.26 3.85 19.39
N ASP B 444 15.46 2.54 19.23
CA ASP B 444 16.45 2.06 18.26
C ASP B 444 16.11 2.54 16.86
N GLU B 445 14.82 2.60 16.53
CA GLU B 445 14.40 3.12 15.24
C GLU B 445 14.72 4.61 15.13
N CYS B 446 14.67 5.35 16.25
CA CYS B 446 15.04 6.76 16.23
C CYS B 446 16.52 6.95 15.90
N GLY B 447 17.36 5.95 16.21
CA GLY B 447 18.77 6.00 15.86
C GLY B 447 19.68 5.95 17.07
N LEU B 448 19.13 5.57 18.22
CA LEU B 448 19.87 5.49 19.47
C LEU B 448 20.27 4.05 19.77
N GLU B 449 21.49 3.88 20.28
CA GLU B 449 21.98 2.57 20.67
C GLU B 449 21.48 2.21 22.05
N LEU B 450 20.90 1.01 22.18
CA LEU B 450 20.35 0.53 23.46
C LEU B 450 21.17 -0.65 23.99
N GLY B 451 21.36 -0.70 25.31
CA GLY B 451 22.09 -1.75 25.99
C GLY B 451 21.22 -2.24 27.12
N GLU B 452 21.75 -3.04 28.02
CA GLU B 452 20.99 -3.55 29.15
C GLU B 452 21.28 -2.82 30.45
N ASP B 453 22.00 -1.70 30.41
CA ASP B 453 22.24 -0.88 31.58
C ASP B 453 21.75 0.56 31.35
N THR B 454 21.92 1.41 32.37
CA THR B 454 21.38 2.76 32.32
C THR B 454 22.34 3.80 31.74
N PRO B 455 23.61 3.86 32.17
CA PRO B 455 24.51 4.86 31.57
C PRO B 455 24.83 4.58 30.12
N HIS B 456 24.28 3.50 29.55
CA HIS B 456 24.60 3.09 28.19
C HIS B 456 24.02 4.04 27.16
N VAL B 457 22.94 4.77 27.49
CA VAL B 457 22.34 5.63 26.50
C VAL B 457 23.33 6.72 26.13
N CYS B 458 23.53 6.90 24.84
CA CYS B 458 24.27 8.00 24.24
C CYS B 458 23.29 8.84 23.42
N TRP B 459 23.83 9.74 22.62
CA TRP B 459 22.98 10.64 21.86
C TRP B 459 23.61 10.86 20.50
N GLU B 460 22.81 10.71 19.44
CA GLU B 460 23.35 10.99 18.13
C GLU B 460 22.70 12.22 17.54
N PRO B 461 23.46 13.07 16.85
CA PRO B 461 22.86 14.28 16.27
C PRO B 461 21.96 13.98 15.09
N GLN B 462 22.23 12.89 14.37
CA GLN B 462 21.37 12.53 13.24
C GLN B 462 20.00 12.10 13.74
N ALA B 463 19.93 11.60 14.97
CA ALA B 463 18.70 11.17 15.59
C ALA B 463 17.92 12.32 16.19
N GLN B 464 18.25 13.56 15.82
CA GLN B 464 17.52 14.72 16.32
C GLN B 464 16.07 14.67 15.86
N GLY B 465 15.86 14.73 14.54
CA GLY B 465 14.53 14.74 13.94
C GLY B 465 13.62 13.61 14.37
N ARG B 466 14.09 12.37 14.18
CA ARG B 466 13.31 11.19 14.55
C ARG B 466 12.84 11.26 16.00
N MET B 467 13.75 11.54 16.93
CA MET B 467 13.42 11.55 18.35
C MET B 467 12.39 12.63 18.67
N CYS B 468 12.65 13.87 18.24
CA CYS B 468 11.73 14.97 18.50
C CYS B 468 10.36 14.73 17.88
N ALA B 469 10.32 14.26 16.64
CA ALA B 469 9.04 13.99 15.98
C ALA B 469 8.25 12.93 16.74
N LEU B 470 8.92 11.88 17.22
CA LEU B 470 8.26 10.90 18.06
C LEU B 470 7.69 11.56 19.31
N TYR B 471 8.49 12.42 19.96
CA TYR B 471 7.98 13.17 21.11
C TYR B 471 6.75 13.99 20.75
N ALA B 472 6.83 14.75 19.65
CA ALA B 472 5.69 15.58 19.24
C ALA B 472 4.48 14.71 18.94
N SER B 473 4.67 13.64 18.17
CA SER B 473 3.58 12.72 17.89
C SER B 473 2.91 12.25 19.17
N LEU B 474 3.70 11.78 20.13
CA LEU B 474 3.17 11.34 21.40
C LEU B 474 2.43 12.47 22.11
N ALA B 475 3.06 13.64 22.21
CA ALA B 475 2.47 14.75 22.95
C ALA B 475 1.17 15.24 22.31
N LEU B 476 1.02 15.11 20.99
CA LEU B 476 -0.22 15.56 20.36
C LEU B 476 -1.35 14.55 20.53
N LEU B 477 -1.05 13.25 20.43
CA LEU B 477 -2.09 12.24 20.55
C LEU B 477 -2.62 12.14 21.97
N SER B 478 -1.74 12.23 22.97
CA SER B 478 -2.16 12.11 24.36
C SER B 478 -3.19 13.17 24.74
N GLY B 479 -3.07 14.38 24.19
CA GLY B 479 -3.99 15.44 24.59
C GLY B 479 -5.43 15.17 24.20
N LEU B 480 -5.67 14.61 23.02
CA LEU B 480 -7.02 14.37 22.54
C LEU B 480 -7.58 13.00 22.88
N SER B 481 -6.77 12.07 23.41
CA SER B 481 -7.25 10.73 23.73
C SER B 481 -7.75 10.63 25.17
N GLN B 482 -6.88 10.91 26.15
CA GLN B 482 -7.26 10.83 27.56
C GLN B 482 -6.43 11.75 28.45
N MET C 2 -12.41 -22.27 11.63
CA MET C 2 -13.35 -21.17 11.82
C MET C 2 -13.52 -20.38 10.52
N GLY C 3 -14.58 -20.69 9.78
CA GLY C 3 -14.90 -19.93 8.59
C GLY C 3 -15.67 -18.68 8.96
N SER C 4 -15.29 -17.55 8.37
CA SER C 4 -15.92 -16.28 8.67
C SER C 4 -17.43 -16.37 8.47
N ALA C 5 -18.19 -16.05 9.52
CA ALA C 5 -19.63 -16.16 9.46
C ALA C 5 -20.23 -15.30 8.36
N PHE C 6 -19.76 -14.05 8.23
CA PHE C 6 -20.27 -13.18 7.16
C PHE C 6 -20.06 -13.81 5.79
N GLU C 7 -18.96 -14.55 5.62
CA GLU C 7 -18.76 -15.34 4.41
C GLU C 7 -19.74 -16.50 4.34
N ARG C 8 -19.70 -17.36 5.35
CA ARG C 8 -20.51 -18.58 5.37
C ARG C 8 -21.98 -18.29 5.09
N VAL C 9 -22.53 -17.23 5.70
CA VAL C 9 -23.95 -16.91 5.51
C VAL C 9 -24.24 -16.57 4.05
N VAL C 10 -23.50 -15.62 3.49
CA VAL C 10 -23.68 -15.25 2.08
C VAL C 10 -23.44 -16.46 1.18
N ARG C 11 -22.47 -17.30 1.56
CA ARG C 11 -22.24 -18.54 0.83
C ARG C 11 -23.52 -19.37 0.74
N ARG C 12 -24.13 -19.66 1.89
CA ARG C 12 -25.36 -20.43 1.92
C ARG C 12 -26.51 -19.72 1.22
N VAL C 13 -26.49 -18.39 1.18
CA VAL C 13 -27.54 -17.66 0.47
C VAL C 13 -27.50 -18.00 -1.02
N VAL C 14 -26.33 -17.87 -1.64
CA VAL C 14 -26.23 -18.16 -3.06
C VAL C 14 -26.18 -19.66 -3.34
N GLN C 15 -25.76 -20.46 -2.36
CA GLN C 15 -25.83 -21.91 -2.49
C GLN C 15 -27.25 -22.36 -2.84
N GLU C 16 -28.22 -22.03 -1.98
CA GLU C 16 -29.61 -22.33 -2.27
C GLU C 16 -30.19 -21.43 -3.35
N LEU C 17 -29.52 -20.34 -3.69
CA LEU C 17 -29.95 -19.51 -4.81
C LEU C 17 -29.47 -20.10 -6.13
N ASP C 18 -28.70 -21.19 -6.06
CA ASP C 18 -28.19 -21.90 -7.23
C ASP C 18 -27.45 -20.94 -8.16
N HIS C 19 -26.65 -20.07 -7.54
CA HIS C 19 -25.91 -19.04 -8.26
C HIS C 19 -26.84 -18.32 -9.23
N GLY C 20 -27.96 -17.86 -8.69
CA GLY C 20 -29.00 -17.26 -9.49
C GLY C 20 -28.59 -15.95 -10.13
N GLY C 21 -28.43 -15.98 -11.45
CA GLY C 21 -27.98 -14.84 -12.20
C GLY C 21 -26.58 -14.48 -11.76
N GLU C 22 -26.24 -13.19 -11.92
CA GLU C 22 -24.94 -12.70 -11.47
C GLU C 22 -24.83 -12.81 -9.96
N PHE C 23 -25.67 -12.05 -9.24
CA PHE C 23 -25.77 -12.07 -7.77
C PHE C 23 -24.40 -12.29 -7.12
N ILE C 24 -23.50 -11.34 -7.37
CA ILE C 24 -22.12 -11.33 -6.88
C ILE C 24 -22.15 -11.25 -5.36
N PRO C 25 -21.52 -12.17 -4.64
CA PRO C 25 -21.55 -12.10 -3.19
C PRO C 25 -20.62 -11.01 -2.70
N VAL C 26 -20.97 -10.45 -1.55
CA VAL C 26 -20.10 -9.44 -0.95
C VAL C 26 -18.99 -10.13 -0.16
N THR C 27 -17.88 -9.41 0.02
CA THR C 27 -16.73 -9.97 0.72
C THR C 27 -16.67 -9.54 2.18
N SER C 28 -16.61 -8.23 2.45
CA SER C 28 -16.47 -7.72 3.80
C SER C 28 -17.73 -6.96 4.21
N LEU C 29 -17.88 -6.76 5.53
CA LEU C 29 -19.02 -6.02 6.04
C LEU C 29 -18.75 -4.52 6.11
N GLN C 30 -17.53 -4.11 6.51
CA GLN C 30 -17.19 -2.70 6.46
C GLN C 30 -17.25 -2.14 5.04
N SER C 31 -17.47 -3.01 4.07
CA SER C 31 -17.68 -2.72 2.67
C SER C 31 -19.14 -2.93 2.28
N SER C 32 -19.74 -4.04 2.74
CA SER C 32 -21.15 -4.33 2.47
C SER C 32 -22.05 -3.16 2.84
N THR C 33 -21.60 -2.27 3.72
CA THR C 33 -22.33 -1.05 3.97
C THR C 33 -22.09 -0.02 2.88
N GLY C 34 -21.51 -0.45 1.75
CA GLY C 34 -21.31 0.36 0.57
C GLY C 34 -22.19 -0.02 -0.62
N PHE C 35 -22.27 -1.33 -0.88
CA PHE C 35 -22.94 -1.86 -2.06
C PHE C 35 -24.44 -1.66 -2.02
N GLN C 36 -24.88 -0.42 -2.17
CA GLN C 36 -26.27 -0.03 -2.27
C GLN C 36 -26.62 0.26 -3.72
N PRO C 37 -27.93 0.34 -4.06
CA PRO C 37 -28.33 0.66 -5.44
C PRO C 37 -27.67 1.91 -6.00
N TYR C 38 -27.58 2.01 -7.33
CA TYR C 38 -27.02 3.16 -8.04
C TYR C 38 -25.67 3.59 -7.46
N CYS C 39 -24.87 2.64 -6.99
CA CYS C 39 -23.54 2.94 -6.46
C CYS C 39 -22.55 2.30 -7.41
N LEU C 40 -21.90 3.14 -8.23
CA LEU C 40 -20.96 2.61 -9.20
C LEU C 40 -19.79 1.94 -8.48
N VAL C 41 -19.41 0.78 -8.98
CA VAL C 41 -18.28 0.03 -8.44
C VAL C 41 -17.25 -0.09 -9.55
N VAL C 42 -16.00 -0.32 -9.15
CA VAL C 42 -14.91 -0.45 -10.10
C VAL C 42 -14.35 -1.86 -10.04
N ARG C 43 -14.02 -2.38 -11.22
CA ARG C 43 -13.42 -3.68 -11.41
C ARG C 43 -12.26 -3.53 -12.39
N LYS C 44 -11.06 -3.92 -11.97
CA LYS C 44 -9.97 -3.90 -12.92
C LYS C 44 -10.28 -4.91 -14.03
N PRO C 45 -9.77 -4.70 -15.25
CA PRO C 45 -10.03 -5.66 -16.33
C PRO C 45 -9.60 -7.06 -15.92
N SER C 46 -10.35 -8.05 -16.40
CA SER C 46 -10.13 -9.42 -15.96
C SER C 46 -8.66 -9.79 -16.15
N SER C 47 -8.01 -10.11 -15.03
CA SER C 47 -6.60 -10.46 -15.07
C SER C 47 -6.41 -11.82 -15.71
N SER C 48 -7.09 -12.83 -15.18
CA SER C 48 -7.18 -14.12 -15.83
C SER C 48 -8.60 -14.31 -16.34
N TRP C 49 -8.74 -15.20 -17.31
CA TRP C 49 -10.05 -15.48 -17.89
C TRP C 49 -10.91 -16.39 -17.02
N PHE C 50 -10.43 -16.83 -15.85
CA PHE C 50 -11.17 -17.80 -15.05
C PHE C 50 -11.56 -17.29 -13.66
N TRP C 51 -11.33 -16.01 -13.34
CA TRP C 51 -11.85 -15.45 -12.10
C TRP C 51 -11.97 -13.94 -12.24
N LYS C 52 -13.08 -13.39 -11.73
CA LYS C 52 -13.32 -11.95 -11.78
C LYS C 52 -12.78 -11.32 -10.50
N PRO C 53 -11.81 -10.39 -10.59
CA PRO C 53 -11.31 -9.72 -9.38
C PRO C 53 -12.42 -8.99 -8.63
N ARG C 54 -12.28 -8.97 -7.30
CA ARG C 54 -13.29 -8.39 -6.42
C ARG C 54 -13.66 -6.97 -6.87
N TYR C 55 -14.93 -6.63 -6.68
CA TYR C 55 -15.48 -5.33 -7.05
C TYR C 55 -15.26 -4.34 -5.91
N LYS C 56 -14.46 -3.30 -6.15
CA LYS C 56 -14.21 -2.27 -5.16
C LYS C 56 -15.21 -1.11 -5.32
N CYS C 57 -15.55 -0.48 -4.20
CA CYS C 57 -16.51 0.62 -4.19
C CYS C 57 -15.78 1.96 -4.24
N VAL C 58 -16.45 2.96 -4.83
CA VAL C 58 -15.91 4.32 -4.90
C VAL C 58 -16.70 5.31 -4.07
N ASN C 59 -17.77 4.89 -3.41
CA ASN C 59 -18.61 5.79 -2.63
C ASN C 59 -19.04 6.98 -3.50
N LEU C 60 -19.79 6.66 -4.55
CA LEU C 60 -20.28 7.68 -5.46
C LEU C 60 -21.48 7.11 -6.20
N SER C 61 -22.46 7.95 -6.48
CA SER C 61 -23.70 7.55 -7.12
C SER C 61 -23.68 7.94 -8.60
N ILE C 62 -24.82 7.81 -9.26
CA ILE C 62 -24.91 8.09 -10.70
C ILE C 62 -25.73 9.32 -11.04
N LYS C 63 -26.51 9.88 -10.11
CA LYS C 63 -27.26 11.08 -10.46
C LYS C 63 -26.34 12.28 -10.58
N ASP C 64 -25.28 12.32 -9.78
CA ASP C 64 -24.26 13.37 -9.80
C ASP C 64 -23.29 13.26 -10.98
N ILE C 65 -23.44 12.25 -11.83
CA ILE C 65 -22.52 12.06 -12.95
C ILE C 65 -23.09 12.62 -14.27
N LEU C 66 -24.37 12.97 -14.31
CA LEU C 66 -24.96 13.61 -15.47
C LEU C 66 -25.24 15.10 -15.17
N GLU C 67 -25.87 15.77 -16.13
CA GLU C 67 -26.09 17.22 -16.00
C GLU C 67 -27.07 17.54 -14.86
N PRO C 68 -28.31 17.01 -14.84
CA PRO C 68 -29.16 17.31 -13.69
C PRO C 68 -28.71 16.62 -12.42
N ASP C 85 -38.07 6.79 -5.32
CA ASP C 85 -37.05 5.75 -5.52
C ASP C 85 -37.67 4.41 -5.92
N ALA C 86 -36.86 3.50 -6.46
CA ALA C 86 -37.31 2.20 -6.92
C ALA C 86 -37.03 1.15 -5.84
N MET C 87 -38.07 0.43 -5.41
CA MET C 87 -37.94 -0.55 -4.32
C MET C 87 -38.11 -1.98 -4.79
N ASP C 88 -39.28 -2.35 -5.30
CA ASP C 88 -39.57 -3.68 -5.86
C ASP C 88 -38.92 -4.82 -5.05
N GLY C 89 -39.38 -4.96 -3.80
CA GLY C 89 -38.83 -6.00 -2.93
C GLY C 89 -39.39 -7.38 -3.24
N GLN C 90 -38.56 -8.40 -2.99
CA GLN C 90 -38.93 -9.82 -3.14
C GLN C 90 -38.38 -10.61 -1.96
N ILE C 91 -39.15 -10.69 -0.88
CA ILE C 91 -38.75 -11.42 0.32
C ILE C 91 -38.60 -12.91 0.01
N GLN C 92 -37.35 -13.40 0.00
CA GLN C 92 -37.04 -14.79 -0.30
C GLN C 92 -36.59 -15.54 0.97
N GLY C 93 -37.19 -15.21 2.10
CA GLY C 93 -36.91 -15.80 3.39
C GLY C 93 -36.53 -17.26 3.48
N SER C 94 -35.44 -17.48 4.21
CA SER C 94 -34.82 -18.78 4.46
C SER C 94 -35.00 -19.21 5.92
N VAL C 95 -35.36 -20.47 6.13
CA VAL C 95 -35.61 -20.97 7.49
C VAL C 95 -34.59 -21.99 7.96
N GLU C 96 -33.67 -22.43 7.10
CA GLU C 96 -32.68 -23.45 7.46
C GLU C 96 -31.40 -22.78 7.96
N LEU C 97 -31.43 -22.40 9.23
CA LEU C 97 -30.27 -21.81 9.90
C LEU C 97 -29.49 -22.93 10.59
N ALA C 98 -28.35 -23.30 10.02
CA ALA C 98 -27.59 -24.42 10.55
C ALA C 98 -26.87 -24.04 11.83
N ALA C 99 -26.21 -22.89 11.86
CA ALA C 99 -25.48 -22.41 13.03
C ALA C 99 -25.95 -21.02 13.44
N PRO C 100 -27.23 -20.87 13.82
CA PRO C 100 -27.70 -19.55 14.26
C PRO C 100 -27.45 -19.34 15.75
N GLY C 101 -27.96 -18.24 16.28
CA GLY C 101 -27.92 -18.00 17.71
C GLY C 101 -29.22 -18.41 18.38
N SER C 118 -34.91 -18.72 11.28
CA SER C 118 -35.67 -17.52 10.94
C SER C 118 -34.75 -16.42 10.41
N MET C 119 -34.49 -16.45 9.10
CA MET C 119 -33.64 -15.45 8.46
C MET C 119 -34.20 -15.17 7.08
N ASN C 120 -34.92 -14.05 6.96
CA ASN C 120 -35.52 -13.62 5.70
C ASN C 120 -34.57 -12.68 4.96
N VAL C 121 -34.67 -12.71 3.63
CA VAL C 121 -33.83 -11.85 2.78
C VAL C 121 -34.75 -10.97 1.96
N TYR C 122 -34.20 -9.84 1.50
CA TYR C 122 -34.96 -8.81 0.80
C TYR C 122 -34.21 -8.44 -0.47
N SER C 123 -34.86 -7.71 -1.37
CA SER C 123 -34.21 -7.32 -2.61
C SER C 123 -34.73 -5.97 -3.08
N LEU C 124 -33.93 -5.30 -3.91
CA LEU C 124 -34.32 -4.06 -4.55
C LEU C 124 -33.93 -4.14 -6.03
N SER C 125 -34.81 -3.66 -6.91
CA SER C 125 -34.64 -3.81 -8.35
C SER C 125 -34.87 -2.48 -9.06
N VAL C 126 -34.70 -2.49 -10.38
CA VAL C 126 -34.93 -1.33 -11.24
C VAL C 126 -35.31 -1.81 -12.64
N ASP C 127 -36.46 -1.34 -13.14
CA ASP C 127 -37.00 -1.82 -14.40
C ASP C 127 -36.12 -1.37 -15.57
N PRO C 128 -36.00 -2.20 -16.62
CA PRO C 128 -35.30 -1.72 -17.83
C PRO C 128 -35.94 -0.50 -18.46
N ASN C 129 -37.24 -0.29 -18.22
CA ASN C 129 -37.94 0.87 -18.76
C ASN C 129 -37.41 2.18 -18.21
N THR C 130 -36.81 2.18 -17.01
CA THR C 130 -36.24 3.41 -16.45
C THR C 130 -34.84 3.73 -16.99
N TRP C 131 -34.18 2.80 -17.69
CA TRP C 131 -32.86 3.09 -18.22
C TRP C 131 -32.90 3.99 -19.45
N GLN C 132 -33.68 3.61 -20.46
CA GLN C 132 -33.67 4.36 -21.71
C GLN C 132 -34.25 5.76 -21.55
N THR C 133 -35.35 5.91 -20.79
CA THR C 133 -35.90 7.24 -20.61
C THR C 133 -34.94 8.12 -19.82
N LEU C 134 -34.25 7.56 -18.83
CA LEU C 134 -33.33 8.37 -18.05
C LEU C 134 -32.07 8.73 -18.84
N LEU C 135 -31.57 7.79 -19.66
CA LEU C 135 -30.42 8.08 -20.50
C LEU C 135 -30.76 9.19 -21.49
N HIS C 136 -32.01 9.19 -21.99
CA HIS C 136 -32.52 10.22 -22.88
C HIS C 136 -32.91 11.49 -22.14
N GLU C 137 -33.33 11.38 -20.88
CA GLU C 137 -33.74 12.55 -20.12
C GLU C 137 -32.56 13.38 -19.62
N ARG C 138 -31.41 12.76 -19.38
CA ARG C 138 -30.24 13.50 -18.89
C ARG C 138 -29.01 13.04 -19.66
N HIS C 139 -28.12 13.98 -19.96
CA HIS C 139 -26.95 13.70 -20.78
C HIS C 139 -25.68 13.85 -19.94
N LEU C 140 -24.64 13.14 -20.36
CA LEU C 140 -23.40 13.04 -19.61
C LEU C 140 -22.86 14.42 -19.24
N ARG C 141 -22.51 14.59 -17.97
CA ARG C 141 -21.82 15.78 -17.48
C ARG C 141 -20.35 15.69 -17.87
N GLN C 142 -20.08 15.94 -19.15
CA GLN C 142 -18.73 15.84 -19.70
C GLN C 142 -17.66 16.51 -18.84
N PRO C 143 -17.87 17.71 -18.26
CA PRO C 143 -16.84 18.26 -17.36
C PRO C 143 -16.77 17.53 -16.03
N GLU C 144 -16.07 16.40 -16.03
CA GLU C 144 -15.80 15.64 -14.82
C GLU C 144 -14.50 14.89 -15.06
N HIS C 145 -13.44 15.31 -14.39
CA HIS C 145 -12.12 14.69 -14.50
C HIS C 145 -11.55 14.30 -13.16
N LYS C 146 -12.30 14.46 -12.07
CA LYS C 146 -11.78 14.12 -10.76
C LYS C 146 -11.75 12.60 -10.56
N VAL C 147 -12.85 11.93 -10.91
CA VAL C 147 -12.84 10.47 -10.87
C VAL C 147 -12.67 9.91 -12.28
N LEU C 148 -13.25 10.58 -13.28
CA LEU C 148 -13.25 10.04 -14.63
C LEU C 148 -11.85 10.01 -15.25
N GLN C 149 -11.09 11.09 -15.12
CA GLN C 149 -9.73 11.09 -15.67
C GLN C 149 -8.85 10.07 -14.95
N GLN C 150 -8.97 9.99 -13.63
CA GLN C 150 -8.18 9.02 -12.88
C GLN C 150 -8.50 7.59 -13.34
N LEU C 151 -9.76 7.33 -13.69
CA LEU C 151 -10.13 6.00 -14.15
C LEU C 151 -9.63 5.74 -15.58
N ARG C 152 -9.89 6.67 -16.51
CA ARG C 152 -9.45 6.45 -17.90
C ARG C 152 -7.94 6.36 -18.00
N SER C 153 -7.21 7.00 -17.06
CA SER C 153 -5.77 6.81 -17.00
C SER C 153 -5.43 5.43 -16.48
N ARG C 154 -6.10 4.98 -15.41
CA ARG C 154 -5.80 3.65 -14.87
C ARG C 154 -6.33 2.55 -15.77
N GLY C 155 -7.43 2.82 -16.47
CA GLY C 155 -8.00 1.84 -17.39
C GLY C 155 -8.90 0.81 -16.75
N ASP C 156 -9.52 1.12 -15.61
CA ASP C 156 -10.41 0.16 -14.97
C ASP C 156 -11.75 0.14 -15.69
N ASN C 157 -12.63 -0.74 -15.22
CA ASN C 157 -14.00 -0.82 -15.68
C ASN C 157 -14.92 -0.34 -14.55
N VAL C 158 -16.03 0.29 -14.92
CA VAL C 158 -16.97 0.81 -13.92
C VAL C 158 -18.37 0.31 -14.25
N TYR C 159 -19.06 -0.20 -13.23
CA TYR C 159 -20.37 -0.81 -13.32
C TYR C 159 -21.29 -0.09 -12.34
N VAL C 160 -22.59 -0.27 -12.54
CA VAL C 160 -23.59 0.30 -11.65
C VAL C 160 -24.34 -0.83 -10.98
N VAL C 161 -24.56 -0.69 -9.68
CA VAL C 161 -25.35 -1.69 -8.98
C VAL C 161 -26.78 -1.55 -9.46
N THR C 162 -27.32 -2.63 -10.02
CA THR C 162 -28.67 -2.62 -10.59
C THR C 162 -29.65 -3.43 -9.75
N GLU C 163 -29.17 -4.20 -8.79
CA GLU C 163 -30.05 -4.97 -7.90
C GLU C 163 -29.26 -5.26 -6.64
N VAL C 164 -29.92 -5.23 -5.49
CA VAL C 164 -29.25 -5.47 -4.22
C VAL C 164 -30.06 -6.48 -3.41
N LEU C 165 -29.36 -7.27 -2.59
CA LEU C 165 -29.99 -8.27 -1.73
C LEU C 165 -29.51 -8.06 -0.29
N GLN C 166 -30.40 -7.60 0.58
CA GLN C 166 -30.06 -7.36 1.98
C GLN C 166 -31.09 -8.04 2.89
N THR C 167 -30.88 -7.91 4.21
CA THR C 167 -31.82 -8.39 5.22
C THR C 167 -32.14 -7.28 6.21
N GLN C 168 -33.40 -7.19 6.62
CA GLN C 168 -33.78 -6.36 7.78
C GLN C 168 -34.02 -7.22 9.01
N LYS C 169 -32.93 -7.81 9.51
CA LYS C 169 -33.01 -8.63 10.72
C LYS C 169 -31.67 -8.60 11.45
N GLU C 170 -31.74 -8.77 12.77
CA GLU C 170 -30.55 -8.75 13.63
C GLU C 170 -30.17 -10.18 14.01
N VAL C 171 -29.22 -10.75 13.27
CA VAL C 171 -28.77 -12.13 13.43
C VAL C 171 -27.44 -12.16 14.17
N GLU C 172 -27.26 -13.18 15.01
CA GLU C 172 -26.05 -13.34 15.80
C GLU C 172 -25.49 -14.74 15.61
N VAL C 173 -24.19 -14.88 15.88
CA VAL C 173 -23.47 -16.14 15.74
C VAL C 173 -22.50 -16.33 16.89
N LYS C 205 -16.69 -14.63 20.99
CA LYS C 205 -17.78 -13.65 21.06
C LYS C 205 -18.63 -13.71 19.80
N THR C 206 -19.83 -13.13 19.88
CA THR C 206 -20.80 -13.15 18.80
C THR C 206 -20.92 -11.76 18.17
N VAL C 207 -21.80 -11.64 17.17
CA VAL C 207 -21.94 -10.42 16.38
C VAL C 207 -23.39 -9.94 16.38
N THR C 208 -23.58 -8.72 15.86
CA THR C 208 -24.87 -8.02 15.80
C THR C 208 -25.05 -7.47 14.37
N ILE C 209 -25.54 -8.30 13.46
CA ILE C 209 -25.68 -7.88 12.07
C ILE C 209 -26.93 -7.02 11.94
N PRO C 210 -26.76 -5.74 11.63
CA PRO C 210 -27.89 -4.80 11.66
C PRO C 210 -28.81 -4.96 10.47
N SER C 211 -29.96 -4.29 10.58
CA SER C 211 -30.91 -4.21 9.48
C SER C 211 -30.30 -3.46 8.30
N GLY C 212 -30.73 -3.84 7.10
CA GLY C 212 -30.25 -3.24 5.88
C GLY C 212 -28.86 -3.65 5.45
N SER C 213 -28.22 -4.61 6.12
CA SER C 213 -26.90 -5.04 5.71
C SER C 213 -26.96 -5.77 4.37
N THR C 214 -26.15 -5.32 3.41
CA THR C 214 -26.17 -5.84 2.04
C THR C 214 -25.34 -7.13 1.93
N LEU C 215 -25.96 -8.19 1.42
CA LEU C 215 -25.30 -9.48 1.25
C LEU C 215 -24.87 -9.76 -0.18
N ALA C 216 -25.60 -9.26 -1.17
CA ALA C 216 -25.25 -9.48 -2.57
C ALA C 216 -25.91 -8.40 -3.41
N PHE C 217 -25.64 -8.44 -4.71
CA PHE C 217 -26.12 -7.41 -5.62
C PHE C 217 -25.87 -7.88 -7.05
N ARG C 218 -26.23 -7.02 -8.00
CA ARG C 218 -26.01 -7.28 -9.41
C ARG C 218 -25.54 -5.98 -10.06
N VAL C 219 -24.74 -6.12 -11.12
CA VAL C 219 -24.12 -4.96 -11.74
C VAL C 219 -24.59 -4.84 -13.18
N ALA C 220 -24.38 -3.65 -13.73
CA ALA C 220 -24.62 -3.35 -15.13
C ALA C 220 -23.49 -2.45 -15.59
N GLN C 221 -22.67 -2.95 -16.50
CA GLN C 221 -21.53 -2.20 -17.00
C GLN C 221 -22.02 -0.98 -17.78
N LEU C 222 -21.21 0.08 -17.79
CA LEU C 222 -21.45 1.23 -18.64
C LEU C 222 -20.21 1.51 -19.48
N VAL C 223 -20.44 2.15 -20.63
CA VAL C 223 -19.39 2.44 -21.61
C VAL C 223 -19.45 3.92 -21.97
N ILE C 224 -18.27 4.55 -22.09
CA ILE C 224 -18.14 5.98 -22.37
C ILE C 224 -17.04 6.23 -23.38
N ASP C 225 -17.36 6.95 -24.45
CA ASP C 225 -16.25 7.60 -25.17
C ASP C 225 -16.53 9.09 -25.36
N SER C 226 -17.77 9.45 -25.71
CA SER C 226 -18.21 10.84 -25.70
C SER C 226 -19.49 10.95 -24.89
N ASP C 227 -20.31 9.89 -24.93
CA ASP C 227 -21.55 9.79 -24.17
C ASP C 227 -21.53 8.51 -23.36
N LEU C 228 -22.65 8.17 -22.73
CA LEU C 228 -22.71 7.01 -21.86
C LEU C 228 -23.96 6.18 -22.13
N ASP C 229 -23.85 4.89 -21.83
CA ASP C 229 -24.97 3.96 -21.91
C ASP C 229 -24.68 2.80 -20.98
N VAL C 230 -25.74 2.18 -20.49
CA VAL C 230 -25.64 1.06 -19.57
C VAL C 230 -25.72 -0.24 -20.32
N LEU C 231 -25.13 -1.28 -19.74
CA LEU C 231 -25.03 -2.59 -20.38
C LEU C 231 -25.62 -3.63 -19.43
N LEU C 232 -26.96 -3.66 -19.36
CA LEU C 232 -27.64 -4.74 -18.65
C LEU C 232 -27.20 -6.10 -19.15
N PHE C 233 -26.69 -6.17 -20.39
CA PHE C 233 -26.04 -7.37 -20.87
C PHE C 233 -24.54 -7.15 -20.87
N PRO C 234 -23.87 -7.45 -19.77
CA PRO C 234 -22.43 -7.16 -19.68
C PRO C 234 -21.64 -8.11 -20.57
N ASP C 235 -21.21 -7.62 -21.72
CA ASP C 235 -20.40 -8.43 -22.62
C ASP C 235 -19.00 -8.60 -22.06
N LYS C 236 -18.46 -9.82 -22.21
CA LYS C 236 -17.15 -10.13 -21.66
C LYS C 236 -16.05 -9.30 -22.32
N LYS C 237 -16.16 -9.09 -23.64
CA LYS C 237 -15.18 -8.28 -24.36
C LYS C 237 -15.21 -6.83 -23.87
N GLN C 238 -16.39 -6.23 -23.87
CA GLN C 238 -16.55 -4.79 -23.67
C GLN C 238 -15.83 -4.27 -22.43
N ARG C 239 -15.06 -3.21 -22.64
CA ARG C 239 -14.42 -2.42 -21.60
C ARG C 239 -15.25 -1.16 -21.43
N THR C 240 -15.11 -0.50 -20.27
CA THR C 240 -15.90 0.70 -20.07
C THR C 240 -15.46 1.82 -21.02
N PHE C 241 -14.16 1.96 -21.24
CA PHE C 241 -13.62 2.95 -22.16
C PHE C 241 -12.28 2.43 -22.69
N GLN C 242 -11.77 3.12 -23.70
CA GLN C 242 -10.47 2.76 -24.26
C GLN C 242 -9.60 4.01 -24.39
N GLU C 281 -8.37 -15.64 -32.98
CA GLU C 281 -9.04 -16.14 -31.80
C GLU C 281 -8.20 -15.95 -30.53
N LEU C 282 -8.85 -16.08 -29.37
CA LEU C 282 -8.19 -15.77 -28.11
C LEU C 282 -8.12 -16.99 -27.21
N ALA C 283 -7.74 -18.13 -27.77
CA ALA C 283 -7.53 -19.37 -27.02
C ALA C 283 -8.81 -19.75 -26.25
N PHE C 284 -9.88 -19.95 -27.01
CA PHE C 284 -11.17 -20.37 -26.45
C PHE C 284 -11.03 -21.68 -25.70
N THR C 285 -11.12 -21.63 -24.37
CA THR C 285 -10.85 -22.81 -23.53
C THR C 285 -11.66 -22.68 -22.24
N GLU C 286 -12.75 -23.43 -22.14
CA GLU C 286 -13.63 -23.42 -20.98
C GLU C 286 -13.48 -24.67 -20.13
N ASP C 287 -12.48 -25.49 -20.39
CA ASP C 287 -12.31 -26.76 -19.70
C ASP C 287 -11.09 -26.68 -18.79
N PHE C 288 -10.99 -27.65 -17.88
CA PHE C 288 -9.86 -27.70 -16.95
C PHE C 288 -8.55 -27.52 -17.72
N GLN C 289 -8.43 -28.21 -18.85
CA GLN C 289 -7.25 -28.08 -19.70
C GLN C 289 -6.98 -26.63 -20.05
N GLY C 290 -8.05 -25.85 -20.27
CA GLY C 290 -7.86 -24.42 -20.49
C GLY C 290 -7.23 -23.71 -19.31
N LEU C 291 -7.69 -24.04 -18.09
CA LEU C 291 -7.05 -23.51 -16.89
C LEU C 291 -5.61 -24.00 -16.79
N ARG C 292 -5.41 -25.32 -16.94
CA ARG C 292 -4.07 -25.90 -16.95
C ARG C 292 -3.17 -25.17 -17.93
N ALA C 293 -3.62 -25.02 -19.18
CA ALA C 293 -2.83 -24.36 -20.21
C ALA C 293 -2.50 -22.94 -19.79
N GLU C 294 -3.52 -22.20 -19.32
CA GLU C 294 -3.31 -20.82 -18.91
C GLU C 294 -2.30 -20.71 -17.77
N VAL C 295 -2.50 -21.48 -16.70
CA VAL C 295 -1.56 -21.47 -15.58
C VAL C 295 -0.15 -21.82 -16.05
N GLU C 296 -0.03 -22.84 -16.91
CA GLU C 296 1.27 -23.22 -17.45
C GLU C 296 1.95 -22.04 -18.14
N THR C 297 1.21 -21.33 -19.01
CA THR C 297 1.78 -20.18 -19.71
C THR C 297 2.32 -19.15 -18.73
N ILE C 298 1.61 -18.94 -17.61
CA ILE C 298 2.10 -18.02 -16.59
C ILE C 298 3.34 -18.60 -15.91
N SER C 299 3.32 -19.90 -15.61
CA SER C 299 4.44 -20.56 -14.93
C SER C 299 5.70 -20.57 -15.79
N LYS C 300 5.56 -20.81 -17.11
CA LYS C 300 6.72 -20.82 -17.99
C LYS C 300 7.47 -19.51 -17.96
N GLU C 301 6.79 -18.42 -17.59
CA GLU C 301 7.39 -17.13 -17.38
C GLU C 301 7.93 -16.97 -15.95
N LEU C 302 8.12 -18.07 -15.22
CA LEU C 302 8.69 -17.97 -13.88
C LEU C 302 9.89 -18.89 -13.65
N GLU C 303 9.93 -20.06 -14.31
CA GLU C 303 11.14 -20.87 -14.17
C GLU C 303 12.30 -20.36 -15.00
N LEU C 304 12.12 -19.22 -15.68
CA LEU C 304 13.18 -18.57 -16.42
C LEU C 304 13.79 -17.43 -15.62
N LEU C 305 13.48 -17.37 -14.32
CA LEU C 305 14.02 -16.38 -13.40
C LEU C 305 15.21 -16.94 -12.64
N ASP C 306 15.90 -16.07 -11.93
CA ASP C 306 17.07 -16.44 -11.14
C ASP C 306 16.61 -17.12 -9.86
N ARG C 307 17.12 -18.34 -9.60
CA ARG C 307 16.68 -19.08 -8.41
C ARG C 307 16.82 -18.22 -7.15
N GLU C 308 17.94 -17.51 -7.00
CA GLU C 308 18.08 -16.61 -5.85
C GLU C 308 16.95 -15.60 -5.81
N LEU C 309 16.66 -14.97 -6.94
CA LEU C 309 15.52 -14.05 -7.03
C LEU C 309 14.20 -14.76 -6.71
N CYS C 310 14.04 -16.00 -7.18
CA CYS C 310 12.83 -16.75 -6.88
C CYS C 310 12.66 -16.98 -5.38
N GLN C 311 13.72 -17.42 -4.70
CA GLN C 311 13.64 -17.65 -3.26
C GLN C 311 13.37 -16.34 -2.52
N LEU C 312 14.03 -15.25 -2.93
CA LEU C 312 13.77 -13.95 -2.34
C LEU C 312 12.32 -13.54 -2.53
N LEU C 313 11.78 -13.75 -3.73
CA LEU C 313 10.37 -13.45 -3.96
C LEU C 313 9.47 -14.33 -3.09
N LEU C 314 9.78 -15.63 -3.04
CA LEU C 314 8.96 -16.56 -2.25
C LEU C 314 8.93 -16.15 -0.79
N GLU C 315 10.08 -15.76 -0.23
CA GLU C 315 10.13 -15.34 1.17
C GLU C 315 9.32 -14.07 1.37
N GLY C 316 9.44 -13.12 0.44
CA GLY C 316 8.57 -11.95 0.47
C GLY C 316 7.10 -12.34 0.46
N LEU C 317 6.72 -13.28 -0.39
CA LEU C 317 5.32 -13.72 -0.48
C LEU C 317 4.84 -14.31 0.83
N GLU C 318 5.61 -15.25 1.39
CA GLU C 318 5.29 -15.83 2.69
C GLU C 318 5.01 -14.76 3.72
N GLY C 319 5.89 -13.76 3.83
CA GLY C 319 5.63 -12.65 4.72
C GLY C 319 4.37 -11.88 4.38
N VAL C 320 4.09 -11.72 3.07
CA VAL C 320 2.92 -10.95 2.63
C VAL C 320 1.62 -11.66 3.01
N LEU C 321 1.57 -12.99 2.88
CA LEU C 321 0.32 -13.72 3.11
C LEU C 321 -0.18 -13.53 4.53
N ARG C 322 0.72 -13.47 5.50
CA ARG C 322 0.30 -13.31 6.89
C ARG C 322 -0.31 -11.94 7.20
N ASP C 323 -0.20 -10.98 6.28
CA ASP C 323 -0.68 -9.61 6.52
C ASP C 323 -1.55 -9.17 5.34
N GLN C 324 -2.86 -9.11 5.57
CA GLN C 324 -3.79 -8.72 4.52
C GLN C 324 -3.53 -7.28 4.07
N LEU C 325 -3.30 -6.37 5.02
CA LEU C 325 -3.08 -4.96 4.69
C LEU C 325 -1.86 -4.79 3.77
N ALA C 326 -0.78 -5.52 4.04
CA ALA C 326 0.41 -5.44 3.20
C ALA C 326 0.11 -5.88 1.77
N LEU C 327 -0.62 -6.99 1.61
CA LEU C 327 -1.00 -7.44 0.28
C LEU C 327 -1.83 -6.39 -0.44
N ARG C 328 -2.86 -5.87 0.23
CA ARG C 328 -3.68 -4.82 -0.37
C ARG C 328 -2.81 -3.63 -0.77
N ALA C 329 -1.92 -3.18 0.13
CA ALA C 329 -1.04 -2.06 -0.19
C ALA C 329 -0.13 -2.39 -1.37
N LEU C 330 0.47 -3.58 -1.38
CA LEU C 330 1.36 -3.96 -2.48
C LEU C 330 0.62 -3.95 -3.81
N GLU C 331 -0.63 -4.42 -3.81
CA GLU C 331 -1.43 -4.42 -5.03
C GLU C 331 -1.69 -2.99 -5.51
N GLU C 332 -1.96 -2.06 -4.58
CA GLU C 332 -2.30 -0.69 -4.96
C GLU C 332 -1.09 0.02 -5.56
N ALA C 333 0.08 -0.11 -4.93
CA ALA C 333 1.29 0.52 -5.44
C ALA C 333 1.63 0.03 -6.84
N LEU C 334 1.40 -1.25 -7.11
CA LEU C 334 1.74 -1.87 -8.39
C LEU C 334 0.44 -2.17 -9.12
N GLU C 335 -0.01 -1.19 -9.89
CA GLU C 335 -1.23 -1.33 -10.67
C GLU C 335 -0.93 -2.14 -11.93
N GLN C 336 -1.83 -2.08 -12.91
CA GLN C 336 -1.68 -2.82 -14.16
C GLN C 336 -0.70 -2.20 -15.15
N GLY C 337 0.47 -1.79 -14.68
CA GLY C 337 1.43 -1.16 -15.56
C GLY C 337 1.23 0.33 -15.79
N GLN C 338 0.30 0.95 -15.08
CA GLN C 338 -0.07 2.32 -15.38
C GLN C 338 0.97 3.36 -14.95
N SER C 339 1.47 3.28 -13.73
CA SER C 339 2.29 4.40 -13.25
C SER C 339 3.59 4.47 -14.05
N LEU C 340 3.61 5.38 -15.03
CA LEU C 340 4.80 5.57 -15.85
C LEU C 340 5.98 6.03 -15.01
N GLY C 341 5.71 6.74 -13.91
CA GLY C 341 6.73 7.23 -13.02
C GLY C 341 7.16 6.14 -12.08
N PRO C 342 8.42 6.17 -11.65
CA PRO C 342 8.92 5.12 -10.75
C PRO C 342 8.07 5.04 -9.49
N VAL C 343 7.58 3.83 -9.22
CA VAL C 343 6.72 3.60 -8.08
C VAL C 343 7.50 3.80 -6.79
N GLU C 344 6.85 4.41 -5.80
CA GLU C 344 7.51 4.67 -4.54
C GLU C 344 7.85 3.36 -3.86
N PRO C 345 9.10 3.14 -3.45
CA PRO C 345 9.44 1.89 -2.81
C PRO C 345 8.63 1.72 -1.54
N LEU C 346 8.34 0.47 -1.20
CA LEU C 346 7.51 0.20 -0.05
C LEU C 346 8.32 -0.45 1.06
N ASP C 347 7.80 -0.30 2.27
CA ASP C 347 8.42 -0.89 3.45
C ASP C 347 7.81 -2.28 3.71
N GLY C 348 8.46 -3.04 4.58
CA GLY C 348 7.93 -4.30 4.99
C GLY C 348 8.08 -5.38 3.94
N PRO C 349 7.41 -6.52 4.14
CA PRO C 349 7.47 -7.60 3.14
C PRO C 349 6.86 -7.22 1.81
N ALA C 350 5.95 -6.24 1.78
CA ALA C 350 5.41 -5.78 0.50
C ALA C 350 6.49 -5.11 -0.34
N GLY C 351 7.25 -4.19 0.26
CA GLY C 351 8.38 -3.60 -0.45
C GLY C 351 9.49 -4.59 -0.72
N ALA C 352 9.65 -5.59 0.14
CA ALA C 352 10.61 -6.66 -0.13
C ALA C 352 10.22 -7.42 -1.39
N VAL C 353 8.92 -7.51 -1.68
CA VAL C 353 8.49 -8.08 -2.96
C VAL C 353 8.70 -7.08 -4.09
N LEU C 354 8.39 -5.81 -3.83
CA LEU C 354 8.56 -4.78 -4.85
C LEU C 354 10.03 -4.59 -5.21
N GLU C 355 10.96 -4.89 -4.30
CA GLU C 355 12.37 -4.80 -4.63
C GLU C 355 12.75 -5.79 -5.73
N CYS C 356 12.02 -6.90 -5.86
CA CYS C 356 12.31 -7.88 -6.88
C CYS C 356 11.74 -7.50 -8.25
N LEU C 357 10.71 -6.66 -8.30
CA LEU C 357 10.03 -6.35 -9.55
C LEU C 357 10.43 -5.01 -10.16
N VAL C 358 11.36 -4.27 -9.55
CA VAL C 358 11.76 -2.97 -10.06
C VAL C 358 13.24 -3.01 -10.40
N LEU C 359 13.71 -1.93 -10.98
CA LEU C 359 15.10 -1.77 -11.37
C LEU C 359 15.77 -0.80 -10.40
N SER C 360 17.03 -0.47 -10.69
CA SER C 360 17.74 0.50 -9.86
C SER C 360 17.02 1.85 -9.83
N SER C 361 16.46 2.26 -10.97
CA SER C 361 15.74 3.53 -11.04
C SER C 361 14.41 3.52 -10.28
N GLY C 362 13.82 2.34 -10.08
CA GLY C 362 12.51 2.24 -9.48
C GLY C 362 11.40 1.95 -10.48
N MET C 363 11.74 1.85 -11.77
CA MET C 363 10.77 1.54 -12.80
C MET C 363 10.34 0.07 -12.71
N LEU C 364 9.13 -0.20 -13.19
CA LEU C 364 8.60 -1.55 -13.15
C LEU C 364 8.99 -2.30 -14.41
N VAL C 365 9.07 -3.63 -14.28
CA VAL C 365 9.39 -4.48 -15.40
C VAL C 365 8.14 -5.30 -15.72
N PRO C 366 7.42 -5.01 -16.81
CA PRO C 366 6.22 -5.80 -17.15
C PRO C 366 6.52 -7.28 -17.29
N GLU C 367 7.71 -7.63 -17.76
CA GLU C 367 8.09 -9.02 -17.95
C GLU C 367 7.96 -9.82 -16.65
N LEU C 368 8.37 -9.22 -15.54
CA LEU C 368 8.18 -9.84 -14.24
C LEU C 368 6.87 -9.42 -13.58
N ALA C 369 6.36 -8.24 -13.91
CA ALA C 369 5.15 -7.75 -13.25
C ALA C 369 3.93 -8.56 -13.68
N ILE C 370 3.75 -8.76 -14.99
CA ILE C 370 2.57 -9.46 -15.48
C ILE C 370 2.35 -10.80 -14.78
N PRO C 371 3.35 -11.69 -14.67
CA PRO C 371 3.12 -12.91 -13.89
C PRO C 371 2.80 -12.66 -12.43
N VAL C 372 3.39 -11.63 -11.81
CA VAL C 372 3.10 -11.33 -10.41
C VAL C 372 1.67 -10.84 -10.25
N VAL C 373 1.21 -9.99 -11.18
CA VAL C 373 -0.18 -9.55 -11.14
C VAL C 373 -1.12 -10.74 -11.26
N TYR C 374 -0.74 -11.73 -12.06
CA TYR C 374 -1.54 -12.96 -12.17
C TYR C 374 -1.72 -13.64 -10.82
N LEU C 375 -0.61 -13.92 -10.13
CA LEU C 375 -0.70 -14.60 -8.84
C LEU C 375 -1.47 -13.78 -7.82
N LEU C 376 -1.31 -12.45 -7.85
CA LEU C 376 -2.11 -11.60 -6.97
C LEU C 376 -3.59 -11.79 -7.23
N GLY C 377 -4.00 -11.73 -8.49
CA GLY C 377 -5.38 -12.02 -8.82
C GLY C 377 -5.82 -13.37 -8.29
N ALA C 378 -4.98 -14.40 -8.45
CA ALA C 378 -5.26 -15.70 -7.85
C ALA C 378 -5.31 -15.61 -6.34
N LEU C 379 -4.50 -14.75 -5.75
CA LEU C 379 -4.51 -14.58 -4.30
C LEU C 379 -5.58 -13.61 -3.83
N THR C 380 -5.91 -12.58 -4.63
CA THR C 380 -6.96 -11.65 -4.20
C THR C 380 -8.33 -12.31 -4.12
N MET C 381 -8.57 -13.36 -4.92
CA MET C 381 -9.83 -14.09 -4.80
C MET C 381 -9.86 -14.93 -3.54
N LEU C 382 -8.71 -15.37 -3.07
CA LEU C 382 -8.65 -16.26 -1.93
C LEU C 382 -8.92 -15.49 -0.63
N SER C 383 -9.21 -16.24 0.42
CA SER C 383 -9.52 -15.67 1.71
C SER C 383 -8.28 -15.54 2.60
N GLU C 384 -8.45 -14.83 3.70
CA GLU C 384 -7.35 -14.62 4.65
C GLU C 384 -6.90 -15.95 5.24
N THR C 385 -7.86 -16.76 5.70
CA THR C 385 -7.52 -18.10 6.19
C THR C 385 -6.79 -18.89 5.11
N GLN C 386 -7.22 -18.76 3.86
CA GLN C 386 -6.51 -19.41 2.75
C GLN C 386 -5.13 -18.79 2.54
N HIS C 387 -5.00 -17.47 2.76
CA HIS C 387 -3.70 -16.82 2.66
C HIS C 387 -2.71 -17.41 3.66
N LYS C 388 -3.12 -17.49 4.92
CA LYS C 388 -2.26 -18.05 5.97
C LYS C 388 -1.91 -19.50 5.66
N LEU C 389 -2.89 -20.29 5.23
CA LEU C 389 -2.62 -21.69 4.89
C LEU C 389 -1.63 -21.80 3.75
N LEU C 390 -1.70 -20.88 2.78
CA LEU C 390 -0.76 -20.90 1.66
C LEU C 390 0.66 -20.56 2.13
N ALA C 391 0.79 -19.60 3.05
CA ALA C 391 2.10 -19.29 3.61
C ALA C 391 2.68 -20.49 4.34
N GLU C 392 1.84 -21.25 5.04
CA GLU C 392 2.30 -22.49 5.68
C GLU C 392 2.80 -23.49 4.64
N ALA C 393 2.05 -23.65 3.54
CA ALA C 393 2.48 -24.58 2.49
C ALA C 393 3.80 -24.15 1.88
N LEU C 394 4.10 -22.85 1.91
CA LEU C 394 5.40 -22.37 1.45
C LEU C 394 6.50 -22.74 2.44
N GLU C 395 6.25 -22.54 3.74
CA GLU C 395 7.26 -22.85 4.75
C GLU C 395 7.50 -24.34 4.92
N SER C 396 6.48 -25.17 4.75
CA SER C 396 6.61 -26.61 4.90
C SER C 396 6.80 -27.33 3.58
N GLN C 397 6.77 -26.60 2.45
CA GLN C 397 7.02 -27.13 1.13
C GLN C 397 5.97 -28.14 0.69
N THR C 398 4.82 -28.17 1.37
CA THR C 398 3.70 -29.04 1.04
C THR C 398 2.73 -28.29 0.13
N LEU C 399 3.21 -27.98 -1.06
CA LEU C 399 2.46 -27.17 -2.01
C LEU C 399 1.90 -27.99 -3.16
N LEU C 400 2.07 -29.30 -3.13
CA LEU C 400 1.60 -30.18 -4.19
C LEU C 400 0.44 -31.08 -3.78
N GLY C 401 0.35 -31.44 -2.51
CA GLY C 401 -0.72 -32.29 -2.03
C GLY C 401 -2.11 -31.73 -2.28
N PRO C 402 -2.39 -30.55 -1.73
CA PRO C 402 -3.68 -29.90 -2.02
C PRO C 402 -3.86 -29.55 -3.50
N LEU C 403 -2.77 -29.30 -4.21
CA LEU C 403 -2.85 -28.96 -5.63
C LEU C 403 -3.50 -30.09 -6.43
N GLU C 404 -2.90 -31.28 -6.39
CA GLU C 404 -3.43 -32.42 -7.14
C GLU C 404 -4.89 -32.68 -6.79
N LEU C 405 -5.23 -32.57 -5.50
CA LEU C 405 -6.60 -32.79 -5.05
C LEU C 405 -7.57 -31.80 -5.70
N VAL C 406 -7.29 -30.50 -5.57
CA VAL C 406 -8.17 -29.49 -6.14
C VAL C 406 -8.29 -29.69 -7.65
N GLY C 407 -7.19 -30.08 -8.30
CA GLY C 407 -7.24 -30.34 -9.73
C GLY C 407 -8.18 -31.48 -10.08
N SER C 408 -8.02 -32.62 -9.41
CA SER C 408 -8.85 -33.79 -9.73
C SER C 408 -10.32 -33.51 -9.46
N LEU C 409 -10.62 -32.69 -8.46
CA LEU C 409 -12.00 -32.30 -8.22
C LEU C 409 -12.54 -31.48 -9.39
N LEU C 410 -11.74 -30.51 -9.86
CA LEU C 410 -12.16 -29.66 -10.96
C LEU C 410 -12.29 -30.43 -12.27
N GLU C 411 -11.43 -31.43 -12.52
CA GLU C 411 -11.58 -32.19 -13.77
C GLU C 411 -12.86 -33.00 -13.76
N GLN C 412 -13.21 -33.63 -12.63
CA GLN C 412 -14.48 -34.34 -12.56
C GLN C 412 -15.66 -33.39 -12.44
N SER C 413 -15.41 -32.11 -12.21
CA SER C 413 -16.46 -31.12 -12.05
C SER C 413 -16.69 -30.31 -13.31
N ALA C 414 -16.11 -30.72 -14.44
CA ALA C 414 -16.37 -30.03 -15.69
C ALA C 414 -17.67 -30.53 -16.31
N PRO C 415 -18.54 -29.63 -16.79
CA PRO C 415 -18.42 -28.17 -16.75
C PRO C 415 -18.80 -27.60 -15.38
N TRP C 416 -18.28 -26.43 -15.03
CA TRP C 416 -18.45 -25.87 -13.68
C TRP C 416 -19.74 -25.08 -13.52
N GLN C 417 -20.91 -25.67 -13.81
CA GLN C 417 -22.16 -24.95 -13.65
C GLN C 417 -23.34 -25.87 -13.33
N GLU C 418 -23.09 -27.14 -13.02
CA GLU C 418 -24.13 -28.08 -12.64
C GLU C 418 -23.63 -28.92 -11.48
N ARG C 419 -24.37 -28.87 -10.38
CA ARG C 419 -24.05 -29.61 -9.17
C ARG C 419 -23.87 -31.10 -9.44
N SER C 420 -22.68 -31.62 -9.15
CA SER C 420 -22.36 -33.03 -9.33
C SER C 420 -21.46 -33.49 -8.19
N THR C 421 -21.83 -34.60 -7.57
CA THR C 421 -21.07 -35.13 -6.44
C THR C 421 -19.70 -35.64 -6.87
N MET C 422 -18.69 -35.39 -6.05
CA MET C 422 -17.34 -35.84 -6.30
C MET C 422 -17.02 -37.03 -5.40
N SER C 423 -15.89 -37.68 -5.70
CA SER C 423 -15.51 -38.93 -5.06
C SER C 423 -14.20 -38.86 -4.28
N LEU C 424 -13.12 -38.42 -4.94
CA LEU C 424 -11.72 -38.65 -4.56
C LEU C 424 -11.45 -38.50 -3.07
N PRO C 425 -10.84 -39.50 -2.44
CA PRO C 425 -10.52 -39.38 -1.01
C PRO C 425 -9.12 -38.80 -0.82
N PRO C 426 -8.92 -38.01 0.24
CA PRO C 426 -7.58 -37.47 0.54
C PRO C 426 -6.66 -38.45 1.25
N GLY C 427 -7.23 -39.28 2.12
CA GLY C 427 -6.41 -40.26 2.83
C GLY C 427 -5.77 -41.25 1.89
N LEU C 428 -6.54 -41.75 0.91
CA LEU C 428 -5.97 -42.60 -0.12
C LEU C 428 -4.90 -41.86 -0.91
N LEU C 429 -5.12 -40.57 -1.15
CA LEU C 429 -4.17 -39.70 -1.86
C LEU C 429 -3.04 -39.18 -0.97
N GLY C 430 -2.89 -39.73 0.23
CA GLY C 430 -1.74 -39.49 1.10
C GLY C 430 -1.93 -38.44 2.18
N ASN C 431 -2.88 -37.52 2.03
CA ASN C 431 -3.07 -36.52 3.08
C ASN C 431 -3.83 -37.10 4.26
N SER C 432 -3.51 -36.60 5.46
CA SER C 432 -4.30 -36.91 6.63
C SER C 432 -5.56 -36.07 6.63
N TRP C 433 -6.68 -36.67 6.96
CA TRP C 433 -7.97 -35.99 6.88
C TRP C 433 -8.56 -35.81 8.28
N GLY C 434 -9.78 -35.31 8.32
CA GLY C 434 -10.44 -34.95 9.57
C GLY C 434 -10.59 -33.45 9.66
N GLU C 435 -11.78 -33.00 10.07
CA GLU C 435 -12.08 -31.59 10.18
C GLU C 435 -11.05 -30.88 11.06
N GLY C 436 -10.35 -29.91 10.47
CA GLY C 436 -9.23 -29.25 11.10
C GLY C 436 -7.91 -29.43 10.37
N ALA C 437 -7.77 -30.49 9.58
CA ALA C 437 -6.57 -30.70 8.78
C ALA C 437 -6.43 -29.60 7.72
N PRO C 438 -5.20 -29.28 7.31
CA PRO C 438 -5.02 -28.18 6.33
C PRO C 438 -5.80 -28.36 5.05
N ALA C 439 -5.85 -29.57 4.51
CA ALA C 439 -6.60 -29.81 3.27
C ALA C 439 -8.09 -29.56 3.46
N TRP C 440 -8.64 -29.97 4.60
CA TRP C 440 -10.05 -29.72 4.90
C TRP C 440 -10.36 -28.22 4.90
N VAL C 441 -9.63 -27.45 5.71
CA VAL C 441 -9.93 -26.03 5.89
C VAL C 441 -9.80 -25.27 4.57
N LEU C 442 -8.79 -25.61 3.76
CA LEU C 442 -8.65 -24.99 2.45
C LEU C 442 -9.91 -25.20 1.60
N LEU C 443 -10.36 -26.45 1.48
CA LEU C 443 -11.55 -26.75 0.70
C LEU C 443 -12.79 -26.10 1.28
N ASP C 444 -12.96 -26.15 2.61
CA ASP C 444 -14.16 -25.58 3.24
C ASP C 444 -14.29 -24.08 2.99
N GLU C 445 -13.17 -23.37 2.91
CA GLU C 445 -13.22 -21.94 2.61
C GLU C 445 -13.78 -21.68 1.22
N CYS C 446 -13.56 -22.60 0.27
CA CYS C 446 -14.16 -22.46 -1.05
C CYS C 446 -15.68 -22.50 -0.96
N GLY C 447 -16.22 -23.16 0.06
CA GLY C 447 -17.65 -23.14 0.30
C GLY C 447 -18.32 -24.50 0.20
N LEU C 448 -17.53 -25.56 0.22
CA LEU C 448 -18.05 -26.91 0.04
C LEU C 448 -18.20 -27.63 1.38
N GLU C 449 -19.33 -28.32 1.55
CA GLU C 449 -19.57 -29.11 2.75
C GLU C 449 -18.98 -30.50 2.64
N LEU C 450 -18.25 -30.89 3.68
CA LEU C 450 -17.54 -32.16 3.72
C LEU C 450 -18.19 -33.11 4.72
N GLY C 451 -17.90 -34.39 4.53
CA GLY C 451 -18.36 -35.45 5.43
C GLY C 451 -17.28 -36.49 5.63
N GLU C 452 -17.62 -37.63 6.24
CA GLU C 452 -16.62 -38.67 6.46
C GLU C 452 -16.71 -39.81 5.45
N ASP C 453 -17.81 -39.93 4.72
CA ASP C 453 -17.96 -40.97 3.72
C ASP C 453 -18.21 -40.35 2.35
N THR C 454 -18.37 -41.22 1.35
CA THR C 454 -18.54 -41.00 -0.08
C THR C 454 -20.02 -41.12 -0.46
N PRO C 455 -20.60 -40.22 -1.26
CA PRO C 455 -19.95 -39.11 -1.97
C PRO C 455 -19.39 -38.08 -1.00
N HIS C 456 -18.10 -37.81 -1.11
CA HIS C 456 -17.45 -36.93 -0.13
C HIS C 456 -18.02 -35.52 -0.21
N VAL C 457 -17.82 -34.87 -1.34
CA VAL C 457 -18.22 -33.49 -1.51
C VAL C 457 -19.18 -33.39 -2.68
N CYS C 458 -20.14 -32.49 -2.56
CA CYS C 458 -20.98 -32.11 -3.67
C CYS C 458 -20.46 -30.76 -4.15
N TRP C 459 -20.53 -30.53 -5.47
CA TRP C 459 -19.91 -29.37 -6.10
C TRP C 459 -20.95 -28.30 -6.35
N GLU C 460 -20.59 -27.08 -6.02
CA GLU C 460 -21.44 -25.93 -6.21
C GLU C 460 -20.88 -25.02 -7.29
N PRO C 461 -21.74 -24.44 -8.14
CA PRO C 461 -21.21 -23.63 -9.24
C PRO C 461 -20.63 -22.31 -8.77
N GLN C 462 -21.09 -21.80 -7.62
CA GLN C 462 -20.59 -20.54 -7.10
C GLN C 462 -19.13 -20.61 -6.67
N ALA C 463 -18.61 -21.81 -6.35
CA ALA C 463 -17.22 -21.98 -5.93
C ALA C 463 -16.25 -22.02 -7.10
N GLN C 464 -16.67 -21.51 -8.26
CA GLN C 464 -15.81 -21.47 -9.44
C GLN C 464 -14.55 -20.66 -9.19
N GLY C 465 -14.71 -19.35 -8.94
CA GLY C 465 -13.60 -18.43 -8.78
C GLY C 465 -12.60 -18.85 -7.74
N ARG C 466 -13.09 -19.07 -6.51
CA ARG C 466 -12.24 -19.48 -5.40
C ARG C 466 -11.42 -20.71 -5.76
N MET C 467 -12.07 -21.76 -6.28
CA MET C 467 -11.39 -23.01 -6.56
C MET C 467 -10.31 -22.85 -7.63
N CYS C 468 -10.65 -22.26 -8.78
CA CYS C 468 -9.65 -22.06 -9.83
C CYS C 468 -8.50 -21.19 -9.37
N ALA C 469 -8.81 -20.10 -8.67
CA ALA C 469 -7.76 -19.25 -8.14
C ALA C 469 -6.89 -20.00 -7.14
N LEU C 470 -7.51 -20.83 -6.29
CA LEU C 470 -6.75 -21.68 -5.38
C LEU C 470 -5.80 -22.61 -6.14
N TYR C 471 -6.33 -23.29 -7.16
CA TYR C 471 -5.49 -24.13 -8.01
C TYR C 471 -4.35 -23.34 -8.64
N ALA C 472 -4.67 -22.16 -9.20
CA ALA C 472 -3.64 -21.35 -9.84
C ALA C 472 -2.54 -20.94 -8.86
N SER C 473 -2.94 -20.40 -7.70
CA SER C 473 -1.97 -20.03 -6.67
C SER C 473 -1.06 -21.19 -6.31
N LEU C 474 -1.65 -22.36 -6.07
CA LEU C 474 -0.86 -23.54 -5.71
C LEU C 474 0.16 -23.88 -6.79
N ALA C 475 -0.27 -23.95 -8.05
CA ALA C 475 0.63 -24.33 -9.13
C ALA C 475 1.73 -23.29 -9.33
N LEU C 476 1.47 -22.03 -9.02
CA LEU C 476 2.47 -21.00 -9.21
C LEU C 476 3.54 -21.04 -8.12
N LEU C 477 3.16 -21.29 -6.87
CA LEU C 477 4.15 -21.37 -5.80
C LEU C 477 5.00 -22.64 -5.94
N SER C 478 4.39 -23.76 -6.30
CA SER C 478 5.15 -25.00 -6.48
C SER C 478 6.24 -24.84 -7.52
N GLY C 479 5.98 -24.04 -8.57
CA GLY C 479 6.96 -23.84 -9.62
C GLY C 479 8.25 -23.18 -9.14
N LEU C 480 8.14 -22.32 -8.12
CA LEU C 480 9.25 -21.52 -7.63
C LEU C 480 10.13 -22.24 -6.61
N SER C 481 9.71 -23.39 -6.10
CA SER C 481 10.50 -24.16 -5.15
C SER C 481 11.34 -25.21 -5.88
N GLY D 3 -57.15 -21.05 -17.58
CA GLY D 3 -56.84 -20.50 -18.89
C GLY D 3 -55.35 -20.38 -19.12
N SER D 4 -54.96 -19.54 -20.09
CA SER D 4 -53.55 -19.34 -20.41
C SER D 4 -52.87 -18.37 -19.44
N ALA D 5 -53.65 -17.60 -18.68
CA ALA D 5 -53.07 -16.66 -17.73
C ALA D 5 -52.18 -17.38 -16.71
N PHE D 6 -52.63 -18.56 -16.26
CA PHE D 6 -51.87 -19.39 -15.33
C PHE D 6 -50.44 -19.66 -15.78
N GLU D 7 -50.19 -19.66 -17.09
CA GLU D 7 -48.82 -19.86 -17.55
C GLU D 7 -47.91 -18.71 -17.11
N ARG D 8 -48.31 -17.47 -17.42
CA ARG D 8 -47.47 -16.31 -17.14
C ARG D 8 -46.95 -16.29 -15.70
N VAL D 9 -47.81 -16.55 -14.72
CA VAL D 9 -47.36 -16.47 -13.32
C VAL D 9 -46.23 -17.45 -13.07
N VAL D 10 -46.40 -18.70 -13.51
CA VAL D 10 -45.33 -19.69 -13.35
C VAL D 10 -44.06 -19.21 -14.02
N ARG D 11 -44.20 -18.55 -15.17
CA ARG D 11 -43.05 -17.93 -15.82
C ARG D 11 -42.39 -16.92 -14.90
N ARG D 12 -43.16 -15.94 -14.42
CA ARG D 12 -42.59 -14.91 -13.55
C ARG D 12 -42.03 -15.52 -12.27
N VAL D 13 -42.56 -16.68 -11.85
CA VAL D 13 -41.97 -17.38 -10.71
C VAL D 13 -40.54 -17.78 -11.00
N VAL D 14 -40.32 -18.47 -12.13
CA VAL D 14 -38.97 -18.90 -12.47
C VAL D 14 -38.17 -17.77 -13.10
N GLN D 15 -38.86 -16.80 -13.72
CA GLN D 15 -38.22 -15.61 -14.26
C GLN D 15 -37.37 -14.90 -13.21
N GLU D 16 -37.99 -14.57 -12.07
CA GLU D 16 -37.30 -13.88 -10.97
C GLU D 16 -36.26 -14.75 -10.29
N LEU D 17 -36.24 -16.05 -10.59
CA LEU D 17 -35.24 -16.96 -10.01
C LEU D 17 -33.90 -16.94 -10.73
N ASP D 18 -33.78 -16.25 -11.86
CA ASP D 18 -32.51 -16.17 -12.59
C ASP D 18 -31.94 -17.56 -12.83
N HIS D 19 -32.78 -18.44 -13.38
CA HIS D 19 -32.43 -19.85 -13.58
C HIS D 19 -31.99 -20.52 -12.28
N GLY D 20 -32.77 -20.27 -11.22
CA GLY D 20 -32.50 -20.86 -9.93
C GLY D 20 -32.92 -22.32 -9.88
N GLY D 21 -31.95 -23.24 -9.87
CA GLY D 21 -32.27 -24.65 -9.88
C GLY D 21 -32.97 -25.11 -11.13
N GLU D 22 -33.17 -26.41 -11.29
CA GLU D 22 -33.90 -26.93 -12.43
C GLU D 22 -35.30 -26.33 -12.46
N PHE D 23 -36.11 -26.70 -11.45
CA PHE D 23 -37.46 -26.18 -11.26
C PHE D 23 -38.23 -26.14 -12.57
N ILE D 24 -38.51 -27.32 -13.12
CA ILE D 24 -39.23 -27.48 -14.38
C ILE D 24 -40.62 -26.86 -14.25
N PRO D 25 -41.00 -25.92 -15.10
CA PRO D 25 -42.32 -25.30 -14.95
C PRO D 25 -43.43 -26.24 -15.40
N VAL D 26 -44.57 -26.12 -14.75
CA VAL D 26 -45.73 -26.93 -15.12
C VAL D 26 -46.47 -26.28 -16.28
N THR D 27 -47.27 -27.08 -16.97
CA THR D 27 -48.07 -26.62 -18.10
C THR D 27 -49.50 -26.33 -17.69
N SER D 28 -50.20 -27.33 -17.16
CA SER D 28 -51.60 -27.23 -16.79
C SER D 28 -51.78 -27.35 -15.28
N LEU D 29 -52.96 -26.95 -14.81
CA LEU D 29 -53.27 -27.09 -13.39
C LEU D 29 -53.81 -28.49 -13.09
N GLN D 30 -54.56 -29.07 -14.03
CA GLN D 30 -54.98 -30.46 -13.89
C GLN D 30 -53.80 -31.41 -13.82
N SER D 31 -52.58 -30.91 -14.03
CA SER D 31 -51.35 -31.67 -13.91
C SER D 31 -50.57 -31.27 -12.67
N SER D 32 -50.40 -29.96 -12.46
CA SER D 32 -49.72 -29.40 -11.29
C SER D 32 -49.96 -30.18 -10.01
N THR D 33 -51.22 -30.51 -9.71
CA THR D 33 -51.50 -31.20 -8.45
C THR D 33 -50.99 -32.64 -8.48
N GLY D 34 -50.91 -33.25 -9.66
CA GLY D 34 -50.20 -34.51 -9.78
C GLY D 34 -48.82 -34.46 -9.15
N PHE D 35 -48.03 -33.46 -9.52
CA PHE D 35 -46.63 -33.32 -9.15
C PHE D 35 -46.41 -32.99 -7.68
N GLN D 36 -46.64 -33.96 -6.80
CA GLN D 36 -46.32 -33.85 -5.39
C GLN D 36 -45.04 -34.63 -5.10
N PRO D 37 -44.39 -34.41 -3.96
CA PRO D 37 -43.18 -35.18 -3.64
C PRO D 37 -43.40 -36.68 -3.80
N TYR D 38 -42.33 -37.37 -4.22
CA TYR D 38 -42.28 -38.82 -4.36
C TYR D 38 -43.23 -39.32 -5.46
N CYS D 39 -43.41 -38.55 -6.52
CA CYS D 39 -44.27 -38.93 -7.64
C CYS D 39 -43.39 -39.16 -8.85
N LEU D 40 -43.16 -40.43 -9.19
CA LEU D 40 -42.29 -40.71 -10.32
C LEU D 40 -42.87 -40.16 -11.61
N VAL D 41 -42.01 -39.54 -12.41
CA VAL D 41 -42.38 -38.99 -13.69
C VAL D 41 -41.60 -39.71 -14.78
N VAL D 42 -42.16 -39.68 -15.98
CA VAL D 42 -41.56 -40.30 -17.15
C VAL D 42 -41.26 -39.21 -18.17
N ARG D 43 -40.17 -39.37 -18.89
CA ARG D 43 -39.81 -38.46 -19.97
C ARG D 43 -39.50 -39.32 -21.17
N LYS D 44 -40.19 -39.08 -22.29
CA LYS D 44 -39.87 -39.84 -23.47
C LYS D 44 -38.42 -39.54 -23.84
N PRO D 45 -37.74 -40.45 -24.52
CA PRO D 45 -36.39 -40.13 -24.96
C PRO D 45 -36.43 -38.83 -25.74
N SER D 46 -35.44 -37.98 -25.51
CA SER D 46 -35.46 -36.63 -26.10
C SER D 46 -35.58 -36.77 -27.61
N SER D 47 -36.61 -36.15 -28.18
CA SER D 47 -36.81 -36.25 -29.63
C SER D 47 -35.59 -35.59 -30.27
N SER D 48 -35.52 -34.27 -30.20
CA SER D 48 -34.28 -33.57 -30.53
C SER D 48 -33.51 -33.30 -29.27
N TRP D 49 -32.22 -33.04 -29.46
CA TRP D 49 -31.30 -32.70 -28.38
C TRP D 49 -31.41 -31.23 -27.95
N PHE D 50 -32.47 -30.54 -28.36
CA PHE D 50 -32.63 -29.10 -28.15
C PHE D 50 -33.79 -28.72 -27.25
N TRP D 51 -34.71 -29.63 -26.98
CA TRP D 51 -35.83 -29.36 -26.10
C TRP D 51 -36.20 -30.64 -25.36
N LYS D 52 -36.50 -30.49 -24.08
CA LYS D 52 -36.87 -31.61 -23.24
C LYS D 52 -38.36 -31.84 -23.35
N PRO D 53 -38.81 -32.99 -23.84
CA PRO D 53 -40.26 -33.25 -23.88
C PRO D 53 -40.82 -33.17 -22.47
N ARG D 54 -42.03 -32.61 -22.37
CA ARG D 54 -42.64 -32.37 -21.07
C ARG D 54 -42.64 -33.65 -20.23
N TYR D 55 -42.51 -33.46 -18.92
CA TYR D 55 -42.54 -34.59 -17.99
C TYR D 55 -43.98 -34.94 -17.69
N LYS D 56 -44.42 -36.09 -18.18
CA LYS D 56 -45.73 -36.60 -17.85
C LYS D 56 -45.64 -37.53 -16.65
N CYS D 57 -46.68 -37.54 -15.85
CA CYS D 57 -46.71 -38.36 -14.64
C CYS D 57 -47.35 -39.71 -14.94
N VAL D 58 -47.01 -40.69 -14.11
CA VAL D 58 -47.54 -42.04 -14.23
C VAL D 58 -48.58 -42.33 -13.16
N ASN D 59 -48.96 -41.31 -12.38
CA ASN D 59 -49.99 -41.42 -11.34
C ASN D 59 -49.69 -42.54 -10.35
N LEU D 60 -48.55 -42.39 -9.68
CA LEU D 60 -48.15 -43.32 -8.63
C LEU D 60 -47.00 -42.73 -7.84
N SER D 61 -46.81 -43.25 -6.63
CA SER D 61 -45.78 -42.80 -5.71
C SER D 61 -44.61 -43.78 -5.80
N ILE D 62 -43.67 -43.68 -4.85
CA ILE D 62 -42.49 -44.53 -4.85
C ILE D 62 -42.50 -45.54 -3.71
N LYS D 63 -43.40 -45.41 -2.74
CA LYS D 63 -43.45 -46.38 -1.66
C LYS D 63 -43.95 -47.75 -2.12
N ASP D 64 -44.83 -47.79 -3.11
CA ASP D 64 -45.33 -49.04 -3.69
C ASP D 64 -44.31 -49.74 -4.58
N ILE D 65 -43.09 -49.19 -4.75
CA ILE D 65 -42.12 -49.79 -5.67
C ILE D 65 -41.06 -50.62 -4.95
N LEU D 66 -40.97 -50.55 -3.63
CA LEU D 66 -40.03 -51.39 -2.89
C LEU D 66 -40.78 -52.47 -2.13
N GLU D 67 -40.04 -53.23 -1.32
CA GLU D 67 -40.64 -54.40 -0.67
C GLU D 67 -41.76 -54.02 0.29
N PRO D 68 -41.56 -53.16 1.30
CA PRO D 68 -42.71 -52.61 2.03
C PRO D 68 -43.35 -51.49 1.22
N ASP D 69 -44.69 -51.43 1.22
CA ASP D 69 -45.39 -50.33 0.53
C ASP D 69 -45.90 -49.30 1.54
N ALA D 70 -44.96 -48.73 2.29
CA ALA D 70 -45.29 -47.74 3.29
C ALA D 70 -44.93 -46.33 2.83
N TYR D 84 -40.04 -40.62 5.64
CA TYR D 84 -41.09 -40.54 4.64
C TYR D 84 -41.99 -39.33 4.91
N ASP D 85 -41.36 -38.16 5.02
CA ASP D 85 -42.10 -36.93 5.25
C ASP D 85 -41.34 -35.76 4.64
N ALA D 86 -42.08 -34.71 4.29
CA ALA D 86 -41.52 -33.55 3.59
C ALA D 86 -40.98 -32.53 4.58
N MET D 87 -39.76 -32.06 4.31
CA MET D 87 -39.10 -31.06 5.15
C MET D 87 -39.44 -29.67 4.62
N ASP D 88 -40.65 -29.22 4.92
CA ASP D 88 -41.10 -27.89 4.52
C ASP D 88 -40.13 -26.82 5.02
N GLY D 89 -40.11 -25.70 4.32
CA GLY D 89 -39.23 -24.61 4.69
C GLY D 89 -38.95 -23.71 3.51
N GLN D 90 -38.13 -22.70 3.78
CA GLN D 90 -37.66 -21.77 2.74
C GLN D 90 -38.80 -20.95 2.18
N ILE D 91 -39.41 -20.11 3.01
CA ILE D 91 -40.54 -19.29 2.58
C ILE D 91 -40.12 -18.36 1.46
N GLN D 92 -40.66 -18.62 0.27
CA GLN D 92 -40.40 -17.81 -0.92
C GLN D 92 -41.56 -16.89 -1.25
N GLY D 93 -42.27 -16.40 -0.24
CA GLY D 93 -43.37 -15.50 -0.54
C GLY D 93 -42.95 -14.21 -1.20
N SER D 94 -43.88 -13.27 -1.35
CA SER D 94 -43.64 -11.97 -1.97
C SER D 94 -42.67 -12.07 -3.14
N VAL D 95 -43.07 -12.83 -4.15
CA VAL D 95 -42.22 -12.97 -5.33
C VAL D 95 -42.40 -11.78 -6.28
N GLU D 96 -43.56 -11.13 -6.25
CA GLU D 96 -43.86 -9.97 -7.08
C GLU D 96 -43.59 -10.22 -8.57
N THR D 117 -51.61 -6.78 -2.25
CA THR D 117 -51.25 -6.98 -3.66
C THR D 117 -49.93 -7.72 -3.79
N SER D 118 -49.84 -8.90 -3.18
CA SER D 118 -48.66 -9.75 -3.22
C SER D 118 -49.06 -11.16 -3.61
N MET D 119 -48.06 -12.01 -3.86
CA MET D 119 -48.30 -13.40 -4.23
C MET D 119 -47.19 -14.24 -3.61
N ASN D 120 -47.51 -14.92 -2.51
CA ASN D 120 -46.55 -15.75 -1.79
C ASN D 120 -46.66 -17.22 -2.18
N VAL D 121 -45.50 -17.90 -2.20
CA VAL D 121 -45.40 -19.32 -2.54
C VAL D 121 -44.59 -20.05 -1.46
N TYR D 122 -44.72 -21.38 -1.46
CA TYR D 122 -44.02 -22.28 -0.54
C TYR D 122 -43.36 -23.42 -1.31
N SER D 123 -42.53 -24.20 -0.58
CA SER D 123 -41.81 -25.31 -1.16
C SER D 123 -41.67 -26.45 -0.14
N LEU D 124 -41.47 -27.67 -0.66
CA LEU D 124 -41.26 -28.87 0.14
C LEU D 124 -40.04 -29.64 -0.39
N SER D 125 -39.24 -30.18 0.52
CA SER D 125 -37.99 -30.86 0.19
C SER D 125 -37.90 -32.19 0.92
N VAL D 126 -36.77 -32.87 0.73
CA VAL D 126 -36.46 -34.13 1.39
C VAL D 126 -34.95 -34.22 1.55
N ASP D 127 -34.49 -34.45 2.78
CA ASP D 127 -33.06 -34.39 3.06
C ASP D 127 -32.32 -35.53 2.37
N PRO D 128 -31.11 -35.30 1.88
CA PRO D 128 -30.34 -36.37 1.22
C PRO D 128 -30.00 -37.55 2.13
N ASN D 129 -29.86 -37.34 3.43
CA ASN D 129 -29.53 -38.46 4.32
C ASN D 129 -30.65 -39.48 4.36
N THR D 130 -31.88 -39.06 4.05
CA THR D 130 -33.00 -39.99 4.01
C THR D 130 -33.03 -40.82 2.74
N TRP D 131 -32.23 -40.44 1.74
CA TRP D 131 -32.12 -41.27 0.54
C TRP D 131 -31.26 -42.49 0.83
N GLN D 132 -30.12 -42.29 1.48
CA GLN D 132 -29.25 -43.41 1.85
C GLN D 132 -29.97 -44.34 2.83
N THR D 133 -30.74 -43.78 3.76
CA THR D 133 -31.48 -44.63 4.69
C THR D 133 -32.51 -45.47 3.93
N LEU D 134 -33.13 -44.90 2.89
CA LEU D 134 -34.13 -45.65 2.12
C LEU D 134 -33.50 -46.76 1.29
N LEU D 135 -32.32 -46.52 0.73
CA LEU D 135 -31.69 -47.54 -0.11
C LEU D 135 -31.38 -48.80 0.67
N HIS D 136 -30.88 -48.67 1.90
CA HIS D 136 -30.58 -49.85 2.70
C HIS D 136 -31.81 -50.39 3.43
N GLU D 137 -32.77 -49.52 3.78
CA GLU D 137 -33.97 -49.95 4.51
C GLU D 137 -35.00 -50.64 3.64
N ARG D 138 -35.04 -50.37 2.34
CA ARG D 138 -36.09 -50.92 1.48
C ARG D 138 -35.44 -51.52 0.24
N HIS D 139 -35.95 -52.68 -0.19
CA HIS D 139 -35.36 -53.39 -1.32
C HIS D 139 -36.35 -53.37 -2.46
N LEU D 140 -35.84 -53.22 -3.69
CA LEU D 140 -36.71 -53.12 -4.85
C LEU D 140 -37.53 -54.39 -4.98
N ARG D 141 -38.83 -54.24 -5.25
CA ARG D 141 -39.67 -55.40 -5.53
C ARG D 141 -39.38 -55.83 -6.98
N GLN D 142 -38.19 -56.42 -7.14
CA GLN D 142 -37.67 -56.82 -8.45
C GLN D 142 -38.66 -57.62 -9.28
N PRO D 143 -39.41 -58.61 -8.74
CA PRO D 143 -40.46 -59.24 -9.56
C PRO D 143 -41.68 -58.34 -9.70
N GLU D 144 -41.48 -57.10 -10.18
CA GLU D 144 -42.57 -56.18 -10.42
C GLU D 144 -42.14 -55.19 -11.50
N HIS D 145 -42.75 -55.29 -12.68
CA HIS D 145 -42.42 -54.45 -13.82
C HIS D 145 -43.64 -53.80 -14.44
N LYS D 146 -44.77 -53.79 -13.72
CA LYS D 146 -46.08 -53.35 -14.20
C LYS D 146 -46.07 -52.20 -15.20
N VAL D 147 -45.41 -51.10 -14.86
CA VAL D 147 -45.19 -50.01 -15.81
C VAL D 147 -43.75 -50.13 -16.28
N LEU D 148 -42.89 -50.69 -15.41
CA LEU D 148 -41.46 -50.73 -15.68
C LEU D 148 -41.16 -51.56 -16.92
N GLN D 149 -41.80 -52.72 -17.07
CA GLN D 149 -41.58 -53.51 -18.29
C GLN D 149 -42.07 -52.72 -19.50
N GLN D 150 -43.23 -52.08 -19.39
CA GLN D 150 -43.72 -51.25 -20.48
C GLN D 150 -42.77 -50.10 -20.77
N LEU D 151 -42.20 -49.50 -19.72
CA LEU D 151 -41.25 -48.42 -19.92
C LEU D 151 -39.91 -48.94 -20.44
N ARG D 152 -39.39 -50.01 -19.84
CA ARG D 152 -38.12 -50.54 -20.33
C ARG D 152 -38.26 -51.06 -21.76
N SER D 153 -39.47 -51.46 -22.15
CA SER D 153 -39.72 -51.81 -23.55
C SER D 153 -39.73 -50.55 -24.40
N ARG D 154 -40.40 -49.49 -23.93
CA ARG D 154 -40.45 -48.24 -24.66
C ARG D 154 -39.12 -47.47 -24.52
N GLY D 155 -38.42 -47.68 -23.41
CA GLY D 155 -37.12 -47.07 -23.24
C GLY D 155 -37.12 -45.65 -22.74
N ASP D 156 -38.16 -45.23 -22.02
CA ASP D 156 -38.19 -43.86 -21.54
C ASP D 156 -37.24 -43.71 -20.36
N ASN D 157 -37.17 -42.48 -19.85
CA ASN D 157 -36.44 -42.20 -18.62
C ASN D 157 -37.45 -41.93 -17.51
N VAL D 158 -37.09 -42.31 -16.30
CA VAL D 158 -37.97 -42.21 -15.14
C VAL D 158 -37.27 -41.44 -14.04
N TYR D 159 -37.98 -40.47 -13.47
CA TYR D 159 -37.41 -39.56 -12.49
C TYR D 159 -38.30 -39.54 -11.26
N VAL D 160 -37.73 -39.06 -10.14
CA VAL D 160 -38.45 -38.93 -8.87
C VAL D 160 -38.45 -37.46 -8.46
N VAL D 161 -39.61 -36.96 -8.04
CA VAL D 161 -39.70 -35.59 -7.52
C VAL D 161 -39.02 -35.52 -6.16
N THR D 162 -38.03 -34.63 -6.04
CA THR D 162 -37.29 -34.46 -4.80
C THR D 162 -37.56 -33.12 -4.13
N GLU D 163 -38.17 -32.18 -4.83
CA GLU D 163 -38.52 -30.88 -4.26
C GLU D 163 -39.65 -30.30 -5.09
N VAL D 164 -40.58 -29.62 -4.43
CA VAL D 164 -41.76 -29.05 -5.09
C VAL D 164 -41.91 -27.60 -4.63
N LEU D 165 -42.48 -26.78 -5.50
CA LEU D 165 -42.77 -25.38 -5.21
C LEU D 165 -44.27 -25.18 -5.42
N GLN D 166 -44.99 -24.89 -4.34
CA GLN D 166 -46.44 -24.75 -4.38
C GLN D 166 -46.84 -23.39 -3.80
N THR D 167 -48.14 -23.17 -3.61
CA THR D 167 -48.63 -21.90 -3.10
C THR D 167 -49.24 -22.09 -1.72
N GLN D 168 -48.99 -21.13 -0.84
CA GLN D 168 -49.67 -21.01 0.44
C GLN D 168 -50.69 -19.88 0.40
N LYS D 169 -51.40 -19.74 -0.70
CA LYS D 169 -52.46 -18.75 -0.75
C LYS D 169 -53.40 -19.12 -1.88
N GLU D 170 -54.63 -18.69 -1.74
CA GLU D 170 -55.65 -18.89 -2.75
C GLU D 170 -55.70 -17.58 -3.52
N VAL D 171 -54.97 -17.53 -4.64
CA VAL D 171 -54.79 -16.28 -5.37
C VAL D 171 -55.76 -16.24 -6.54
N GLU D 172 -56.37 -15.08 -6.73
CA GLU D 172 -57.31 -14.85 -7.81
C GLU D 172 -56.87 -13.57 -8.51
N VAL D 173 -56.44 -13.70 -9.76
CA VAL D 173 -55.96 -12.58 -10.56
C VAL D 173 -56.43 -12.81 -11.98
N THR D 174 -56.32 -11.77 -12.81
CA THR D 174 -56.78 -11.84 -14.19
C THR D 174 -56.06 -12.94 -14.96
N THR D 206 -60.30 -13.05 -12.92
CA THR D 206 -61.16 -13.86 -12.06
C THR D 206 -60.90 -15.35 -12.25
N VAL D 207 -59.74 -15.78 -11.78
CA VAL D 207 -59.31 -17.17 -11.91
C VAL D 207 -59.45 -17.85 -10.55
N THR D 208 -59.28 -19.18 -10.53
CA THR D 208 -59.42 -19.96 -9.30
C THR D 208 -58.16 -20.81 -9.11
N ILE D 209 -57.09 -20.17 -8.63
CA ILE D 209 -55.82 -20.83 -8.41
C ILE D 209 -55.80 -21.36 -6.97
N PRO D 210 -55.81 -22.67 -6.75
CA PRO D 210 -55.92 -23.18 -5.38
C PRO D 210 -54.62 -23.04 -4.62
N SER D 211 -54.74 -23.12 -3.29
CA SER D 211 -53.55 -23.24 -2.45
C SER D 211 -52.90 -24.60 -2.65
N GLY D 212 -51.59 -24.64 -2.51
CA GLY D 212 -50.87 -25.88 -2.71
C GLY D 212 -50.73 -26.30 -4.15
N SER D 213 -51.20 -25.49 -5.09
CA SER D 213 -51.05 -25.82 -6.50
C SER D 213 -49.56 -25.75 -6.86
N THR D 214 -49.06 -26.80 -7.50
CA THR D 214 -47.63 -26.92 -7.76
C THR D 214 -47.24 -26.06 -8.96
N LEU D 215 -46.26 -25.18 -8.76
CA LEU D 215 -45.77 -24.29 -9.80
C LEU D 215 -44.48 -24.78 -10.43
N ALA D 216 -43.64 -25.47 -9.66
CA ALA D 216 -42.39 -26.01 -10.17
C ALA D 216 -41.97 -27.15 -9.24
N PHE D 217 -40.88 -27.82 -9.61
CA PHE D 217 -40.44 -29.00 -8.88
C PHE D 217 -39.05 -29.38 -9.40
N ARG D 218 -38.47 -30.42 -8.80
CA ARG D 218 -37.18 -30.93 -9.22
C ARG D 218 -37.24 -32.45 -9.23
N VAL D 219 -36.49 -33.04 -10.16
CA VAL D 219 -36.54 -34.47 -10.39
C VAL D 219 -35.16 -35.06 -10.14
N ALA D 220 -35.12 -36.38 -9.99
CA ALA D 220 -33.87 -37.10 -9.85
C ALA D 220 -34.00 -38.40 -10.62
N GLN D 221 -33.21 -38.56 -11.69
CA GLN D 221 -33.29 -39.78 -12.47
C GLN D 221 -32.84 -40.96 -11.61
N LEU D 222 -33.45 -42.11 -11.85
CA LEU D 222 -32.97 -43.34 -11.26
C LEU D 222 -32.84 -44.40 -12.36
N VAL D 223 -32.02 -45.41 -12.09
CA VAL D 223 -31.72 -46.48 -13.03
C VAL D 223 -32.06 -47.82 -12.37
N ILE D 224 -32.62 -48.74 -13.16
CA ILE D 224 -33.12 -50.02 -12.67
C ILE D 224 -32.65 -51.15 -13.59
N ASP D 225 -31.83 -52.06 -13.05
CA ASP D 225 -31.65 -53.34 -13.72
C ASP D 225 -31.95 -54.48 -12.77
N SER D 226 -31.07 -54.67 -11.78
CA SER D 226 -31.29 -55.58 -10.65
C SER D 226 -31.50 -54.88 -9.32
N ASP D 227 -30.92 -53.68 -9.16
CA ASP D 227 -30.98 -52.89 -7.93
C ASP D 227 -31.55 -51.51 -8.25
N LEU D 228 -31.56 -50.63 -7.25
CA LEU D 228 -32.09 -49.28 -7.42
C LEU D 228 -31.16 -48.28 -6.75
N ASP D 229 -31.08 -47.08 -7.34
CA ASP D 229 -30.35 -45.96 -6.75
C ASP D 229 -30.82 -44.67 -7.40
N VAL D 230 -30.71 -43.56 -6.66
CA VAL D 230 -31.10 -42.24 -7.14
C VAL D 230 -29.87 -41.49 -7.64
N LEU D 231 -30.10 -40.57 -8.57
CA LEU D 231 -29.02 -39.86 -9.27
C LEU D 231 -29.25 -38.34 -9.24
N LEU D 232 -29.28 -37.76 -8.04
CA LEU D 232 -29.40 -36.30 -7.87
C LEU D 232 -28.46 -35.50 -8.78
N PHE D 233 -27.38 -36.09 -9.26
CA PHE D 233 -26.58 -35.41 -10.28
C PHE D 233 -26.94 -36.01 -11.63
N PRO D 234 -27.93 -35.44 -12.34
CA PRO D 234 -28.40 -36.07 -13.57
C PRO D 234 -27.40 -35.93 -14.71
N ASP D 235 -26.65 -37.00 -14.97
CA ASP D 235 -25.77 -37.04 -16.12
C ASP D 235 -26.61 -37.35 -17.35
N LYS D 236 -26.35 -36.63 -18.44
CA LYS D 236 -27.16 -36.84 -19.63
C LYS D 236 -26.92 -38.22 -20.24
N LYS D 237 -25.70 -38.73 -20.16
CA LYS D 237 -25.38 -40.02 -20.76
C LYS D 237 -26.26 -41.14 -20.18
N GLN D 238 -26.24 -41.29 -18.85
CA GLN D 238 -26.92 -42.41 -18.20
C GLN D 238 -28.39 -42.49 -18.58
N ARG D 239 -28.82 -43.68 -18.96
CA ARG D 239 -30.21 -43.97 -19.24
C ARG D 239 -30.81 -44.78 -18.09
N THR D 240 -32.14 -44.77 -18.01
CA THR D 240 -32.83 -45.51 -16.98
C THR D 240 -32.72 -47.02 -17.15
N PHE D 241 -32.58 -47.51 -18.39
CA PHE D 241 -32.57 -48.95 -18.63
C PHE D 241 -31.58 -49.31 -19.74
N GLN D 242 -30.59 -50.15 -19.40
CA GLN D 242 -29.63 -50.67 -20.36
C GLN D 242 -29.41 -52.15 -20.07
N PRO D 243 -29.50 -53.03 -21.08
CA PRO D 243 -29.21 -54.45 -20.85
C PRO D 243 -27.73 -54.71 -20.57
N LEU D 282 -24.88 -40.92 -32.99
CA LEU D 282 -23.81 -40.17 -32.36
C LEU D 282 -24.02 -38.66 -32.49
N ALA D 283 -22.94 -37.89 -32.29
CA ALA D 283 -23.04 -36.43 -32.33
C ALA D 283 -23.41 -35.96 -33.73
N PHE D 284 -24.46 -35.15 -33.82
CA PHE D 284 -24.99 -34.67 -35.10
C PHE D 284 -24.91 -33.17 -35.27
N THR D 285 -25.23 -32.40 -34.24
CA THR D 285 -25.48 -30.97 -34.37
C THR D 285 -24.67 -30.20 -33.33
N GLU D 286 -24.40 -28.93 -33.61
CA GLU D 286 -23.55 -28.11 -32.74
C GLU D 286 -24.30 -27.10 -31.88
N ASP D 287 -24.99 -26.15 -32.52
CA ASP D 287 -25.66 -25.05 -31.84
C ASP D 287 -26.61 -24.42 -32.84
N PHE D 288 -27.07 -23.19 -32.61
CA PHE D 288 -28.01 -22.54 -33.54
C PHE D 288 -27.72 -22.84 -35.01
N GLN D 289 -26.45 -22.76 -35.43
CA GLN D 289 -26.11 -23.18 -36.79
C GLN D 289 -26.50 -24.65 -37.01
N GLY D 290 -26.25 -25.49 -36.01
CA GLY D 290 -26.69 -26.88 -36.08
C GLY D 290 -28.21 -27.00 -36.15
N LEU D 291 -28.93 -26.14 -35.42
CA LEU D 291 -30.38 -26.13 -35.51
C LEU D 291 -30.83 -25.94 -36.94
N ARG D 292 -30.25 -24.95 -37.61
CA ARG D 292 -30.48 -24.77 -39.05
C ARG D 292 -30.19 -26.07 -39.80
N ALA D 293 -29.01 -26.66 -39.56
CA ALA D 293 -28.61 -27.88 -40.25
C ALA D 293 -29.59 -29.02 -39.99
N GLU D 294 -29.94 -29.25 -38.72
CA GLU D 294 -30.87 -30.32 -38.39
C GLU D 294 -32.23 -30.08 -39.05
N VAL D 295 -32.77 -28.87 -38.90
CA VAL D 295 -34.06 -28.53 -39.50
C VAL D 295 -34.04 -28.77 -41.01
N GLU D 296 -32.98 -28.31 -41.69
CA GLU D 296 -32.87 -28.50 -43.14
C GLU D 296 -32.88 -29.98 -43.51
N THR D 297 -32.05 -30.79 -42.83
CA THR D 297 -31.98 -32.21 -43.13
C THR D 297 -33.33 -32.91 -42.93
N ILE D 298 -34.07 -32.53 -41.89
CA ILE D 298 -35.39 -33.12 -41.68
C ILE D 298 -36.34 -32.70 -42.79
N SER D 299 -36.28 -31.42 -43.20
CA SER D 299 -37.10 -30.97 -44.31
C SER D 299 -36.67 -31.70 -45.58
N LYS D 300 -35.36 -31.89 -45.77
CA LYS D 300 -34.86 -32.63 -46.92
C LYS D 300 -35.33 -34.08 -46.89
N GLU D 301 -35.61 -34.63 -45.71
CA GLU D 301 -36.22 -35.94 -45.62
C GLU D 301 -37.74 -35.85 -45.70
N LEU D 302 -38.25 -34.68 -46.11
CA LEU D 302 -39.66 -34.45 -46.35
C LEU D 302 -39.95 -33.75 -47.66
N GLU D 303 -38.97 -33.04 -48.23
CA GLU D 303 -39.15 -32.25 -49.45
C GLU D 303 -39.31 -33.10 -50.71
N LEU D 304 -39.28 -34.43 -50.59
CA LEU D 304 -39.48 -35.35 -51.71
C LEU D 304 -40.87 -36.00 -51.70
N LEU D 305 -41.83 -35.40 -51.00
CA LEU D 305 -43.17 -35.97 -50.89
C LEU D 305 -44.10 -35.42 -51.99
N ASP D 306 -45.27 -36.04 -52.11
CA ASP D 306 -46.27 -35.63 -53.09
C ASP D 306 -46.97 -34.36 -52.59
N ARG D 307 -46.90 -33.29 -53.38
CA ARG D 307 -47.46 -32.00 -52.97
C ARG D 307 -48.94 -32.09 -52.61
N GLU D 308 -49.74 -32.74 -53.48
CA GLU D 308 -51.17 -32.85 -53.20
C GLU D 308 -51.43 -33.59 -51.89
N LEU D 309 -50.75 -34.72 -51.68
CA LEU D 309 -50.87 -35.43 -50.42
C LEU D 309 -50.47 -34.54 -49.24
N CYS D 310 -49.44 -33.71 -49.43
CA CYS D 310 -49.03 -32.76 -48.39
C CYS D 310 -50.16 -31.80 -48.07
N GLN D 311 -50.83 -31.28 -49.11
CA GLN D 311 -51.92 -30.33 -48.90
C GLN D 311 -53.06 -30.98 -48.12
N LEU D 312 -53.37 -32.24 -48.43
CA LEU D 312 -54.40 -32.97 -47.71
C LEU D 312 -54.03 -33.12 -46.23
N LEU D 313 -52.77 -33.43 -45.95
CA LEU D 313 -52.31 -33.51 -44.57
C LEU D 313 -52.39 -32.15 -43.88
N LEU D 314 -52.04 -31.09 -44.59
CA LEU D 314 -51.99 -29.74 -44.01
C LEU D 314 -53.31 -29.35 -43.35
N GLU D 315 -54.44 -29.65 -43.99
CA GLU D 315 -55.73 -29.27 -43.41
C GLU D 315 -55.99 -30.02 -42.10
N GLY D 316 -55.69 -31.32 -42.07
CA GLY D 316 -55.73 -32.05 -40.82
C GLY D 316 -54.88 -31.41 -39.75
N LEU D 317 -53.66 -31.00 -40.11
CA LEU D 317 -52.77 -30.36 -39.15
C LEU D 317 -53.40 -29.08 -38.59
N GLU D 318 -53.89 -28.21 -39.47
CA GLU D 318 -54.62 -27.02 -39.05
C GLU D 318 -55.75 -27.37 -38.08
N GLY D 319 -56.56 -28.37 -38.44
CA GLY D 319 -57.60 -28.83 -37.53
C GLY D 319 -57.06 -29.32 -36.20
N VAL D 320 -55.90 -29.97 -36.23
CA VAL D 320 -55.31 -30.49 -35.00
C VAL D 320 -54.90 -29.35 -34.07
N LEU D 321 -54.38 -28.26 -34.64
CA LEU D 321 -53.86 -27.17 -33.80
C LEU D 321 -54.94 -26.56 -32.91
N ARG D 322 -56.15 -26.35 -33.44
CA ARG D 322 -57.20 -25.74 -32.64
C ARG D 322 -57.74 -26.65 -31.55
N ASP D 323 -57.41 -27.94 -31.55
CA ASP D 323 -57.95 -28.90 -30.59
C ASP D 323 -56.79 -29.68 -29.98
N GLN D 324 -56.50 -29.40 -28.71
CA GLN D 324 -55.38 -30.05 -28.02
C GLN D 324 -55.59 -31.56 -27.94
N LEU D 325 -56.81 -32.00 -27.65
CA LEU D 325 -57.07 -33.44 -27.48
C LEU D 325 -56.69 -34.23 -28.73
N ALA D 326 -56.96 -33.70 -29.92
CA ALA D 326 -56.59 -34.38 -31.15
C ALA D 326 -55.08 -34.63 -31.21
N LEU D 327 -54.29 -33.60 -30.86
CA LEU D 327 -52.85 -33.76 -30.81
C LEU D 327 -52.45 -34.86 -29.83
N ARG D 328 -52.99 -34.81 -28.60
CA ARG D 328 -52.67 -35.79 -27.58
C ARG D 328 -52.96 -37.21 -28.05
N ALA D 329 -54.18 -37.44 -28.56
CA ALA D 329 -54.56 -38.77 -29.03
C ALA D 329 -53.67 -39.23 -30.18
N LEU D 330 -53.46 -38.34 -31.17
CA LEU D 330 -52.65 -38.71 -32.33
C LEU D 330 -51.22 -39.06 -31.94
N GLU D 331 -50.61 -38.28 -31.06
CA GLU D 331 -49.24 -38.55 -30.64
C GLU D 331 -49.15 -39.86 -29.86
N GLU D 332 -50.15 -40.13 -29.02
CA GLU D 332 -50.14 -41.30 -28.14
C GLU D 332 -50.28 -42.60 -28.93
N ALA D 333 -51.19 -42.64 -29.91
CA ALA D 333 -51.46 -43.87 -30.64
C ALA D 333 -50.20 -44.46 -31.26
N LEU D 334 -49.33 -43.60 -31.77
CA LEU D 334 -48.09 -44.03 -32.41
C LEU D 334 -46.96 -43.56 -31.50
N GLU D 335 -46.54 -44.44 -30.59
CA GLU D 335 -45.49 -44.11 -29.63
C GLU D 335 -44.27 -43.60 -30.39
N GLN D 336 -43.59 -44.46 -31.15
CA GLN D 336 -42.49 -43.98 -31.98
C GLN D 336 -42.66 -44.34 -33.46
N GLY D 337 -43.88 -44.60 -33.93
CA GLY D 337 -43.98 -44.99 -35.32
C GLY D 337 -43.50 -46.38 -35.66
N GLN D 338 -43.19 -47.23 -34.68
CA GLN D 338 -42.63 -48.56 -34.92
C GLN D 338 -43.56 -49.72 -34.53
N SER D 339 -44.67 -49.44 -33.86
CA SER D 339 -45.65 -50.44 -33.42
C SER D 339 -45.86 -51.55 -34.43
N LEU D 340 -45.52 -52.79 -34.06
CA LEU D 340 -45.66 -53.91 -34.97
C LEU D 340 -47.10 -54.07 -35.47
N GLY D 341 -48.07 -53.73 -34.64
CA GLY D 341 -49.46 -53.80 -35.03
C GLY D 341 -49.97 -52.56 -35.74
N PRO D 342 -50.83 -52.74 -36.74
CA PRO D 342 -51.38 -51.58 -37.45
C PRO D 342 -52.23 -50.72 -36.52
N VAL D 343 -51.91 -49.42 -36.46
CA VAL D 343 -52.66 -48.52 -35.60
C VAL D 343 -54.07 -48.32 -36.15
N GLU D 344 -55.07 -48.40 -35.28
CA GLU D 344 -56.47 -48.28 -35.68
C GLU D 344 -56.83 -46.82 -35.93
N PRO D 345 -57.46 -46.50 -37.07
CA PRO D 345 -57.76 -45.09 -37.39
C PRO D 345 -58.67 -44.42 -36.38
N LEU D 346 -58.49 -43.11 -36.27
CA LEU D 346 -59.26 -42.24 -35.38
C LEU D 346 -60.13 -41.31 -36.21
N ASP D 347 -61.14 -40.74 -35.56
CA ASP D 347 -62.03 -39.81 -36.22
C ASP D 347 -61.48 -38.38 -36.13
N GLY D 348 -62.09 -37.49 -36.91
CA GLY D 348 -61.73 -36.09 -36.90
C GLY D 348 -60.44 -35.79 -37.64
N PRO D 349 -59.95 -34.56 -37.52
CA PRO D 349 -58.67 -34.21 -38.18
C PRO D 349 -57.47 -34.96 -37.65
N ALA D 350 -57.52 -35.45 -36.39
CA ALA D 350 -56.40 -36.23 -35.87
C ALA D 350 -56.25 -37.54 -36.63
N GLY D 351 -57.35 -38.26 -36.81
CA GLY D 351 -57.32 -39.45 -37.65
C GLY D 351 -57.09 -39.11 -39.10
N ALA D 352 -57.55 -37.94 -39.54
CA ALA D 352 -57.24 -37.49 -40.89
C ALA D 352 -55.74 -37.30 -41.09
N VAL D 353 -55.01 -36.94 -40.02
CA VAL D 353 -53.56 -36.87 -40.10
C VAL D 353 -52.97 -38.28 -40.06
N LEU D 354 -53.51 -39.15 -39.22
CA LEU D 354 -53.01 -40.52 -39.14
C LEU D 354 -53.19 -41.28 -40.43
N GLU D 355 -54.23 -40.94 -41.21
CA GLU D 355 -54.48 -41.56 -42.50
C GLU D 355 -53.40 -41.25 -43.52
N CYS D 356 -52.66 -40.14 -43.36
CA CYS D 356 -51.63 -39.75 -44.32
C CYS D 356 -50.32 -40.52 -44.14
N LEU D 357 -50.06 -41.08 -42.96
CA LEU D 357 -48.79 -41.73 -42.67
C LEU D 357 -48.87 -43.25 -42.79
N VAL D 358 -50.02 -43.79 -43.19
CA VAL D 358 -50.19 -45.24 -43.32
C VAL D 358 -50.55 -45.58 -44.76
N LEU D 359 -50.67 -46.86 -45.05
CA LEU D 359 -51.02 -47.34 -46.38
C LEU D 359 -52.48 -47.77 -46.38
N SER D 360 -52.93 -48.33 -47.51
CA SER D 360 -54.30 -48.85 -47.56
C SER D 360 -54.49 -49.92 -46.49
N SER D 361 -53.46 -50.75 -46.28
CA SER D 361 -53.49 -51.77 -45.24
C SER D 361 -53.41 -51.16 -43.84
N GLY D 362 -52.87 -49.95 -43.71
CA GLY D 362 -52.60 -49.36 -42.43
C GLY D 362 -51.14 -49.39 -42.01
N MET D 363 -50.26 -49.95 -42.84
CA MET D 363 -48.84 -50.00 -42.46
C MET D 363 -48.20 -48.63 -42.51
N LEU D 364 -47.25 -48.44 -41.61
CA LEU D 364 -46.55 -47.18 -41.45
C LEU D 364 -45.22 -47.18 -42.22
N VAL D 365 -44.79 -45.97 -42.57
CA VAL D 365 -43.54 -45.76 -43.30
C VAL D 365 -42.57 -45.03 -42.37
N PRO D 366 -41.50 -45.69 -41.92
CA PRO D 366 -40.54 -44.99 -41.03
C PRO D 366 -39.93 -43.75 -41.65
N GLU D 367 -39.65 -43.77 -42.95
CA GLU D 367 -39.10 -42.59 -43.62
C GLU D 367 -40.04 -41.39 -43.49
N LEU D 368 -41.35 -41.63 -43.57
CA LEU D 368 -42.32 -40.56 -43.38
C LEU D 368 -42.67 -40.33 -41.92
N ALA D 369 -42.54 -41.36 -41.08
CA ALA D 369 -42.94 -41.24 -39.68
C ALA D 369 -41.96 -40.39 -38.89
N ILE D 370 -40.65 -40.70 -38.98
CA ILE D 370 -39.66 -40.04 -38.11
C ILE D 370 -39.73 -38.52 -38.16
N PRO D 371 -39.72 -37.86 -39.33
CA PRO D 371 -39.88 -36.39 -39.31
C PRO D 371 -41.18 -35.91 -38.69
N VAL D 372 -42.28 -36.65 -38.86
CA VAL D 372 -43.55 -36.23 -38.29
C VAL D 372 -43.52 -36.35 -36.76
N VAL D 373 -42.97 -37.44 -36.23
CA VAL D 373 -42.86 -37.58 -34.77
C VAL D 373 -42.02 -36.44 -34.20
N TYR D 374 -41.00 -36.02 -34.93
CA TYR D 374 -40.21 -34.85 -34.55
C TYR D 374 -41.09 -33.64 -34.39
N LEU D 375 -41.87 -33.30 -35.43
CA LEU D 375 -42.72 -32.11 -35.36
C LEU D 375 -43.78 -32.24 -34.27
N LEU D 376 -44.31 -33.44 -34.05
CA LEU D 376 -45.25 -33.64 -32.95
C LEU D 376 -44.60 -33.26 -31.62
N GLY D 377 -43.39 -33.77 -31.37
CA GLY D 377 -42.65 -33.29 -30.22
C GLY D 377 -42.49 -31.78 -30.23
N ALA D 378 -42.14 -31.22 -31.39
CA ALA D 378 -42.05 -29.77 -31.53
C ALA D 378 -43.37 -29.07 -31.27
N LEU D 379 -44.49 -29.70 -31.62
CA LEU D 379 -45.79 -29.08 -31.41
C LEU D 379 -46.30 -29.29 -29.99
N THR D 380 -45.95 -30.42 -29.36
CA THR D 380 -46.33 -30.66 -27.97
C THR D 380 -45.66 -29.67 -27.02
N MET D 381 -44.52 -29.09 -27.41
CA MET D 381 -43.85 -28.10 -26.56
C MET D 381 -44.60 -26.77 -26.52
N LEU D 382 -45.29 -26.40 -27.59
CA LEU D 382 -45.96 -25.11 -27.67
C LEU D 382 -47.26 -25.11 -26.87
N SER D 383 -47.79 -23.91 -26.66
CA SER D 383 -49.01 -23.70 -25.89
C SER D 383 -50.25 -23.69 -26.80
N GLU D 384 -51.41 -23.69 -26.15
CA GLU D 384 -52.68 -23.71 -26.87
C GLU D 384 -52.87 -22.47 -27.74
N THR D 385 -52.66 -21.29 -27.14
CA THR D 385 -52.77 -20.04 -27.90
C THR D 385 -51.83 -20.03 -29.10
N GLN D 386 -50.62 -20.57 -28.92
CA GLN D 386 -49.68 -20.67 -30.03
C GLN D 386 -50.21 -21.59 -31.13
N HIS D 387 -50.90 -22.66 -30.75
CA HIS D 387 -51.51 -23.55 -31.75
C HIS D 387 -52.55 -22.83 -32.59
N LYS D 388 -53.51 -22.15 -31.95
CA LYS D 388 -54.53 -21.45 -32.73
C LYS D 388 -53.92 -20.36 -33.60
N LEU D 389 -52.97 -19.59 -33.06
CA LEU D 389 -52.28 -18.59 -33.87
C LEU D 389 -51.52 -19.24 -35.02
N LEU D 390 -50.97 -20.44 -34.80
CA LEU D 390 -50.31 -21.16 -35.88
C LEU D 390 -51.32 -21.59 -36.94
N ALA D 391 -52.50 -22.03 -36.50
CA ALA D 391 -53.57 -22.37 -37.44
C ALA D 391 -54.00 -21.15 -38.24
N GLU D 392 -54.04 -19.98 -37.61
CA GLU D 392 -54.35 -18.75 -38.35
C GLU D 392 -53.31 -18.47 -39.43
N ALA D 393 -52.03 -18.60 -39.08
CA ALA D 393 -50.96 -18.35 -40.06
C ALA D 393 -50.96 -19.39 -41.17
N LEU D 394 -51.42 -20.61 -40.90
CA LEU D 394 -51.51 -21.60 -41.97
C LEU D 394 -52.65 -21.30 -42.92
N GLU D 395 -53.83 -20.97 -42.36
CA GLU D 395 -54.98 -20.64 -43.18
C GLU D 395 -54.80 -19.32 -43.91
N SER D 396 -54.09 -18.37 -43.29
CA SER D 396 -53.84 -17.06 -43.87
C SER D 396 -52.46 -16.93 -44.52
N GLN D 397 -51.63 -17.98 -44.44
CA GLN D 397 -50.33 -18.04 -45.12
C GLN D 397 -49.33 -17.00 -44.61
N THR D 398 -49.55 -16.41 -43.43
CA THR D 398 -48.61 -15.42 -42.88
C THR D 398 -47.58 -16.13 -41.99
N LEU D 399 -46.76 -16.96 -42.65
CA LEU D 399 -45.78 -17.80 -41.99
C LEU D 399 -44.35 -17.33 -42.20
N LEU D 400 -44.14 -16.17 -42.79
CA LEU D 400 -42.79 -15.72 -43.10
C LEU D 400 -42.30 -14.57 -42.23
N GLY D 401 -43.19 -13.68 -41.80
CA GLY D 401 -42.81 -12.57 -40.95
C GLY D 401 -42.27 -12.99 -39.61
N PRO D 402 -43.09 -13.66 -38.80
CA PRO D 402 -42.59 -14.18 -37.51
C PRO D 402 -41.49 -15.22 -37.67
N LEU D 403 -41.46 -15.95 -38.78
CA LEU D 403 -40.38 -16.91 -39.01
C LEU D 403 -39.04 -16.20 -39.04
N GLU D 404 -38.88 -15.24 -39.95
CA GLU D 404 -37.64 -14.47 -40.03
C GLU D 404 -37.31 -13.81 -38.70
N LEU D 405 -38.33 -13.32 -37.99
CA LEU D 405 -38.12 -12.66 -36.70
C LEU D 405 -37.45 -13.61 -35.71
N VAL D 406 -38.06 -14.77 -35.48
CA VAL D 406 -37.52 -15.73 -34.52
C VAL D 406 -36.13 -16.19 -34.92
N GLY D 407 -35.90 -16.37 -36.22
CA GLY D 407 -34.57 -16.75 -36.69
C GLY D 407 -33.51 -15.74 -36.30
N SER D 408 -33.77 -14.46 -36.57
CA SER D 408 -32.81 -13.42 -36.22
C SER D 408 -32.62 -13.31 -34.71
N LEU D 409 -33.67 -13.54 -33.93
CA LEU D 409 -33.55 -13.50 -32.48
C LEU D 409 -32.69 -14.65 -31.98
N LEU D 410 -32.96 -15.87 -32.44
CA LEU D 410 -32.13 -17.00 -32.02
C LEU D 410 -30.71 -16.89 -32.55
N GLU D 411 -30.54 -16.29 -33.73
CA GLU D 411 -29.20 -16.10 -34.28
C GLU D 411 -28.39 -15.14 -33.41
N GLN D 412 -29.02 -14.07 -32.94
CA GLN D 412 -28.35 -13.08 -32.09
C GLN D 412 -28.25 -13.51 -30.64
N SER D 413 -28.92 -14.59 -30.24
CA SER D 413 -28.97 -14.99 -28.83
C SER D 413 -28.03 -16.13 -28.49
N ALA D 414 -27.10 -16.49 -29.37
CA ALA D 414 -26.17 -17.54 -28.98
C ALA D 414 -25.03 -16.97 -28.13
N PRO D 415 -24.67 -17.65 -27.02
CA PRO D 415 -25.26 -18.89 -26.50
C PRO D 415 -26.57 -18.64 -25.75
N TRP D 416 -27.40 -19.68 -25.68
CA TRP D 416 -28.77 -19.57 -25.17
C TRP D 416 -28.84 -19.68 -23.65
N GLN D 417 -27.75 -19.34 -22.94
CA GLN D 417 -27.71 -19.52 -21.50
C GLN D 417 -27.21 -18.30 -20.74
N GLU D 418 -27.24 -17.11 -21.35
CA GLU D 418 -26.79 -15.90 -20.66
C GLU D 418 -27.78 -14.77 -20.88
N ARG D 419 -28.31 -14.22 -19.79
CA ARG D 419 -29.22 -13.08 -19.87
C ARG D 419 -28.55 -11.91 -20.58
N SER D 420 -29.06 -11.56 -21.76
CA SER D 420 -28.53 -10.46 -22.55
C SER D 420 -29.67 -9.80 -23.31
N THR D 421 -29.75 -8.47 -23.27
CA THR D 421 -30.82 -7.80 -23.97
C THR D 421 -30.63 -8.00 -25.48
N MET D 422 -31.73 -8.22 -26.20
CA MET D 422 -31.73 -8.44 -27.63
C MET D 422 -32.14 -7.15 -28.33
N SER D 423 -32.04 -7.16 -29.66
CA SER D 423 -32.18 -5.93 -30.43
C SER D 423 -33.39 -5.88 -31.34
N LEU D 424 -33.55 -6.84 -32.26
CA LEU D 424 -34.39 -6.65 -33.45
C LEU D 424 -35.76 -6.05 -33.10
N PRO D 425 -36.09 -4.86 -33.61
CA PRO D 425 -37.41 -4.28 -33.38
C PRO D 425 -38.35 -4.59 -34.53
N PRO D 426 -39.65 -4.26 -34.41
CA PRO D 426 -40.54 -4.42 -35.57
C PRO D 426 -40.28 -3.37 -36.62
N GLY D 427 -39.76 -2.19 -36.22
CA GLY D 427 -39.40 -1.18 -37.20
C GLY D 427 -38.35 -1.67 -38.18
N LEU D 428 -37.35 -2.42 -37.71
CA LEU D 428 -36.42 -3.05 -38.64
C LEU D 428 -37.15 -3.98 -39.60
N LEU D 429 -38.15 -4.70 -39.11
CA LEU D 429 -38.95 -5.56 -39.96
C LEU D 429 -40.03 -4.73 -40.66
N GLY D 430 -41.00 -5.40 -41.27
CA GLY D 430 -42.14 -4.74 -41.89
C GLY D 430 -43.47 -5.11 -41.26
N ASN D 431 -43.46 -6.15 -40.42
CA ASN D 431 -44.69 -6.67 -39.85
C ASN D 431 -45.32 -5.70 -38.86
N SER D 432 -46.64 -5.82 -38.72
CA SER D 432 -47.39 -5.03 -37.76
C SER D 432 -47.15 -5.51 -36.34
N TRP D 433 -46.98 -4.57 -35.42
CA TRP D 433 -46.64 -4.83 -34.03
C TRP D 433 -47.81 -4.39 -33.15
N GLY D 434 -47.62 -4.51 -31.83
CA GLY D 434 -48.66 -4.22 -30.86
C GLY D 434 -49.21 -5.47 -30.19
N GLU D 435 -49.37 -5.42 -28.86
CA GLU D 435 -49.89 -6.58 -28.14
C GLU D 435 -51.26 -6.97 -28.70
N GLY D 436 -51.35 -8.21 -29.17
CA GLY D 436 -52.49 -8.70 -29.91
C GLY D 436 -52.12 -9.11 -31.33
N ALA D 437 -51.05 -8.55 -31.87
CA ALA D 437 -50.52 -9.00 -33.14
C ALA D 437 -49.99 -10.42 -32.99
N PRO D 438 -50.01 -11.23 -34.05
CA PRO D 438 -49.59 -12.63 -33.91
C PRO D 438 -48.18 -12.82 -33.38
N ALA D 439 -47.21 -12.03 -33.85
CA ALA D 439 -45.83 -12.19 -33.40
C ALA D 439 -45.68 -11.85 -31.92
N TRP D 440 -46.34 -10.79 -31.45
CA TRP D 440 -46.26 -10.40 -30.05
C TRP D 440 -46.71 -11.51 -29.12
N VAL D 441 -47.96 -11.96 -29.29
CA VAL D 441 -48.52 -12.98 -28.40
C VAL D 441 -47.72 -14.28 -28.51
N LEU D 442 -47.25 -14.60 -29.71
CA LEU D 442 -46.38 -15.76 -29.88
C LEU D 442 -45.15 -15.67 -29.00
N LEU D 443 -44.40 -14.56 -29.10
CA LEU D 443 -43.21 -14.39 -28.28
C LEU D 443 -43.56 -14.36 -26.80
N ASP D 444 -44.63 -13.67 -26.44
CA ASP D 444 -45.02 -13.58 -25.04
C ASP D 444 -45.31 -14.96 -24.46
N GLU D 445 -45.92 -15.85 -25.25
CA GLU D 445 -46.11 -17.22 -24.82
C GLU D 445 -44.78 -17.97 -24.73
N CYS D 446 -43.81 -17.64 -25.59
CA CYS D 446 -42.49 -18.25 -25.47
C CYS D 446 -41.78 -17.81 -24.20
N GLY D 447 -42.05 -16.60 -23.71
CA GLY D 447 -41.47 -16.18 -22.46
C GLY D 447 -40.58 -14.95 -22.50
N LEU D 448 -40.66 -14.17 -23.57
CA LEU D 448 -39.80 -13.00 -23.77
C LEU D 448 -40.52 -11.72 -23.36
N GLU D 449 -39.77 -10.80 -22.77
CA GLU D 449 -40.30 -9.52 -22.31
C GLU D 449 -40.47 -8.59 -23.50
N LEU D 450 -41.68 -8.08 -23.69
CA LEU D 450 -41.97 -7.17 -24.80
C LEU D 450 -42.30 -5.78 -24.29
N GLY D 451 -42.06 -4.79 -25.15
CA GLY D 451 -42.36 -3.39 -24.87
C GLY D 451 -42.82 -2.65 -26.10
N GLU D 452 -42.88 -1.32 -26.01
CA GLU D 452 -43.28 -0.53 -27.17
C GLU D 452 -42.08 0.09 -27.88
N ASP D 453 -40.96 0.26 -27.16
CA ASP D 453 -39.72 0.76 -27.71
C ASP D 453 -38.56 -0.17 -27.33
N THR D 454 -37.28 0.23 -27.70
CA THR D 454 -36.05 -0.54 -27.61
C THR D 454 -35.27 -0.19 -26.33
N PRO D 455 -34.55 -1.16 -25.73
CA PRO D 455 -34.43 -2.58 -26.09
C PRO D 455 -35.74 -3.31 -25.88
N HIS D 456 -36.34 -3.78 -26.98
CA HIS D 456 -37.68 -4.33 -26.90
C HIS D 456 -37.69 -5.64 -26.11
N VAL D 457 -36.60 -6.40 -26.14
CA VAL D 457 -36.54 -7.72 -25.54
C VAL D 457 -35.28 -7.88 -24.69
N CYS D 458 -35.43 -8.53 -23.54
CA CYS D 458 -34.32 -9.03 -22.76
C CYS D 458 -34.37 -10.55 -22.82
N TRP D 459 -33.30 -11.16 -23.33
CA TRP D 459 -33.30 -12.60 -23.57
C TRP D 459 -33.34 -13.40 -22.27
N GLU D 460 -34.21 -14.42 -22.23
CA GLU D 460 -34.31 -15.31 -21.08
C GLU D 460 -33.83 -16.71 -21.46
N PRO D 461 -33.13 -17.39 -20.56
CA PRO D 461 -32.61 -18.73 -20.90
C PRO D 461 -33.67 -19.81 -20.90
N GLN D 462 -34.74 -19.67 -20.12
CA GLN D 462 -35.75 -20.72 -20.00
C GLN D 462 -36.52 -20.96 -21.30
N ALA D 463 -36.60 -19.97 -22.17
CA ALA D 463 -37.34 -20.11 -23.41
C ALA D 463 -36.53 -20.79 -24.51
N GLN D 464 -35.45 -21.49 -24.19
CA GLN D 464 -34.65 -22.14 -25.23
C GLN D 464 -35.47 -23.18 -26.00
N GLY D 465 -35.92 -24.22 -25.30
CA GLY D 465 -36.65 -25.31 -25.92
C GLY D 465 -37.85 -24.87 -26.72
N ARG D 466 -38.75 -24.13 -26.08
CA ARG D 466 -39.94 -23.63 -26.75
C ARG D 466 -39.58 -22.85 -28.01
N MET D 467 -38.62 -21.92 -27.91
CA MET D 467 -38.24 -21.09 -29.05
C MET D 467 -37.73 -21.96 -30.20
N CYS D 468 -36.84 -22.91 -29.90
CA CYS D 468 -36.33 -23.78 -30.95
C CYS D 468 -37.46 -24.55 -31.62
N ALA D 469 -38.37 -25.10 -30.82
CA ALA D 469 -39.53 -25.79 -31.37
C ALA D 469 -40.41 -24.85 -32.19
N LEU D 470 -40.63 -23.63 -31.69
CA LEU D 470 -41.36 -22.62 -32.46
C LEU D 470 -40.67 -22.37 -33.80
N TYR D 471 -39.35 -22.16 -33.76
CA TYR D 471 -38.59 -22.03 -35.00
C TYR D 471 -38.78 -23.26 -35.88
N ALA D 472 -38.67 -24.45 -35.28
CA ALA D 472 -38.80 -25.68 -36.05
C ALA D 472 -40.19 -25.78 -36.68
N SER D 473 -41.24 -25.57 -35.88
CA SER D 473 -42.62 -25.64 -36.39
C SER D 473 -42.82 -24.72 -37.58
N LEU D 474 -42.39 -23.47 -37.45
CA LEU D 474 -42.57 -22.48 -38.53
C LEU D 474 -41.89 -22.94 -39.81
N ALA D 475 -40.63 -23.35 -39.71
CA ALA D 475 -39.86 -23.73 -40.89
C ALA D 475 -40.44 -24.95 -41.58
N LEU D 476 -41.07 -25.86 -40.83
CA LEU D 476 -41.67 -27.04 -41.45
C LEU D 476 -42.96 -26.70 -42.16
N LEU D 477 -43.75 -25.79 -41.59
CA LEU D 477 -44.99 -25.38 -42.23
C LEU D 477 -44.73 -24.58 -43.50
N SER D 478 -43.77 -23.65 -43.44
CA SER D 478 -43.43 -22.87 -44.62
C SER D 478 -42.96 -23.74 -45.77
N GLY D 479 -42.25 -24.84 -45.46
CA GLY D 479 -41.78 -25.73 -46.51
C GLY D 479 -42.91 -26.40 -47.28
N LEU D 480 -43.97 -26.77 -46.57
CA LEU D 480 -45.09 -27.48 -47.20
C LEU D 480 -46.15 -26.56 -47.78
N SER D 481 -46.09 -25.26 -47.52
CA SER D 481 -47.07 -24.33 -48.08
C SER D 481 -46.55 -23.75 -49.39
#